data_3FQ3
#
_entry.id   3FQ3
#
_cell.length_a   157.830
_cell.length_b   157.830
_cell.length_c   106.310
_cell.angle_alpha   90.00
_cell.angle_beta   90.00
_cell.angle_gamma   90.00
#
_symmetry.space_group_name_H-M   'P 41'
#
loop_
_entity.id
_entity.type
_entity.pdbx_description
1 polymer 'Inorganic pyrophosphatase:Bacterial/Archaeal inorganic pyrophosphatase'
2 non-polymer 'PHOSPHATE ION'
3 water water
#
_entity_poly.entity_id   1
_entity_poly.type   'polypeptide(L)'
_entity_poly.pdbx_seq_one_letter_code
;MAHHHHHHMGTLEAQTQGPGSMNIDAISIGSNPPEDVNVIIEVPVGGQPIKYEMDKKAGALIVDRFLYTPMTYPGNYGFV
PHTLSEDGDPIDVLVCNTRPLIPGCVINVRPIGVLVMEDNSGKDEKIIAVPSPHLTRRYEKIHDYTDMPEITLKQIAHFF
EHYKDLEPGKWVKIGDWGDEDYARKFIVEAIERAKGK
;
_entity_poly.pdbx_strand_id   A,B,C,D,E,F,G,H,I,J,K,L
#
# COMPACT_ATOMS: atom_id res chain seq x y z
N MET A 22 -42.27 18.48 -22.49
CA MET A 22 -43.41 18.03 -21.62
C MET A 22 -44.82 18.49 -22.10
N ASN A 23 -45.74 17.52 -22.13
CA ASN A 23 -47.16 17.77 -22.44
C ASN A 23 -47.95 18.14 -21.19
N ILE A 24 -48.24 19.44 -21.07
CA ILE A 24 -48.95 20.02 -19.93
C ILE A 24 -50.34 19.41 -19.75
N ASP A 25 -51.00 19.06 -20.86
CA ASP A 25 -52.34 18.50 -20.76
C ASP A 25 -52.37 17.15 -20.06
N ALA A 26 -51.25 16.42 -20.07
CA ALA A 26 -51.14 15.15 -19.35
C ALA A 26 -50.95 15.30 -17.83
N ILE A 27 -50.71 16.52 -17.35
CA ILE A 27 -50.52 16.76 -15.92
C ILE A 27 -51.82 17.28 -15.31
N SER A 28 -52.35 16.57 -14.31
CA SER A 28 -53.61 17.01 -13.73
C SER A 28 -53.39 18.19 -12.77
N ILE A 29 -54.47 18.94 -12.50
CA ILE A 29 -54.46 20.00 -11.49
C ILE A 29 -54.05 19.39 -10.14
N GLY A 30 -54.46 18.15 -9.90
CA GLY A 30 -54.27 17.50 -8.61
C GLY A 30 -55.11 16.24 -8.57
N SER A 31 -54.94 15.46 -7.52
CA SER A 31 -55.83 14.30 -7.27
C SER A 31 -57.22 14.70 -6.78
N ASN A 32 -57.24 15.53 -5.74
CA ASN A 32 -58.46 16.07 -5.15
C ASN A 32 -58.34 17.56 -4.83
N PRO A 33 -58.16 18.37 -5.86
CA PRO A 33 -57.99 19.81 -5.62
C PRO A 33 -59.23 20.32 -4.91
N PRO A 34 -59.09 21.28 -3.99
CA PRO A 34 -57.88 22.02 -3.68
C PRO A 34 -57.07 21.47 -2.51
N GLU A 35 -57.29 20.22 -2.11
CA GLU A 35 -56.64 19.68 -0.93
C GLU A 35 -55.17 19.34 -1.29
N ASP A 36 -55.01 19.00 -2.56
CA ASP A 36 -53.70 18.96 -3.19
C ASP A 36 -53.70 19.57 -4.58
N VAL A 37 -52.56 20.10 -4.99
CA VAL A 37 -52.36 20.48 -6.37
C VAL A 37 -50.98 20.05 -6.82
N ASN A 38 -50.85 19.90 -8.13
CA ASN A 38 -49.56 19.66 -8.74
C ASN A 38 -48.94 20.98 -9.15
N VAL A 39 -47.67 21.16 -8.79
CA VAL A 39 -46.87 22.33 -9.14
C VAL A 39 -45.76 21.90 -10.11
N ILE A 40 -45.69 22.57 -11.24
CA ILE A 40 -44.58 22.43 -12.19
C ILE A 40 -43.56 23.45 -11.79
N ILE A 41 -42.38 22.98 -11.42
CA ILE A 41 -41.33 23.82 -10.84
C ILE A 41 -40.58 24.58 -11.92
N GLU A 42 -40.43 25.88 -11.71
CA GLU A 42 -39.67 26.76 -12.62
C GLU A 42 -38.29 27.10 -12.08
N VAL A 43 -38.20 27.42 -10.79
CA VAL A 43 -36.94 27.80 -10.15
C VAL A 43 -36.81 27.14 -8.76
N PRO A 44 -35.61 26.66 -8.43
CA PRO A 44 -35.38 25.99 -7.20
C PRO A 44 -35.12 26.94 -6.07
N VAL A 45 -35.33 26.47 -4.84
CA VAL A 45 -34.88 27.21 -3.66
C VAL A 45 -33.37 27.49 -3.76
N GLY A 46 -32.99 28.71 -3.43
CA GLY A 46 -31.61 29.17 -3.54
C GLY A 46 -31.19 29.66 -4.90
N GLY A 47 -32.10 29.61 -5.84
CA GLY A 47 -31.84 29.97 -7.21
C GLY A 47 -31.70 31.48 -7.36
N GLN A 48 -30.90 31.89 -8.32
CA GLN A 48 -30.80 33.31 -8.69
C GLN A 48 -32.13 33.91 -9.09
N PRO A 49 -32.28 35.21 -8.91
CA PRO A 49 -33.57 35.78 -9.27
C PRO A 49 -33.62 36.08 -10.80
N ILE A 50 -33.85 35.03 -11.54
CA ILE A 50 -34.02 35.08 -12.96
C ILE A 50 -35.34 34.43 -13.06
N LYS A 51 -36.34 35.17 -13.57
CA LYS A 51 -37.67 34.68 -13.75
C LYS A 51 -37.80 33.85 -15.03
N TYR A 52 -38.18 32.59 -14.83
CA TYR A 52 -38.44 31.67 -15.91
C TYR A 52 -39.92 31.45 -15.90
N GLU A 53 -40.46 31.30 -17.11
CA GLU A 53 -41.89 31.08 -17.32
C GLU A 53 -42.16 29.99 -18.37
N MET A 54 -42.87 28.93 -17.99
CA MET A 54 -43.18 27.83 -18.93
C MET A 54 -44.09 28.31 -20.06
N ASP A 55 -43.74 27.98 -21.31
CA ASP A 55 -44.63 28.07 -22.49
C ASP A 55 -45.42 26.75 -22.60
N LYS A 56 -46.75 26.87 -22.79
CA LYS A 56 -47.67 25.73 -22.59
C LYS A 56 -47.62 24.78 -23.74
N LYS A 57 -47.60 25.34 -24.95
CA LYS A 57 -47.50 24.59 -26.18
C LYS A 57 -46.17 23.87 -26.26
N ALA A 58 -45.07 24.62 -26.11
CA ALA A 58 -43.74 24.04 -26.31
C ALA A 58 -43.34 23.12 -25.16
N GLY A 59 -43.95 23.27 -23.99
CA GLY A 59 -43.49 22.55 -22.81
C GLY A 59 -42.08 22.95 -22.38
N ALA A 60 -41.71 24.21 -22.63
CA ALA A 60 -40.36 24.70 -22.34
C ALA A 60 -40.37 25.93 -21.42
N LEU A 61 -39.40 25.98 -20.51
CA LEU A 61 -39.22 27.15 -19.65
C LEU A 61 -38.59 28.26 -20.52
N ILE A 62 -39.21 29.43 -20.54
CA ILE A 62 -38.74 30.60 -21.30
C ILE A 62 -38.20 31.61 -20.26
N VAL A 63 -37.00 32.10 -20.48
CA VAL A 63 -36.49 33.19 -19.66
C VAL A 63 -37.40 34.39 -19.82
N ASP A 64 -37.90 34.94 -18.70
CA ASP A 64 -38.76 36.11 -18.75
C ASP A 64 -38.09 37.43 -18.33
N ARG A 65 -37.16 37.40 -17.38
CA ARG A 65 -36.57 38.62 -16.84
C ARG A 65 -35.44 38.28 -15.90
N PHE A 66 -34.28 38.93 -16.10
CA PHE A 66 -33.20 38.85 -15.19
C PHE A 66 -33.40 39.97 -14.16
N LEU A 67 -33.39 39.65 -12.87
CA LEU A 67 -33.37 40.67 -11.83
C LEU A 67 -31.99 40.76 -11.22
N TYR A 68 -31.69 41.91 -10.62
CA TYR A 68 -30.33 42.21 -10.22
C TYR A 68 -30.13 42.46 -8.72
N THR A 69 -31.16 42.24 -7.93
CA THR A 69 -30.99 42.27 -6.50
C THR A 69 -30.12 41.09 -6.04
N PRO A 70 -29.31 41.29 -4.99
CA PRO A 70 -28.49 40.16 -4.49
C PRO A 70 -29.30 39.25 -3.55
N MET A 71 -30.23 38.53 -4.17
CA MET A 71 -31.23 37.74 -3.45
C MET A 71 -31.33 36.37 -4.07
N THR A 72 -31.97 35.46 -3.35
CA THR A 72 -32.16 34.09 -3.79
C THR A 72 -33.58 33.61 -3.44
N TYR A 73 -34.16 32.78 -4.31
CA TYR A 73 -35.50 32.24 -4.03
C TYR A 73 -35.58 31.51 -2.72
N PRO A 74 -36.58 31.84 -1.91
CA PRO A 74 -36.72 31.30 -0.59
C PRO A 74 -37.45 29.92 -0.49
N GLY A 75 -37.86 29.41 -1.62
CA GLY A 75 -38.46 28.09 -1.75
C GLY A 75 -38.43 27.72 -3.21
N ASN A 76 -38.90 26.51 -3.53
CA ASN A 76 -39.04 26.03 -4.85
C ASN A 76 -40.30 26.68 -5.42
N TYR A 77 -40.20 27.24 -6.60
CA TYR A 77 -41.23 28.11 -7.15
C TYR A 77 -41.70 27.62 -8.51
N GLY A 78 -43.02 27.62 -8.71
CA GLY A 78 -43.66 27.15 -9.92
C GLY A 78 -45.10 27.54 -10.05
N PHE A 79 -45.82 26.81 -10.90
CA PHE A 79 -47.23 27.11 -11.13
C PHE A 79 -48.06 25.85 -11.22
N VAL A 80 -49.37 26.02 -11.04
CA VAL A 80 -50.33 24.93 -11.15
C VAL A 80 -50.94 24.96 -12.55
N PRO A 81 -50.79 23.88 -13.34
CA PRO A 81 -51.34 23.87 -14.69
C PRO A 81 -52.88 23.89 -14.70
N HIS A 82 -53.48 24.41 -15.79
CA HIS A 82 -54.94 24.39 -15.94
C HIS A 82 -55.69 25.26 -14.93
N THR A 83 -55.03 26.32 -14.48
CA THR A 83 -55.61 27.30 -13.61
C THR A 83 -55.38 28.66 -14.25
N LEU A 84 -56.19 29.65 -13.87
CA LEU A 84 -56.06 31.03 -14.39
C LEU A 84 -56.41 32.06 -13.30
N SER A 85 -55.49 33.01 -13.12
CA SER A 85 -55.68 34.14 -12.22
C SER A 85 -56.57 35.18 -12.91
N GLU A 86 -56.93 36.23 -12.17
CA GLU A 86 -57.70 37.34 -12.74
C GLU A 86 -56.92 38.01 -13.86
N ASP A 87 -55.59 37.89 -13.79
CA ASP A 87 -54.68 38.50 -14.76
C ASP A 87 -54.36 37.67 -15.98
N GLY A 88 -54.85 36.43 -16.04
CA GLY A 88 -54.60 35.59 -17.22
C GLY A 88 -53.39 34.67 -17.17
N ASP A 89 -52.81 34.47 -15.97
CA ASP A 89 -51.71 33.52 -15.79
C ASP A 89 -52.12 32.39 -14.86
N PRO A 90 -51.52 31.20 -15.05
CA PRO A 90 -51.66 30.12 -14.08
C PRO A 90 -51.29 30.61 -12.69
N ILE A 91 -51.88 30.04 -11.64
CA ILE A 91 -51.54 30.48 -10.34
C ILE A 91 -50.11 30.03 -9.97
N ASP A 92 -49.43 30.90 -9.23
CA ASP A 92 -48.08 30.66 -8.75
C ASP A 92 -48.05 30.05 -7.35
N VAL A 93 -47.08 29.16 -7.14
CA VAL A 93 -46.90 28.51 -5.83
C VAL A 93 -45.45 28.53 -5.38
N LEU A 94 -45.23 28.95 -4.14
CA LEU A 94 -43.96 28.79 -3.48
C LEU A 94 -44.07 27.58 -2.55
N VAL A 95 -43.26 26.58 -2.86
CA VAL A 95 -43.17 25.34 -2.10
C VAL A 95 -42.06 25.50 -1.06
N CYS A 96 -42.46 25.55 0.21
CA CYS A 96 -41.53 25.95 1.27
CA CYS A 96 -41.55 25.94 1.29
C CYS A 96 -40.83 24.78 1.96
N ASN A 97 -40.25 23.89 1.17
CA ASN A 97 -39.42 22.81 1.68
C ASN A 97 -37.97 23.30 1.59
N THR A 98 -37.01 22.48 1.96
CA THR A 98 -35.65 22.96 2.07
C THR A 98 -34.77 22.60 0.90
N ARG A 99 -34.97 21.45 0.27
CA ARG A 99 -34.11 21.03 -0.83
C ARG A 99 -34.50 21.50 -2.20
N PRO A 100 -33.51 21.91 -3.02
CA PRO A 100 -33.81 22.25 -4.38
C PRO A 100 -34.39 21.10 -5.19
N LEU A 101 -35.39 21.46 -5.99
CA LEU A 101 -36.03 20.55 -6.91
C LEU A 101 -35.58 20.86 -8.34
N ILE A 102 -35.72 19.86 -9.20
CA ILE A 102 -35.31 19.95 -10.61
C ILE A 102 -36.23 20.84 -11.39
N PRO A 103 -35.68 21.90 -12.05
CA PRO A 103 -36.62 22.70 -12.85
C PRO A 103 -37.34 21.88 -13.89
N GLY A 104 -38.63 22.10 -14.04
CA GLY A 104 -39.46 21.31 -14.89
C GLY A 104 -40.07 20.06 -14.31
N CYS A 105 -39.70 19.67 -13.08
CA CYS A 105 -40.37 18.52 -12.47
C CYS A 105 -41.76 18.93 -11.96
N VAL A 106 -42.56 17.95 -11.54
CA VAL A 106 -43.88 18.20 -11.01
C VAL A 106 -43.87 17.67 -9.58
N ILE A 107 -44.35 18.45 -8.62
CA ILE A 107 -44.42 17.98 -7.25
C ILE A 107 -45.86 18.17 -6.77
N ASN A 108 -46.41 17.17 -6.11
CA ASN A 108 -47.73 17.29 -5.50
C ASN A 108 -47.60 17.95 -4.11
N VAL A 109 -48.43 18.95 -3.84
CA VAL A 109 -48.35 19.78 -2.67
C VAL A 109 -49.71 20.07 -2.01
N ARG A 110 -49.60 20.47 -0.75
CA ARG A 110 -50.70 20.88 0.08
C ARG A 110 -50.63 22.37 0.23
N PRO A 111 -51.63 23.07 -0.28
CA PRO A 111 -51.67 24.52 -0.02
C PRO A 111 -51.95 24.87 1.45
N ILE A 112 -51.26 25.86 1.99
CA ILE A 112 -51.40 26.24 3.40
C ILE A 112 -51.70 27.75 3.66
N GLY A 113 -51.65 28.55 2.61
CA GLY A 113 -51.87 29.99 2.69
C GLY A 113 -51.57 30.73 1.43
N VAL A 114 -51.73 32.04 1.48
CA VAL A 114 -51.47 32.89 0.34
C VAL A 114 -50.72 34.13 0.82
N LEU A 115 -49.61 34.41 0.12
CA LEU A 115 -48.91 35.68 0.29
C LEU A 115 -49.65 36.66 -0.59
N VAL A 116 -50.20 37.71 0.01
CA VAL A 116 -51.02 38.67 -0.74
C VAL A 116 -50.26 40.01 -0.83
N MET A 117 -50.10 40.49 -2.06
CA MET A 117 -49.36 41.71 -2.30
C MET A 117 -50.09 42.62 -3.25
N GLU A 118 -49.62 43.87 -3.28
CA GLU A 118 -50.04 44.85 -4.28
C GLU A 118 -48.79 45.47 -4.95
N ASP A 119 -48.78 45.55 -6.28
CA ASP A 119 -47.70 46.22 -7.02
C ASP A 119 -48.24 47.16 -8.11
N ASN A 120 -47.33 47.65 -8.96
CA ASN A 120 -47.67 48.56 -10.05
C ASN A 120 -48.93 48.13 -10.78
N SER A 121 -49.07 46.85 -11.13
CA SER A 121 -50.25 46.45 -11.92
C SER A 121 -51.39 45.85 -11.10
N GLY A 122 -51.40 46.06 -9.80
CA GLY A 122 -52.52 45.65 -8.96
C GLY A 122 -52.17 44.52 -8.00
N LYS A 123 -53.06 43.53 -7.92
CA LYS A 123 -52.97 42.52 -6.86
C LYS A 123 -52.01 41.45 -7.34
N ASP A 124 -51.21 40.90 -6.44
CA ASP A 124 -50.35 39.81 -6.80
C ASP A 124 -50.35 38.84 -5.63
N GLU A 125 -50.77 37.62 -5.87
CA GLU A 125 -51.04 36.66 -4.81
C GLU A 125 -50.30 35.37 -5.12
N LYS A 126 -49.61 34.81 -4.13
CA LYS A 126 -48.83 33.58 -4.35
C LYS A 126 -49.15 32.53 -3.30
N ILE A 127 -49.51 31.37 -3.78
CA ILE A 127 -49.88 30.29 -2.87
C ILE A 127 -48.60 29.85 -2.15
N ILE A 128 -48.71 29.58 -0.87
CA ILE A 128 -47.66 28.88 -0.07
C ILE A 128 -48.12 27.43 0.15
N ALA A 129 -47.22 26.47 -0.12
CA ALA A 129 -47.57 25.06 -0.08
C ALA A 129 -46.41 24.25 0.49
N VAL A 130 -46.73 23.08 1.02
CA VAL A 130 -45.70 22.13 1.48
C VAL A 130 -45.88 20.83 0.68
N PRO A 131 -44.79 20.05 0.51
CA PRO A 131 -44.95 18.73 -0.12
C PRO A 131 -46.04 17.88 0.55
N SER A 132 -46.87 17.26 -0.27
CA SER A 132 -47.89 16.33 0.22
C SER A 132 -47.32 15.15 1.06
N PRO A 133 -48.14 14.65 2.01
CA PRO A 133 -47.63 13.69 2.99
C PRO A 133 -47.26 12.34 2.46
N HIS A 134 -47.69 11.99 1.25
CA HIS A 134 -47.25 10.73 0.63
C HIS A 134 -45.82 10.84 0.05
N LEU A 135 -45.26 12.05 -0.03
CA LEU A 135 -43.88 12.27 -0.49
C LEU A 135 -42.86 12.34 0.63
N THR A 136 -43.31 12.72 1.83
CA THR A 136 -42.47 12.89 3.00
C THR A 136 -43.38 13.11 4.20
N ARG A 137 -42.93 12.68 5.35
CA ARG A 137 -43.63 12.89 6.60
C ARG A 137 -43.26 14.23 7.20
N ARG A 138 -42.32 14.96 6.61
CA ARG A 138 -41.76 16.12 7.31
C ARG A 138 -42.81 17.19 7.58
N TYR A 139 -43.74 17.38 6.64
CA TYR A 139 -44.70 18.49 6.68
C TYR A 139 -46.11 17.92 6.97
N GLU A 140 -46.17 16.73 7.58
CA GLU A 140 -47.44 16.03 7.88
C GLU A 140 -48.44 16.91 8.63
N LYS A 141 -47.94 17.60 9.65
CA LYS A 141 -48.74 18.36 10.56
C LYS A 141 -48.77 19.85 10.26
N ILE A 142 -48.33 20.25 9.06
CA ILE A 142 -48.40 21.67 8.65
C ILE A 142 -49.65 21.83 7.81
N HIS A 143 -50.61 22.64 8.30
CA HIS A 143 -51.92 22.84 7.64
C HIS A 143 -52.21 24.26 7.26
N ASP A 144 -51.63 25.18 8.01
CA ASP A 144 -51.85 26.58 7.80
C ASP A 144 -50.47 27.23 7.76
N TYR A 145 -50.38 28.38 7.07
CA TYR A 145 -49.08 29.08 6.96
C TYR A 145 -48.54 29.41 8.34
N THR A 146 -49.44 29.61 9.30
CA THR A 146 -48.98 29.88 10.65
C THR A 146 -48.34 28.71 11.35
N ASP A 147 -48.46 27.51 10.80
CA ASP A 147 -47.77 26.36 11.33
C ASP A 147 -46.29 26.30 10.96
N MET A 148 -45.88 27.09 9.96
CA MET A 148 -44.48 27.14 9.54
C MET A 148 -43.69 28.03 10.53
N PRO A 149 -42.35 27.86 10.58
CA PRO A 149 -41.60 28.76 11.47
C PRO A 149 -41.79 30.23 11.03
N GLU A 150 -41.98 31.13 11.99
CA GLU A 150 -42.17 32.53 11.66
C GLU A 150 -41.10 33.06 10.66
N ILE A 151 -39.87 32.62 10.84
CA ILE A 151 -38.77 33.13 10.03
C ILE A 151 -38.87 32.72 8.58
N THR A 152 -39.40 31.51 8.31
CA THR A 152 -39.62 31.05 6.96
C THR A 152 -40.65 31.93 6.26
N LEU A 153 -41.71 32.31 6.98
CA LEU A 153 -42.71 33.15 6.44
C LEU A 153 -42.10 34.54 6.16
N LYS A 154 -41.27 35.02 7.08
CA LYS A 154 -40.67 36.34 6.88
C LYS A 154 -39.70 36.32 5.69
N GLN A 155 -39.02 35.20 5.48
CA GLN A 155 -38.07 35.06 4.36
C GLN A 155 -38.79 35.12 3.03
N ILE A 156 -39.94 34.46 3.01
CA ILE A 156 -40.75 34.44 1.82
C ILE A 156 -41.24 35.83 1.46
N ALA A 157 -41.81 36.51 2.44
CA ALA A 157 -42.31 37.89 2.25
C ALA A 157 -41.17 38.82 1.85
N HIS A 158 -40.04 38.68 2.54
CA HIS A 158 -38.89 39.58 2.28
C HIS A 158 -38.41 39.46 0.81
N PHE A 159 -38.30 38.23 0.32
CA PHE A 159 -37.95 38.02 -1.08
C PHE A 159 -38.90 38.73 -2.02
N PHE A 160 -40.20 38.44 -1.89
CA PHE A 160 -41.12 38.95 -2.87
C PHE A 160 -41.29 40.44 -2.72
N GLU A 161 -41.12 40.96 -1.50
CA GLU A 161 -41.18 42.39 -1.27
C GLU A 161 -40.02 43.14 -1.91
N HIS A 162 -38.84 42.53 -1.99
CA HIS A 162 -37.64 43.30 -2.32
C HIS A 162 -36.92 42.89 -3.59
N TYR A 163 -37.21 41.71 -4.15
CA TYR A 163 -36.35 41.25 -5.26
C TYR A 163 -36.50 42.13 -6.54
N LYS A 164 -37.60 42.85 -6.68
CA LYS A 164 -37.76 43.80 -7.79
C LYS A 164 -37.37 45.23 -7.41
N ASP A 165 -36.69 45.41 -6.29
CA ASP A 165 -36.34 46.76 -5.82
C ASP A 165 -35.47 47.56 -6.79
N LEU A 166 -34.69 46.89 -7.63
CA LEU A 166 -33.83 47.62 -8.59
C LEU A 166 -34.46 47.74 -10.00
N GLU A 167 -35.72 47.37 -10.16
CA GLU A 167 -36.41 47.56 -11.44
C GLU A 167 -36.98 48.96 -11.40
N PRO A 168 -36.61 49.80 -12.40
CA PRO A 168 -36.98 51.22 -12.32
C PRO A 168 -38.47 51.42 -12.20
N GLY A 169 -38.88 52.15 -11.17
CA GLY A 169 -40.27 52.47 -11.00
C GLY A 169 -41.20 51.39 -10.49
N LYS A 170 -40.73 50.16 -10.27
CA LYS A 170 -41.58 49.09 -9.67
C LYS A 170 -41.68 49.30 -8.19
N TRP A 171 -42.80 48.87 -7.61
CA TRP A 171 -42.98 48.91 -6.18
C TRP A 171 -43.86 47.72 -5.79
N VAL A 172 -43.66 47.24 -4.55
CA VAL A 172 -44.44 46.14 -3.97
C VAL A 172 -44.76 46.43 -2.50
N LYS A 173 -46.01 46.23 -2.10
CA LYS A 173 -46.41 46.28 -0.69
C LYS A 173 -46.98 44.90 -0.27
N ILE A 174 -46.48 44.33 0.81
CA ILE A 174 -47.02 43.06 1.33
C ILE A 174 -48.30 43.37 2.10
N GLY A 175 -49.37 42.66 1.82
CA GLY A 175 -50.63 42.80 2.55
C GLY A 175 -50.83 41.69 3.58
N ASP A 176 -52.04 41.58 4.12
CA ASP A 176 -52.32 40.53 5.10
C ASP A 176 -52.33 39.15 4.41
N TRP A 177 -51.71 38.17 5.04
CA TRP A 177 -51.63 36.81 4.51
C TRP A 177 -53.01 36.18 4.53
N GLY A 178 -53.28 35.38 3.51
CA GLY A 178 -54.47 34.57 3.49
C GLY A 178 -54.19 33.20 4.10
N ASP A 179 -55.18 32.69 4.83
CA ASP A 179 -55.00 31.43 5.51
C ASP A 179 -55.31 30.25 4.64
N GLU A 180 -55.26 29.06 5.20
CA GLU A 180 -55.46 27.84 4.41
C GLU A 180 -56.84 27.76 3.79
N ASP A 181 -57.83 28.39 4.40
CA ASP A 181 -59.17 28.38 3.80
C ASP A 181 -59.24 29.31 2.63
N TYR A 182 -58.61 30.48 2.78
CA TYR A 182 -58.52 31.41 1.69
C TYR A 182 -57.78 30.77 0.49
N ALA A 183 -56.72 30.00 0.77
CA ALA A 183 -55.93 29.31 -0.28
C ALA A 183 -56.79 28.34 -1.07
N ARG A 184 -57.62 27.59 -0.36
CA ARG A 184 -58.53 26.66 -1.05
C ARG A 184 -59.52 27.34 -1.95
N LYS A 185 -60.13 28.42 -1.45
CA LYS A 185 -61.09 29.17 -2.22
C LYS A 185 -60.41 29.80 -3.46
N PHE A 186 -59.22 30.34 -3.26
CA PHE A 186 -58.41 30.97 -4.35
C PHE A 186 -58.14 29.98 -5.48
N ILE A 187 -57.76 28.76 -5.10
CA ILE A 187 -57.50 27.71 -6.07
C ILE A 187 -58.75 27.30 -6.83
N VAL A 188 -59.86 27.10 -6.11
CA VAL A 188 -61.13 26.71 -6.74
C VAL A 188 -61.57 27.77 -7.76
N GLU A 189 -61.43 29.01 -7.39
CA GLU A 189 -61.75 30.12 -8.29
C GLU A 189 -60.88 30.14 -9.53
N ALA A 190 -59.60 29.83 -9.36
CA ALA A 190 -58.69 29.81 -10.48
C ALA A 190 -58.91 28.59 -11.41
N ILE A 191 -59.33 27.45 -10.84
CA ILE A 191 -59.75 26.30 -11.64
C ILE A 191 -60.99 26.66 -12.50
N GLU A 192 -61.99 27.28 -11.86
CA GLU A 192 -63.21 27.69 -12.59
C GLU A 192 -62.83 28.66 -13.72
N ARG A 193 -62.01 29.65 -13.37
CA ARG A 193 -61.65 30.70 -14.31
C ARG A 193 -61.00 30.08 -15.57
N ALA A 194 -60.23 29.01 -15.39
CA ALA A 194 -59.60 28.33 -16.49
C ALA A 194 -60.60 27.48 -17.30
N LYS A 195 -61.63 26.93 -16.67
CA LYS A 195 -62.58 25.98 -17.31
C LYS A 195 -63.66 26.78 -18.07
N MET B 22 -3.26 32.54 10.84
CA MET B 22 -2.31 33.51 10.19
C MET B 22 -1.80 34.57 11.18
N ASN B 23 -0.62 35.13 10.89
CA ASN B 23 0.03 36.19 11.71
C ASN B 23 -0.22 37.58 11.07
N ILE B 24 -1.25 38.27 11.59
CA ILE B 24 -1.70 39.57 11.06
C ILE B 24 -0.60 40.63 11.16
N ASP B 25 0.26 40.50 12.17
CA ASP B 25 1.38 41.45 12.29
C ASP B 25 2.31 41.47 11.08
N ALA B 26 2.42 40.36 10.36
CA ALA B 26 3.29 40.28 9.20
C ALA B 26 2.61 40.74 7.89
N ILE B 27 1.35 41.16 7.98
CA ILE B 27 0.60 41.70 6.84
C ILE B 27 0.57 43.21 6.95
N SER B 28 1.17 43.90 5.98
CA SER B 28 1.22 45.36 6.06
C SER B 28 -0.08 45.95 5.62
N ILE B 29 -0.31 47.17 6.05
CA ILE B 29 -1.49 47.92 5.65
C ILE B 29 -1.54 48.00 4.11
N GLY B 30 -0.37 48.08 3.49
CA GLY B 30 -0.22 48.25 2.06
C GLY B 30 1.13 48.81 1.67
N SER B 31 1.37 48.94 0.37
CA SER B 31 2.65 49.50 -0.09
C SER B 31 2.69 51.00 0.13
N ASN B 32 1.70 51.66 -0.44
CA ASN B 32 1.58 53.10 -0.26
C ASN B 32 0.17 53.53 0.07
N PRO B 33 -0.30 53.18 1.27
CA PRO B 33 -1.65 53.57 1.63
C PRO B 33 -1.75 55.08 1.69
N PRO B 34 -2.91 55.63 1.38
CA PRO B 34 -4.18 54.95 1.03
C PRO B 34 -4.40 54.64 -0.45
N GLU B 35 -3.36 54.74 -1.30
CA GLU B 35 -3.58 54.44 -2.73
C GLU B 35 -3.84 52.95 -2.95
N ASP B 36 -3.21 52.13 -2.09
CA ASP B 36 -3.49 50.70 -2.02
C ASP B 36 -3.56 50.28 -0.56
N VAL B 37 -4.44 49.33 -0.31
CA VAL B 37 -4.51 48.68 0.97
C VAL B 37 -4.67 47.19 0.79
N ASN B 38 -4.18 46.44 1.76
CA ASN B 38 -4.41 45.00 1.84
C ASN B 38 -5.66 44.65 2.62
N VAL B 39 -6.51 43.81 2.04
CA VAL B 39 -7.74 43.38 2.66
C VAL B 39 -7.64 41.89 2.98
N ILE B 40 -7.96 41.52 4.21
CA ILE B 40 -8.09 40.10 4.60
C ILE B 40 -9.52 39.72 4.41
N ILE B 41 -9.76 38.78 3.51
CA ILE B 41 -11.08 38.38 3.12
C ILE B 41 -11.73 37.51 4.19
N GLU B 42 -12.97 37.87 4.52
CA GLU B 42 -13.80 37.12 5.49
C GLU B 42 -14.90 36.30 4.79
N VAL B 43 -15.53 36.86 3.78
CA VAL B 43 -16.66 36.25 3.11
C VAL B 43 -16.58 36.54 1.62
N PRO B 44 -16.82 35.53 0.76
CA PRO B 44 -16.81 35.68 -0.67
C PRO B 44 -18.07 36.26 -1.23
N VAL B 45 -17.92 36.90 -2.38
CA VAL B 45 -19.03 37.27 -3.19
C VAL B 45 -19.87 36.02 -3.47
N GLY B 46 -21.18 36.19 -3.44
CA GLY B 46 -22.13 35.09 -3.56
C GLY B 46 -22.38 34.38 -2.24
N GLY B 47 -21.67 34.77 -1.18
CA GLY B 47 -21.73 34.06 0.07
C GLY B 47 -23.05 34.26 0.80
N GLN B 48 -23.41 33.28 1.58
CA GLN B 48 -24.56 33.38 2.49
C GLN B 48 -24.37 34.48 3.49
N PRO B 49 -25.45 35.10 3.99
CA PRO B 49 -25.22 36.18 4.93
C PRO B 49 -24.95 35.65 6.37
N ILE B 50 -23.78 35.13 6.55
CA ILE B 50 -23.37 34.61 7.82
C ILE B 50 -22.19 35.48 8.01
N LYS B 51 -22.19 36.30 9.05
CA LYS B 51 -21.10 37.19 9.34
C LYS B 51 -19.95 36.51 10.07
N TYR B 52 -18.77 36.62 9.48
CA TYR B 52 -17.56 36.10 10.12
C TYR B 52 -16.73 37.29 10.55
N GLU B 53 -16.10 37.19 11.70
CA GLU B 53 -15.16 38.24 12.20
C GLU B 53 -13.81 37.58 12.55
N MET B 54 -12.69 38.08 12.01
CA MET B 54 -11.39 37.53 12.39
C MET B 54 -10.97 37.98 13.77
N ASP B 55 -10.40 37.06 14.54
CA ASP B 55 -9.83 37.36 15.85
C ASP B 55 -8.34 37.61 15.63
N LYS B 56 -7.87 38.77 16.07
CA LYS B 56 -6.47 39.22 15.84
C LYS B 56 -5.43 38.23 16.36
N LYS B 57 -5.55 37.89 17.64
CA LYS B 57 -4.54 37.05 18.34
C LYS B 57 -4.48 35.61 17.82
N ALA B 58 -5.63 35.03 17.47
CA ALA B 58 -5.66 33.65 16.99
C ALA B 58 -5.49 33.59 15.48
N GLY B 59 -5.78 34.70 14.79
CA GLY B 59 -5.77 34.70 13.34
C GLY B 59 -6.77 33.70 12.73
N ALA B 60 -7.95 33.60 13.33
CA ALA B 60 -8.98 32.68 12.86
C ALA B 60 -10.29 33.44 12.68
N LEU B 61 -11.07 33.06 11.68
CA LEU B 61 -12.39 33.64 11.44
C LEU B 61 -13.33 33.06 12.51
N ILE B 62 -14.00 33.92 13.27
CA ILE B 62 -14.99 33.52 14.27
C ILE B 62 -16.36 33.79 13.63
N VAL B 63 -17.29 32.85 13.76
CA VAL B 63 -18.67 33.16 13.45
C VAL B 63 -19.23 34.19 14.42
N ASP B 64 -19.84 35.24 13.87
CA ASP B 64 -20.33 36.34 14.67
C ASP B 64 -21.88 36.42 14.69
N ARG B 65 -22.52 36.15 13.55
CA ARG B 65 -23.99 36.15 13.45
C ARG B 65 -24.49 35.45 12.20
N PHE B 66 -25.50 34.58 12.32
CA PHE B 66 -26.21 34.07 11.18
C PHE B 66 -27.35 35.02 10.90
N LEU B 67 -27.48 35.46 9.65
CA LEU B 67 -28.63 36.27 9.24
C LEU B 67 -29.53 35.40 8.39
N TYR B 68 -30.80 35.75 8.30
CA TYR B 68 -31.79 34.89 7.68
C TYR B 68 -32.51 35.51 6.48
N THR B 69 -32.12 36.70 6.02
CA THR B 69 -32.64 37.23 4.78
C THR B 69 -32.18 36.35 3.61
N PRO B 70 -33.02 36.22 2.56
CA PRO B 70 -32.65 35.41 1.38
C PRO B 70 -31.75 36.25 0.44
N MET B 71 -30.55 36.54 0.94
CA MET B 71 -29.60 37.45 0.27
C MET B 71 -28.21 36.81 0.18
N THR B 72 -27.37 37.42 -0.66
CA THR B 72 -26.01 36.97 -0.91
C THR B 72 -25.09 38.20 -0.96
N TYR B 73 -23.88 38.04 -0.46
CA TYR B 73 -22.92 39.17 -0.45
C TYR B 73 -22.64 39.59 -1.89
N PRO B 74 -22.63 40.90 -2.13
CA PRO B 74 -22.55 41.45 -3.45
C PRO B 74 -21.08 41.71 -3.91
N GLY B 75 -20.12 41.37 -3.06
CA GLY B 75 -18.71 41.52 -3.35
C GLY B 75 -17.95 40.70 -2.33
N ASN B 76 -16.63 40.60 -2.48
CA ASN B 76 -15.80 39.91 -1.52
C ASN B 76 -15.62 40.86 -0.37
N TYR B 77 -15.70 40.37 0.84
CA TYR B 77 -15.82 41.27 1.96
C TYR B 77 -14.78 40.96 3.00
N GLY B 78 -14.12 41.99 3.54
CA GLY B 78 -13.09 41.82 4.54
C GLY B 78 -12.69 43.07 5.25
N PHE B 79 -11.48 43.07 5.81
CA PHE B 79 -11.01 44.20 6.60
C PHE B 79 -9.56 44.51 6.33
N VAL B 80 -9.14 45.76 6.66
CA VAL B 80 -7.75 46.18 6.52
C VAL B 80 -7.10 46.08 7.92
N PRO B 81 -6.02 45.32 8.01
CA PRO B 81 -5.39 45.13 9.31
C PRO B 81 -4.66 46.38 9.74
N HIS B 82 -4.46 46.54 11.05
CA HIS B 82 -3.76 47.68 11.61
C HIS B 82 -4.45 49.00 11.36
N THR B 83 -5.78 48.96 11.31
CA THR B 83 -6.61 50.14 11.22
C THR B 83 -7.62 50.05 12.35
N LEU B 84 -8.18 51.20 12.70
CA LEU B 84 -9.16 51.29 13.76
C LEU B 84 -10.19 52.36 13.44
N SER B 85 -11.47 51.96 13.48
CA SER B 85 -12.59 52.88 13.34
C SER B 85 -12.86 53.55 14.67
N GLU B 86 -13.71 54.55 14.65
CA GLU B 86 -14.16 55.21 15.87
C GLU B 86 -14.83 54.23 16.85
N ASP B 87 -15.47 53.18 16.33
CA ASP B 87 -16.14 52.18 17.16
C ASP B 87 -15.20 51.07 17.63
N GLY B 88 -13.92 51.15 17.26
CA GLY B 88 -12.92 50.20 17.77
C GLY B 88 -12.65 48.93 16.98
N ASP B 89 -13.09 48.88 15.71
CA ASP B 89 -12.83 47.72 14.85
C ASP B 89 -11.95 48.14 13.67
N PRO B 90 -11.28 47.16 13.03
CA PRO B 90 -10.62 47.46 11.76
C PRO B 90 -11.63 47.91 10.76
N ILE B 91 -11.21 48.70 9.79
CA ILE B 91 -12.16 49.16 8.81
C ILE B 91 -12.55 48.04 7.84
N ASP B 92 -13.81 48.06 7.41
CA ASP B 92 -14.34 47.05 6.48
C ASP B 92 -14.26 47.53 5.04
N VAL B 93 -14.01 46.56 4.15
CA VAL B 93 -13.92 46.79 2.71
C VAL B 93 -14.74 45.78 1.93
N LEU B 94 -15.51 46.26 0.96
CA LEU B 94 -16.18 45.41 0.00
C LEU B 94 -15.42 45.51 -1.31
N VAL B 95 -14.82 44.40 -1.73
CA VAL B 95 -14.05 44.35 -2.93
C VAL B 95 -15.01 43.98 -4.05
N CYS B 96 -15.24 44.90 -4.99
CA CYS B 96 -16.31 44.74 -5.94
CA CYS B 96 -16.30 44.75 -5.97
C CYS B 96 -15.88 44.09 -7.28
N ASN B 97 -15.18 42.97 -7.18
CA ASN B 97 -14.81 42.20 -8.36
C ASN B 97 -15.86 41.07 -8.51
N THR B 98 -15.72 40.23 -9.53
CA THR B 98 -16.79 39.26 -9.85
C THR B 98 -16.54 37.89 -9.26
N ARG B 99 -15.27 37.48 -9.13
CA ARG B 99 -15.02 36.13 -8.67
C ARG B 99 -14.80 35.96 -7.18
N PRO B 100 -15.36 34.86 -6.60
CA PRO B 100 -15.12 34.58 -5.22
C PRO B 100 -13.69 34.39 -4.90
N LEU B 101 -13.30 34.94 -3.77
CA LEU B 101 -11.99 34.73 -3.21
C LEU B 101 -12.05 33.85 -1.98
N ILE B 102 -10.91 33.30 -1.65
CA ILE B 102 -10.76 32.32 -0.58
C ILE B 102 -10.79 33.07 0.73
N PRO B 103 -11.70 32.71 1.64
CA PRO B 103 -11.70 33.35 2.95
C PRO B 103 -10.36 33.19 3.66
N GLY B 104 -9.90 34.27 4.28
CA GLY B 104 -8.59 34.31 4.90
C GLY B 104 -7.47 34.69 3.97
N CYS B 105 -7.71 34.77 2.68
CA CYS B 105 -6.65 35.28 1.80
C CYS B 105 -6.45 36.78 1.98
N VAL B 106 -5.37 37.31 1.42
CA VAL B 106 -5.10 38.72 1.43
C VAL B 106 -5.05 39.23 -0.03
N ILE B 107 -5.75 40.33 -0.30
CA ILE B 107 -5.75 40.94 -1.65
C ILE B 107 -5.48 42.46 -1.53
N ASN B 108 -4.60 42.95 -2.39
CA ASN B 108 -4.26 44.36 -2.51
C ASN B 108 -5.24 45.03 -3.42
N VAL B 109 -5.81 46.14 -2.96
CA VAL B 109 -6.88 46.82 -3.63
C VAL B 109 -6.70 48.34 -3.67
N ARG B 110 -7.42 48.98 -4.59
CA ARG B 110 -7.53 50.41 -4.66
C ARG B 110 -8.87 50.83 -4.09
N PRO B 111 -8.87 51.61 -3.04
CA PRO B 111 -10.15 52.22 -2.61
C PRO B 111 -10.67 53.25 -3.58
N ILE B 112 -11.99 53.24 -3.79
CA ILE B 112 -12.68 54.12 -4.75
C ILE B 112 -13.85 54.88 -4.20
N GLY B 113 -14.25 54.56 -2.99
CA GLY B 113 -15.42 55.20 -2.40
C GLY B 113 -15.82 54.57 -1.10
N VAL B 114 -16.89 55.09 -0.55
CA VAL B 114 -17.40 54.67 0.72
C VAL B 114 -18.95 54.66 0.68
N LEU B 115 -19.50 53.49 1.05
CA LEU B 115 -20.92 53.34 1.34
C LEU B 115 -21.15 53.83 2.77
N VAL B 116 -21.96 54.85 2.91
CA VAL B 116 -22.15 55.53 4.19
C VAL B 116 -23.59 55.31 4.65
N MET B 117 -23.69 54.76 5.84
CA MET B 117 -24.96 54.37 6.41
C MET B 117 -25.08 54.85 7.85
N GLU B 118 -26.32 54.87 8.32
CA GLU B 118 -26.64 55.07 9.74
C GLU B 118 -27.44 53.85 10.17
N ASP B 119 -27.17 53.32 11.36
CA ASP B 119 -28.01 52.27 11.95
C ASP B 119 -28.21 52.46 13.46
N ASN B 120 -28.78 51.45 14.13
CA ASN B 120 -29.05 51.55 15.58
C ASN B 120 -27.86 52.07 16.42
N SER B 121 -26.64 51.70 16.06
CA SER B 121 -25.47 52.08 16.83
C SER B 121 -24.67 53.24 16.21
N GLY B 122 -25.25 53.92 15.22
CA GLY B 122 -24.70 55.19 14.72
C GLY B 122 -24.18 55.04 13.29
N LYS B 123 -23.06 55.67 12.99
CA LYS B 123 -22.46 55.64 11.66
C LYS B 123 -21.91 54.26 11.33
N ASP B 124 -22.11 53.84 10.09
CA ASP B 124 -21.53 52.58 9.65
C ASP B 124 -21.08 52.80 8.21
N GLU B 125 -19.81 52.60 7.93
CA GLU B 125 -19.23 52.98 6.63
C GLU B 125 -18.45 51.79 6.08
N LYS B 126 -18.68 51.46 4.82
CA LYS B 126 -17.95 50.37 4.19
C LYS B 126 -17.16 50.96 3.04
N ILE B 127 -15.85 50.75 3.04
CA ILE B 127 -15.05 51.15 1.87
C ILE B 127 -15.37 50.26 0.66
N ILE B 128 -15.50 50.87 -0.51
CA ILE B 128 -15.58 50.17 -1.79
C ILE B 128 -14.24 50.17 -2.48
N ALA B 129 -13.74 49.02 -2.93
CA ALA B 129 -12.43 48.95 -3.57
C ALA B 129 -12.43 47.92 -4.70
N VAL B 130 -11.49 48.08 -5.63
CA VAL B 130 -11.27 47.15 -6.71
C VAL B 130 -9.84 46.58 -6.58
N PRO B 131 -9.66 45.35 -7.09
CA PRO B 131 -8.30 44.80 -7.20
C PRO B 131 -7.27 45.77 -7.83
N SER B 132 -6.10 45.86 -7.21
CA SER B 132 -5.04 46.72 -7.70
C SER B 132 -4.60 46.29 -9.11
N PRO B 133 -4.04 47.24 -9.88
CA PRO B 133 -3.76 47.02 -11.30
C PRO B 133 -2.69 45.94 -11.60
N HIS B 134 -1.86 45.62 -10.63
CA HIS B 134 -0.88 44.52 -10.84
C HIS B 134 -1.46 43.12 -10.67
N LEU B 135 -2.72 43.02 -10.25
CA LEU B 135 -3.40 41.70 -10.07
C LEU B 135 -4.25 41.37 -11.27
N THR B 136 -4.70 42.40 -11.97
CA THR B 136 -5.53 42.26 -13.16
C THR B 136 -5.61 43.63 -13.82
N ARG B 137 -5.70 43.66 -15.14
CA ARG B 137 -5.95 44.88 -15.90
C ARG B 137 -7.42 45.32 -15.81
N ARG B 138 -8.31 44.50 -15.26
CA ARG B 138 -9.74 44.74 -15.45
C ARG B 138 -10.21 46.06 -14.82
N TYR B 139 -9.64 46.42 -13.68
CA TYR B 139 -10.08 47.59 -12.94
C TYR B 139 -9.06 48.73 -13.00
N GLU B 140 -8.16 48.66 -13.98
CA GLU B 140 -7.03 49.60 -14.08
C GLU B 140 -7.53 51.03 -14.10
N LYS B 141 -8.65 51.29 -14.78
CA LYS B 141 -9.13 52.66 -15.00
C LYS B 141 -10.27 53.05 -14.06
N ILE B 142 -10.49 52.25 -13.00
CA ILE B 142 -11.56 52.54 -12.05
C ILE B 142 -10.96 53.32 -10.90
N HIS B 143 -11.35 54.59 -10.74
CA HIS B 143 -10.78 55.43 -9.67
C HIS B 143 -11.77 55.91 -8.62
N ASP B 144 -13.01 56.04 -9.04
CA ASP B 144 -14.09 56.48 -8.18
C ASP B 144 -15.23 55.49 -8.24
N TYR B 145 -16.07 55.50 -7.22
CA TYR B 145 -17.19 54.56 -7.18
C TYR B 145 -18.12 54.78 -8.35
N THR B 146 -18.25 56.03 -8.80
CA THR B 146 -19.05 56.36 -9.98
C THR B 146 -18.49 55.78 -11.31
N ASP B 147 -17.27 55.29 -11.31
CA ASP B 147 -16.70 54.60 -12.47
C ASP B 147 -17.25 53.17 -12.62
N MET B 148 -17.79 52.61 -11.52
CA MET B 148 -18.41 51.28 -11.56
C MET B 148 -19.80 51.34 -12.20
N PRO B 149 -20.28 50.21 -12.72
CA PRO B 149 -21.60 50.28 -13.29
C PRO B 149 -22.62 50.60 -12.18
N GLU B 150 -23.57 51.45 -12.52
CA GLU B 150 -24.58 51.88 -11.57
C GLU B 150 -25.29 50.71 -10.87
N ILE B 151 -25.63 49.68 -11.63
CA ILE B 151 -26.26 48.49 -11.03
C ILE B 151 -25.41 47.84 -9.92
N THR B 152 -24.10 47.78 -10.10
CA THR B 152 -23.24 47.20 -9.09
C THR B 152 -23.34 47.98 -7.82
N LEU B 153 -23.32 49.32 -7.93
CA LEU B 153 -23.49 50.19 -6.75
C LEU B 153 -24.85 49.97 -6.04
N LYS B 154 -25.89 49.82 -6.84
CA LYS B 154 -27.22 49.66 -6.29
C LYS B 154 -27.31 48.28 -5.61
N GLN B 155 -26.63 47.27 -6.17
CA GLN B 155 -26.62 45.93 -5.53
C GLN B 155 -25.92 45.95 -4.17
N ILE B 156 -24.80 46.66 -4.12
CA ILE B 156 -24.05 46.80 -2.89
C ILE B 156 -24.89 47.52 -1.82
N ALA B 157 -25.50 48.64 -2.16
CA ALA B 157 -26.39 49.40 -1.23
C ALA B 157 -27.57 48.55 -0.76
N HIS B 158 -28.14 47.81 -1.70
CA HIS B 158 -29.34 47.01 -1.44
C HIS B 158 -29.06 45.94 -0.43
N PHE B 159 -27.94 45.27 -0.61
CA PHE B 159 -27.54 44.24 0.34
C PHE B 159 -27.39 44.81 1.75
N PHE B 160 -26.59 45.86 1.88
CA PHE B 160 -26.32 46.36 3.24
C PHE B 160 -27.51 47.05 3.85
N GLU B 161 -28.39 47.60 3.02
CA GLU B 161 -29.62 48.19 3.47
C GLU B 161 -30.60 47.15 3.99
N HIS B 162 -30.61 45.94 3.41
CA HIS B 162 -31.68 44.98 3.70
C HIS B 162 -31.29 43.71 4.38
N TYR B 163 -30.02 43.33 4.39
CA TYR B 163 -29.69 41.98 4.88
C TYR B 163 -30.00 41.76 6.36
N LYS B 164 -30.07 42.84 7.14
CA LYS B 164 -30.43 42.75 8.57
C LYS B 164 -31.95 42.99 8.83
N ASP B 165 -32.74 42.99 7.77
CA ASP B 165 -34.18 43.33 7.92
C ASP B 165 -34.92 42.37 8.83
N LEU B 166 -34.47 41.12 8.94
CA LEU B 166 -35.17 40.16 9.81
C LEU B 166 -34.59 40.10 11.24
N GLU B 167 -33.64 40.96 11.55
CA GLU B 167 -33.14 41.03 12.89
C GLU B 167 -34.05 41.95 13.66
N PRO B 168 -34.58 41.46 14.81
CA PRO B 168 -35.57 42.25 15.54
C PRO B 168 -35.05 43.62 15.96
N GLY B 169 -35.72 44.66 15.52
CA GLY B 169 -35.44 46.01 15.95
C GLY B 169 -34.31 46.72 15.18
N LYS B 170 -33.67 46.05 14.23
CA LYS B 170 -32.51 46.63 13.56
C LYS B 170 -32.97 47.46 12.39
N TRP B 171 -32.34 48.61 12.18
CA TRP B 171 -32.72 49.47 11.07
C TRP B 171 -31.44 50.02 10.46
N VAL B 172 -31.51 50.37 9.17
CA VAL B 172 -30.37 50.90 8.41
C VAL B 172 -30.88 51.95 7.41
N LYS B 173 -30.26 53.12 7.40
CA LYS B 173 -30.51 54.14 6.39
C LYS B 173 -29.21 54.40 5.59
N ILE B 174 -29.33 54.39 4.27
CA ILE B 174 -28.24 54.60 3.34
C ILE B 174 -28.14 56.09 3.14
N GLY B 175 -26.95 56.63 3.38
CA GLY B 175 -26.72 58.05 3.24
C GLY B 175 -25.98 58.30 1.95
N ASP B 176 -25.41 59.48 1.83
CA ASP B 176 -24.73 59.87 0.60
C ASP B 176 -23.38 59.14 0.50
N TRP B 177 -23.09 58.58 -0.67
CA TRP B 177 -21.82 57.88 -0.87
C TRP B 177 -20.63 58.82 -0.73
N GLY B 178 -19.53 58.36 -0.19
CA GLY B 178 -18.28 59.09 -0.22
C GLY B 178 -17.52 58.79 -1.50
N ASP B 179 -16.88 59.80 -2.07
CA ASP B 179 -16.07 59.56 -3.26
C ASP B 179 -14.67 59.06 -2.92
N GLU B 180 -13.84 58.90 -3.95
CA GLU B 180 -12.50 58.40 -3.76
C GLU B 180 -11.67 59.25 -2.80
N ASP B 181 -11.87 60.56 -2.78
CA ASP B 181 -11.08 61.36 -1.83
C ASP B 181 -11.57 61.17 -0.40
N TYR B 182 -12.86 60.97 -0.23
CA TYR B 182 -13.38 60.65 1.09
C TYR B 182 -12.85 59.31 1.63
N ALA B 183 -12.79 58.32 0.76
CA ALA B 183 -12.30 57.01 1.13
C ALA B 183 -10.87 57.09 1.61
N ARG B 184 -10.05 57.83 0.87
CA ARG B 184 -8.66 57.97 1.27
C ARG B 184 -8.49 58.63 2.62
N LYS B 185 -9.27 59.67 2.85
CA LYS B 185 -9.18 60.39 4.10
C LYS B 185 -9.63 59.45 5.23
N PHE B 186 -10.70 58.71 4.97
CA PHE B 186 -11.24 57.76 5.95
C PHE B 186 -10.18 56.74 6.37
N ILE B 187 -9.46 56.23 5.39
CA ILE B 187 -8.41 55.25 5.63
C ILE B 187 -7.26 55.84 6.42
N VAL B 188 -6.87 57.06 6.04
CA VAL B 188 -5.71 57.72 6.69
C VAL B 188 -6.02 57.92 8.16
N GLU B 189 -7.24 58.39 8.40
CA GLU B 189 -7.75 58.57 9.77
C GLU B 189 -7.75 57.28 10.59
N ALA B 190 -8.14 56.16 9.97
CA ALA B 190 -8.15 54.89 10.68
C ALA B 190 -6.73 54.36 10.89
N ILE B 191 -5.84 54.58 9.94
CA ILE B 191 -4.44 54.18 10.15
C ILE B 191 -3.84 54.91 11.39
N GLU B 192 -4.09 56.21 11.46
CA GLU B 192 -3.59 57.06 12.54
C GLU B 192 -4.22 56.69 13.88
N ARG B 193 -5.54 56.49 13.88
CA ARG B 193 -6.27 56.05 15.06
C ARG B 193 -5.69 54.75 15.67
N ALA B 194 -5.27 53.81 14.83
CA ALA B 194 -4.69 52.57 15.30
C ALA B 194 -3.28 52.75 15.94
N LYS B 195 -2.58 53.83 15.66
CA LYS B 195 -1.28 54.08 16.32
C LYS B 195 -1.43 54.52 17.80
N ASN C 23 -41.17 13.47 -26.18
CA ASN C 23 -41.84 12.23 -26.64
C ASN C 23 -40.93 10.99 -26.52
N ILE C 24 -41.07 10.26 -25.39
CA ILE C 24 -40.27 9.06 -25.09
C ILE C 24 -40.46 7.94 -26.12
N ASP C 25 -41.63 7.90 -26.75
CA ASP C 25 -41.89 6.96 -27.83
C ASP C 25 -40.91 7.09 -29.00
N ALA C 26 -40.31 8.27 -29.22
CA ALA C 26 -39.30 8.44 -30.30
C ALA C 26 -37.87 8.02 -29.91
N ILE C 27 -37.60 7.71 -28.66
CA ILE C 27 -36.23 7.32 -28.27
C ILE C 27 -36.07 5.80 -28.47
N SER C 28 -35.08 5.37 -29.26
CA SER C 28 -34.88 3.92 -29.44
C SER C 28 -34.31 3.28 -28.20
N ILE C 29 -34.53 1.97 -28.07
CA ILE C 29 -33.89 1.19 -26.99
C ILE C 29 -32.36 1.28 -27.11
N GLY C 30 -31.88 1.34 -28.33
CA GLY C 30 -30.44 1.35 -28.60
C GLY C 30 -30.18 1.10 -30.07
N SER C 31 -28.93 1.19 -30.46
CA SER C 31 -28.53 0.88 -31.83
C SER C 31 -28.49 -0.61 -32.08
N ASN C 32 -27.78 -1.32 -31.20
CA ASN C 32 -27.62 -2.77 -31.28
C ASN C 32 -27.81 -3.36 -29.90
N PRO C 33 -29.01 -3.21 -29.33
CA PRO C 33 -29.23 -3.73 -27.98
C PRO C 33 -29.04 -5.25 -27.95
N PRO C 34 -28.50 -5.80 -26.86
CA PRO C 34 -28.12 -5.21 -25.60
C PRO C 34 -26.63 -4.77 -25.49
N GLU C 35 -25.92 -4.66 -26.61
CA GLU C 35 -24.53 -4.21 -26.61
C GLU C 35 -24.48 -2.73 -26.16
N ASP C 36 -25.52 -2.01 -26.54
CA ASP C 36 -25.74 -0.63 -26.10
C ASP C 36 -27.20 -0.39 -25.86
N VAL C 37 -27.50 0.42 -24.85
CA VAL C 37 -28.86 0.86 -24.62
C VAL C 37 -28.85 2.38 -24.35
N ASN C 38 -29.96 3.01 -24.67
CA ASN C 38 -30.20 4.42 -24.34
C ASN C 38 -30.86 4.57 -22.96
N VAL C 39 -30.31 5.47 -22.15
CA VAL C 39 -30.73 5.74 -20.79
C VAL C 39 -31.26 7.19 -20.77
N ILE C 40 -32.51 7.33 -20.36
CA ILE C 40 -33.12 8.64 -20.14
C ILE C 40 -32.80 8.97 -18.67
N ILE C 41 -32.06 10.03 -18.42
CA ILE C 41 -31.59 10.33 -17.09
C ILE C 41 -32.65 10.99 -16.23
N GLU C 42 -32.75 10.56 -14.99
CA GLU C 42 -33.73 11.10 -13.99
C GLU C 42 -32.99 11.92 -12.93
N VAL C 43 -31.88 11.41 -12.41
CA VAL C 43 -31.13 12.05 -11.35
C VAL C 43 -29.63 11.99 -11.63
N PRO C 44 -28.90 13.10 -11.38
CA PRO C 44 -27.48 13.18 -11.54
C PRO C 44 -26.66 12.60 -10.43
N VAL C 45 -25.43 12.22 -10.77
CA VAL C 45 -24.45 11.80 -9.78
C VAL C 45 -24.29 12.96 -8.81
N GLY C 46 -24.21 12.63 -7.53
CA GLY C 46 -24.13 13.64 -6.48
C GLY C 46 -25.46 14.24 -6.07
N GLY C 47 -26.53 13.84 -6.74
CA GLY C 47 -27.85 14.31 -6.42
C GLY C 47 -28.35 13.89 -5.04
N GLN C 48 -29.23 14.72 -4.47
CA GLN C 48 -29.88 14.39 -3.22
C GLN C 48 -30.71 13.14 -3.36
N PRO C 49 -30.92 12.42 -2.26
CA PRO C 49 -31.78 11.25 -2.31
C PRO C 49 -33.27 11.65 -2.34
N ILE C 50 -33.63 12.21 -3.46
CA ILE C 50 -35.00 12.61 -3.73
C ILE C 50 -35.29 11.75 -4.92
N LYS C 51 -36.25 10.82 -4.81
CA LYS C 51 -36.59 9.96 -5.94
C LYS C 51 -37.55 10.63 -6.91
N TYR C 52 -37.18 10.64 -8.18
CA TYR C 52 -38.07 11.17 -9.23
C TYR C 52 -38.45 10.03 -10.17
N GLU C 53 -39.69 10.02 -10.65
CA GLU C 53 -40.14 9.04 -11.65
C GLU C 53 -40.69 9.78 -12.87
N MET C 54 -40.14 9.49 -14.05
CA MET C 54 -40.68 10.00 -15.31
C MET C 54 -42.09 9.51 -15.54
N ASP C 55 -42.96 10.43 -15.96
CA ASP C 55 -44.36 10.13 -16.36
C ASP C 55 -44.33 10.11 -17.90
N LYS C 56 -44.56 8.93 -18.47
CA LYS C 56 -44.58 8.70 -19.95
C LYS C 56 -45.43 9.71 -20.72
N LYS C 57 -46.71 9.81 -20.37
CA LYS C 57 -47.63 10.65 -21.14
C LYS C 57 -47.25 12.11 -21.05
N ALA C 58 -46.88 12.57 -19.85
CA ALA C 58 -46.54 13.97 -19.66
C ALA C 58 -45.13 14.27 -20.17
N GLY C 59 -44.30 13.25 -20.28
CA GLY C 59 -42.89 13.47 -20.48
C GLY C 59 -42.27 14.37 -19.42
N ALA C 60 -42.66 14.17 -18.16
CA ALA C 60 -42.18 15.04 -17.07
C ALA C 60 -41.73 14.19 -15.91
N LEU C 61 -40.72 14.66 -15.18
CA LEU C 61 -40.25 13.95 -14.01
C LEU C 61 -41.16 14.32 -12.83
N ILE C 62 -41.66 13.32 -12.11
CA ILE C 62 -42.58 13.53 -11.00
C ILE C 62 -41.84 13.18 -9.73
N VAL C 63 -41.86 14.09 -8.77
CA VAL C 63 -41.32 13.78 -7.46
C VAL C 63 -42.12 12.63 -6.85
N ASP C 64 -41.40 11.58 -6.42
CA ASP C 64 -42.01 10.39 -5.87
C ASP C 64 -41.78 10.26 -4.37
N ARG C 65 -40.60 10.62 -3.91
CA ARG C 65 -40.30 10.56 -2.49
C ARG C 65 -39.05 11.28 -2.09
N PHE C 66 -39.12 12.02 -0.99
CA PHE C 66 -37.97 12.62 -0.38
C PHE C 66 -37.42 11.61 0.64
N LEU C 67 -36.13 11.30 0.52
CA LEU C 67 -35.47 10.50 1.57
C LEU C 67 -34.57 11.39 2.41
N TYR C 68 -34.31 10.92 3.63
CA TYR C 68 -33.59 11.69 4.65
C TYR C 68 -32.26 11.14 5.11
N THR C 69 -31.81 10.03 4.50
CA THR C 69 -30.44 9.60 4.77
C THR C 69 -29.44 10.64 4.25
N PRO C 70 -28.28 10.80 4.94
CA PRO C 70 -27.26 11.77 4.50
C PRO C 70 -26.37 11.17 3.41
N MET C 71 -26.97 10.93 2.25
CA MET C 71 -26.36 10.18 1.11
C MET C 71 -26.54 10.93 -0.18
N THR C 72 -25.75 10.60 -1.20
CA THR C 72 -25.86 11.23 -2.50
C THR C 72 -25.78 10.12 -3.55
N TYR C 73 -26.49 10.28 -4.66
CA TYR C 73 -26.47 9.26 -5.74
C TYR C 73 -25.04 9.06 -6.25
N PRO C 74 -24.66 7.79 -6.41
CA PRO C 74 -23.27 7.47 -6.69
C PRO C 74 -22.93 7.41 -8.17
N GLY C 75 -23.90 7.66 -9.04
CA GLY C 75 -23.67 7.80 -10.46
C GLY C 75 -24.91 8.44 -11.04
N ASN C 76 -24.96 8.67 -12.35
CA ASN C 76 -26.17 9.21 -12.99
C ASN C 76 -27.22 8.12 -13.15
N TYR C 77 -28.48 8.40 -12.86
CA TYR C 77 -29.48 7.37 -12.76
C TYR C 77 -30.70 7.62 -13.65
N GLY C 78 -31.12 6.58 -14.35
CA GLY C 78 -32.21 6.68 -15.31
C GLY C 78 -32.78 5.34 -15.67
N PHE C 79 -33.53 5.32 -16.78
CA PHE C 79 -34.16 4.11 -17.24
C PHE C 79 -34.01 3.96 -18.73
N VAL C 80 -34.26 2.75 -19.20
CA VAL C 80 -34.25 2.46 -20.62
C VAL C 80 -35.71 2.41 -21.11
N PRO C 81 -36.05 3.24 -22.12
CA PRO C 81 -37.40 3.23 -22.67
C PRO C 81 -37.75 1.92 -23.38
N HIS C 82 -39.06 1.58 -23.41
CA HIS C 82 -39.55 0.37 -24.11
C HIS C 82 -39.01 -0.95 -23.51
N THR C 83 -38.83 -0.96 -22.20
CA THR C 83 -38.50 -2.14 -21.49
C THR C 83 -39.49 -2.31 -20.36
N LEU C 84 -39.63 -3.52 -19.86
CA LEU C 84 -40.56 -3.76 -18.77
C LEU C 84 -39.97 -4.82 -17.89
N SER C 85 -39.86 -4.49 -16.61
CA SER C 85 -39.43 -5.40 -15.58
C SER C 85 -40.63 -6.24 -15.21
N GLU C 86 -40.40 -7.28 -14.42
CA GLU C 86 -41.51 -8.05 -13.89
C GLU C 86 -42.48 -7.20 -13.05
N ASP C 87 -41.99 -6.16 -12.35
CA ASP C 87 -42.87 -5.23 -11.62
C ASP C 87 -43.62 -4.25 -12.52
N GLY C 88 -43.41 -4.31 -13.83
CA GLY C 88 -44.09 -3.45 -14.77
C GLY C 88 -43.57 -2.03 -14.92
N ASP C 89 -42.32 -1.81 -14.54
CA ASP C 89 -41.59 -0.57 -14.79
C ASP C 89 -40.45 -0.76 -15.83
N PRO C 90 -40.04 0.31 -16.53
CA PRO C 90 -38.84 0.17 -17.35
C PRO C 90 -37.65 -0.11 -16.46
N ILE C 91 -36.64 -0.73 -17.02
CA ILE C 91 -35.46 -1.11 -16.25
C ILE C 91 -34.64 0.12 -15.89
N ASP C 92 -34.04 0.10 -14.71
CA ASP C 92 -33.24 1.20 -14.18
C ASP C 92 -31.77 0.93 -14.44
N VAL C 93 -31.04 2.00 -14.70
CA VAL C 93 -29.60 1.94 -14.98
C VAL C 93 -28.85 3.00 -14.19
N LEU C 94 -27.83 2.57 -13.45
CA LEU C 94 -26.86 3.41 -12.83
C LEU C 94 -25.67 3.53 -13.81
N VAL C 95 -25.48 4.73 -14.37
CA VAL C 95 -24.32 5.05 -15.21
C VAL C 95 -23.17 5.54 -14.31
N CYS C 96 -22.11 4.74 -14.23
CA CYS C 96 -21.07 4.96 -13.25
CA CYS C 96 -21.03 4.94 -13.27
C CYS C 96 -19.91 5.83 -13.77
N ASN C 97 -20.27 7.00 -14.30
CA ASN C 97 -19.30 8.01 -14.67
C ASN C 97 -19.25 9.06 -13.55
N THR C 98 -18.55 10.18 -13.75
CA THR C 98 -18.37 11.16 -12.68
C THR C 98 -19.01 12.52 -12.93
N ARG C 99 -19.14 12.97 -14.17
CA ARG C 99 -19.74 14.29 -14.41
C ARG C 99 -21.27 14.19 -14.38
N PRO C 100 -21.94 15.19 -13.78
CA PRO C 100 -23.39 15.18 -13.74
C PRO C 100 -24.01 15.36 -15.11
N LEU C 101 -25.09 14.65 -15.37
CA LEU C 101 -25.86 14.79 -16.59
C LEU C 101 -27.19 15.53 -16.33
N ILE C 102 -27.76 16.09 -17.37
CA ILE C 102 -29.00 16.87 -17.26
C ILE C 102 -30.16 15.88 -17.19
N PRO C 103 -31.05 16.08 -16.21
CA PRO C 103 -32.29 15.31 -16.15
C PRO C 103 -33.06 15.43 -17.42
N GLY C 104 -33.49 14.29 -17.94
CA GLY C 104 -34.22 14.21 -19.15
C GLY C 104 -33.38 14.02 -20.38
N CYS C 105 -32.06 14.16 -20.31
CA CYS C 105 -31.28 13.88 -21.48
C CYS C 105 -31.20 12.37 -21.67
N VAL C 106 -30.74 11.99 -22.85
CA VAL C 106 -30.51 10.60 -23.23
C VAL C 106 -28.98 10.40 -23.41
N ILE C 107 -28.48 9.31 -22.84
CA ILE C 107 -27.09 8.90 -23.01
C ILE C 107 -27.06 7.40 -23.41
N ASN C 108 -26.30 7.10 -24.46
CA ASN C 108 -26.04 5.74 -24.92
C ASN C 108 -24.96 5.08 -24.12
N VAL C 109 -25.26 3.90 -23.56
CA VAL C 109 -24.34 3.27 -22.63
C VAL C 109 -24.10 1.81 -22.96
N ARG C 110 -23.03 1.26 -22.41
CA ARG C 110 -22.66 -0.16 -22.48
C ARG C 110 -23.00 -0.77 -21.13
N PRO C 111 -23.94 -1.71 -21.10
CA PRO C 111 -24.14 -2.44 -19.83
C PRO C 111 -22.96 -3.35 -19.43
N ILE C 112 -22.59 -3.34 -18.17
CA ILE C 112 -21.45 -4.13 -17.73
C ILE C 112 -21.76 -5.09 -16.59
N GLY C 113 -22.96 -5.01 -16.02
CA GLY C 113 -23.28 -5.85 -14.88
C GLY C 113 -24.61 -5.46 -14.28
N VAL C 114 -24.98 -6.17 -13.23
CA VAL C 114 -26.24 -5.90 -12.52
C VAL C 114 -26.02 -5.96 -11.03
N LEU C 115 -26.46 -4.92 -10.35
CA LEU C 115 -26.53 -4.89 -8.90
C LEU C 115 -27.81 -5.66 -8.51
N VAL C 116 -27.66 -6.79 -7.87
CA VAL C 116 -28.80 -7.68 -7.58
C VAL C 116 -29.09 -7.60 -6.10
N MET C 117 -30.33 -7.23 -5.78
CA MET C 117 -30.72 -6.98 -4.39
C MET C 117 -32.03 -7.69 -4.08
N GLU C 118 -32.31 -7.84 -2.80
CA GLU C 118 -33.64 -8.24 -2.36
C GLU C 118 -34.12 -7.16 -1.37
N ASP C 119 -35.38 -6.78 -1.47
CA ASP C 119 -35.98 -5.86 -0.50
C ASP C 119 -37.35 -6.37 -0.03
N ASN C 120 -38.08 -5.50 0.68
CA ASN C 120 -39.44 -5.81 1.18
C ASN C 120 -40.36 -6.34 0.12
N SER C 121 -40.23 -5.84 -1.10
CA SER C 121 -41.16 -6.28 -2.11
C SER C 121 -40.61 -7.38 -3.05
N GLY C 122 -39.42 -7.89 -2.77
CA GLY C 122 -38.83 -8.95 -3.57
C GLY C 122 -37.53 -8.53 -4.23
N LYS C 123 -37.31 -9.04 -5.44
CA LYS C 123 -36.05 -8.84 -6.15
C LYS C 123 -36.00 -7.43 -6.71
N ASP C 124 -34.82 -6.80 -6.63
CA ASP C 124 -34.64 -5.48 -7.19
C ASP C 124 -33.28 -5.46 -7.82
N GLU C 125 -33.26 -5.26 -9.12
CA GLU C 125 -32.06 -5.37 -9.92
C GLU C 125 -31.82 -4.07 -10.66
N LYS C 126 -30.58 -3.60 -10.62
CA LYS C 126 -30.25 -2.34 -11.31
C LYS C 126 -29.03 -2.57 -12.23
N ILE C 127 -29.19 -2.21 -13.50
CA ILE C 127 -28.09 -2.35 -14.44
C ILE C 127 -27.03 -1.30 -14.11
N ILE C 128 -25.77 -1.74 -14.18
CA ILE C 128 -24.62 -0.85 -14.09
C ILE C 128 -24.07 -0.72 -15.49
N ALA C 129 -23.79 0.52 -15.91
CA ALA C 129 -23.41 0.82 -17.31
C ALA C 129 -22.38 1.95 -17.34
N VAL C 130 -21.54 1.96 -18.36
CA VAL C 130 -20.65 3.09 -18.63
C VAL C 130 -21.05 3.74 -19.93
N PRO C 131 -20.72 5.03 -20.11
CA PRO C 131 -20.98 5.66 -21.40
C PRO C 131 -20.35 4.87 -22.55
N SER C 132 -21.02 4.80 -23.68
CA SER C 132 -20.50 4.05 -24.81
C SER C 132 -19.24 4.68 -25.35
N PRO C 133 -18.39 3.88 -25.99
CA PRO C 133 -17.10 4.32 -26.42
C PRO C 133 -17.03 5.41 -27.45
N HIS C 134 -18.10 5.63 -28.24
CA HIS C 134 -18.14 6.75 -29.15
C HIS C 134 -18.34 8.09 -28.43
N LEU C 135 -18.73 8.05 -27.16
CA LEU C 135 -18.99 9.31 -26.40
C LEU C 135 -17.74 9.77 -25.65
N THR C 136 -16.78 8.86 -25.39
CA THR C 136 -15.62 9.16 -24.53
C THR C 136 -14.70 7.95 -24.60
N ARG C 137 -13.42 8.17 -24.48
CA ARG C 137 -12.41 7.12 -24.38
C ARG C 137 -12.23 6.58 -22.97
N ARG C 138 -12.84 7.26 -22.00
CA ARG C 138 -12.49 6.93 -20.61
C ARG C 138 -12.87 5.51 -20.21
N TYR C 139 -13.98 5.02 -20.75
CA TYR C 139 -14.51 3.73 -20.37
C TYR C 139 -14.35 2.72 -21.48
N GLU C 140 -13.48 3.01 -22.45
CA GLU C 140 -13.21 2.18 -23.58
C GLU C 140 -13.02 0.71 -23.21
N LYS C 141 -12.24 0.46 -22.16
CA LYS C 141 -11.78 -0.91 -21.80
C LYS C 141 -12.54 -1.55 -20.64
N ILE C 142 -13.69 -0.98 -20.31
CA ILE C 142 -14.55 -1.49 -19.27
C ILE C 142 -15.64 -2.31 -19.91
N HIS C 143 -15.65 -3.60 -19.65
CA HIS C 143 -16.62 -4.55 -20.23
C HIS C 143 -17.51 -5.22 -19.21
N ASP C 144 -16.97 -5.51 -18.03
CA ASP C 144 -17.65 -6.18 -16.96
C ASP C 144 -17.57 -5.32 -15.73
N TYR C 145 -18.47 -5.55 -14.76
CA TYR C 145 -18.43 -4.78 -13.54
C TYR C 145 -17.10 -4.93 -12.81
N THR C 146 -16.47 -6.10 -12.90
CA THR C 146 -15.18 -6.30 -12.25
C THR C 146 -14.03 -5.49 -12.85
N ASP C 147 -14.27 -4.83 -13.99
CA ASP C 147 -13.27 -3.94 -14.58
C ASP C 147 -13.28 -2.51 -13.97
N MET C 148 -14.34 -2.17 -13.25
CA MET C 148 -14.38 -0.92 -12.49
C MET C 148 -13.60 -1.04 -11.18
N PRO C 149 -13.15 0.11 -10.63
CA PRO C 149 -12.48 0.01 -9.34
C PRO C 149 -13.44 -0.49 -8.28
N GLU C 150 -12.89 -1.27 -7.34
CA GLU C 150 -13.66 -1.83 -6.27
C GLU C 150 -14.32 -0.73 -5.42
N ILE C 151 -13.65 0.42 -5.24
CA ILE C 151 -14.30 1.57 -4.50
C ILE C 151 -15.63 1.97 -5.16
N THR C 152 -15.63 2.10 -6.48
CA THR C 152 -16.80 2.54 -7.22
C THR C 152 -17.95 1.52 -7.11
N LEU C 153 -17.61 0.25 -7.23
CA LEU C 153 -18.61 -0.81 -7.08
C LEU C 153 -19.23 -0.76 -5.67
N LYS C 154 -18.39 -0.59 -4.67
CA LYS C 154 -18.88 -0.57 -3.29
C LYS C 154 -19.71 0.69 -2.99
N GLN C 155 -19.41 1.82 -3.62
CA GLN C 155 -20.16 3.04 -3.43
C GLN C 155 -21.57 2.85 -3.95
N ILE C 156 -21.64 2.22 -5.12
CA ILE C 156 -22.92 1.96 -5.73
C ILE C 156 -23.78 1.06 -4.87
N ALA C 157 -23.22 -0.07 -4.45
CA ALA C 157 -23.90 -1.00 -3.56
C ALA C 157 -24.32 -0.35 -2.24
N HIS C 158 -23.45 0.49 -1.68
CA HIS C 158 -23.71 1.09 -0.40
C HIS C 158 -24.88 2.05 -0.47
N PHE C 159 -24.94 2.84 -1.54
CA PHE C 159 -26.04 3.79 -1.67
C PHE C 159 -27.41 3.08 -1.71
N PHE C 160 -27.51 2.10 -2.61
CA PHE C 160 -28.75 1.39 -2.76
C PHE C 160 -29.09 0.52 -1.54
N GLU C 161 -28.09 -0.01 -0.85
CA GLU C 161 -28.31 -0.72 0.40
C GLU C 161 -28.86 0.15 1.52
N HIS C 162 -28.41 1.41 1.59
CA HIS C 162 -28.68 2.21 2.78
C HIS C 162 -29.57 3.40 2.61
N TYR C 163 -29.86 3.84 1.39
CA TYR C 163 -30.48 5.15 1.32
C TYR C 163 -31.93 5.20 1.88
N LYS C 164 -32.57 4.05 1.96
CA LYS C 164 -33.90 3.92 2.52
C LYS C 164 -33.92 3.51 3.96
N ASP C 165 -32.76 3.55 4.63
CA ASP C 165 -32.67 3.07 6.02
C ASP C 165 -33.53 3.84 6.98
N LEU C 166 -33.82 5.11 6.72
CA LEU C 166 -34.60 5.86 7.67
C LEU C 166 -36.10 5.74 7.33
N GLU C 167 -36.45 4.96 6.31
CA GLU C 167 -37.86 4.71 6.00
C GLU C 167 -38.34 3.52 6.86
N PRO C 168 -39.41 3.70 7.62
CA PRO C 168 -39.84 2.62 8.54
C PRO C 168 -39.99 1.25 7.86
N GLY C 169 -39.25 0.29 8.38
CA GLY C 169 -39.27 -1.10 8.01
C GLY C 169 -38.65 -1.48 6.67
N LYS C 170 -38.08 -0.51 5.95
CA LYS C 170 -37.57 -0.81 4.61
C LYS C 170 -36.16 -1.33 4.76
N TRP C 171 -35.92 -2.48 4.15
CA TRP C 171 -34.63 -3.12 4.23
C TRP C 171 -34.19 -3.55 2.82
N VAL C 172 -32.90 -3.75 2.69
CA VAL C 172 -32.27 -4.15 1.41
C VAL C 172 -31.13 -5.07 1.73
N LYS C 173 -31.06 -6.21 1.03
CA LYS C 173 -29.91 -7.10 1.11
C LYS C 173 -29.25 -7.14 -0.25
N ILE C 174 -27.94 -6.91 -0.28
CA ILE C 174 -27.18 -6.90 -1.54
C ILE C 174 -26.78 -8.36 -1.84
N GLY C 175 -27.13 -8.84 -3.03
CA GLY C 175 -26.78 -10.19 -3.48
C GLY C 175 -25.51 -10.23 -4.32
N ASP C 176 -25.29 -11.38 -4.93
CA ASP C 176 -24.16 -11.55 -5.78
C ASP C 176 -24.41 -10.71 -7.04
N TRP C 177 -23.43 -9.91 -7.43
CA TRP C 177 -23.56 -9.13 -8.66
C TRP C 177 -23.69 -10.01 -9.93
N GLY C 178 -24.48 -9.55 -10.87
CA GLY C 178 -24.55 -10.19 -12.19
C GLY C 178 -23.48 -9.64 -13.09
N ASP C 179 -22.85 -10.51 -13.89
CA ASP C 179 -21.81 -10.07 -14.80
C ASP C 179 -22.36 -9.50 -16.12
N GLU C 180 -21.48 -9.11 -17.03
CA GLU C 180 -21.87 -8.47 -18.26
C GLU C 180 -22.83 -9.34 -19.09
N ASP C 181 -22.68 -10.65 -18.98
CA ASP C 181 -23.56 -11.53 -19.78
C ASP C 181 -24.92 -11.61 -19.17
N TYR C 182 -24.97 -11.60 -17.85
CA TYR C 182 -26.24 -11.56 -17.13
C TYR C 182 -26.99 -10.25 -17.42
N ALA C 183 -26.23 -9.14 -17.45
CA ALA C 183 -26.83 -7.87 -17.82
C ALA C 183 -27.46 -7.86 -19.19
N ARG C 184 -26.79 -8.42 -20.17
CA ARG C 184 -27.34 -8.51 -21.53
C ARG C 184 -28.61 -9.35 -21.55
N LYS C 185 -28.59 -10.49 -20.85
CA LYS C 185 -29.76 -11.37 -20.77
C LYS C 185 -30.95 -10.72 -20.12
N PHE C 186 -30.68 -10.01 -19.03
CA PHE C 186 -31.70 -9.26 -18.28
C PHE C 186 -32.32 -8.14 -19.10
N ILE C 187 -31.52 -7.44 -19.89
CA ILE C 187 -32.00 -6.42 -20.81
C ILE C 187 -32.85 -7.06 -21.91
N VAL C 188 -32.34 -8.10 -22.55
CA VAL C 188 -33.16 -8.76 -23.59
C VAL C 188 -34.48 -9.28 -23.03
N GLU C 189 -34.47 -9.83 -21.83
CA GLU C 189 -35.73 -10.26 -21.19
C GLU C 189 -36.72 -9.13 -21.00
N ALA C 190 -36.22 -7.94 -20.65
CA ALA C 190 -37.09 -6.80 -20.46
C ALA C 190 -37.56 -6.22 -21.76
N ILE C 191 -36.75 -6.30 -22.81
CA ILE C 191 -37.19 -5.84 -24.13
C ILE C 191 -38.34 -6.74 -24.62
N GLU C 192 -38.16 -8.04 -24.42
CA GLU C 192 -39.17 -9.03 -24.81
C GLU C 192 -40.44 -8.86 -24.05
N ARG C 193 -40.30 -8.65 -22.75
CA ARG C 193 -41.41 -8.46 -21.85
C ARG C 193 -42.23 -7.20 -22.22
N ALA C 194 -41.60 -6.17 -22.76
CA ALA C 194 -42.34 -4.99 -23.18
C ALA C 194 -43.14 -5.32 -24.44
N LYS C 195 -42.58 -6.08 -25.36
CA LYS C 195 -43.30 -6.52 -26.57
C LYS C 195 -44.36 -7.54 -26.22
N ASN D 23 2.50 28.41 10.79
CA ASN D 23 3.95 28.17 11.03
C ASN D 23 4.50 27.05 10.13
N ILE D 24 4.77 27.40 8.87
CA ILE D 24 5.34 26.47 7.85
C ILE D 24 6.63 25.78 8.30
N ASP D 25 7.49 26.49 9.03
CA ASP D 25 8.70 25.88 9.61
C ASP D 25 8.43 24.64 10.53
N ALA D 26 7.19 24.46 11.01
CA ALA D 26 6.81 23.26 11.78
C ALA D 26 6.24 22.12 10.92
N ILE D 27 6.06 22.32 9.62
CA ILE D 27 5.60 21.23 8.76
C ILE D 27 6.81 20.60 8.11
N SER D 28 6.92 19.28 8.19
CA SER D 28 8.16 18.65 7.74
C SER D 28 8.05 18.37 6.24
N ILE D 29 9.20 18.17 5.59
CA ILE D 29 9.21 17.91 4.16
C ILE D 29 8.47 16.62 3.82
N GLY D 30 8.54 15.64 4.71
CA GLY D 30 7.80 14.39 4.57
C GLY D 30 8.32 13.43 5.64
N SER D 31 7.80 12.20 5.68
CA SER D 31 8.29 11.24 6.67
C SER D 31 9.53 10.58 6.17
N ASN D 32 9.49 10.15 4.91
CA ASN D 32 10.63 9.56 4.20
C ASN D 32 10.79 10.11 2.78
N PRO D 33 11.07 11.41 2.68
CA PRO D 33 11.25 12.06 1.39
C PRO D 33 12.52 11.55 0.68
N PRO D 34 12.50 11.43 -0.66
CA PRO D 34 11.47 11.93 -1.58
C PRO D 34 10.33 10.94 -1.89
N GLU D 35 10.28 9.78 -1.22
CA GLU D 35 9.27 8.80 -1.54
C GLU D 35 7.87 9.33 -1.21
N ASP D 36 7.75 10.04 -0.09
CA ASP D 36 6.59 10.89 0.22
C ASP D 36 7.06 12.31 0.48
N VAL D 37 6.15 13.26 0.28
CA VAL D 37 6.39 14.66 0.71
C VAL D 37 5.05 15.25 1.12
N ASN D 38 5.14 16.25 1.98
CA ASN D 38 3.99 17.02 2.39
C ASN D 38 3.77 18.21 1.45
N VAL D 39 2.53 18.37 0.99
CA VAL D 39 2.15 19.48 0.11
C VAL D 39 1.20 20.36 0.90
N ILE D 40 1.54 21.65 1.03
CA ILE D 40 0.63 22.69 1.54
C ILE D 40 -0.25 23.21 0.37
N ILE D 41 -1.55 22.96 0.47
CA ILE D 41 -2.45 23.25 -0.63
C ILE D 41 -2.73 24.76 -0.77
N GLU D 42 -2.67 25.24 -1.99
CA GLU D 42 -2.97 26.66 -2.32
C GLU D 42 -4.32 26.80 -3.05
N VAL D 43 -4.55 26.00 -4.07
CA VAL D 43 -5.76 26.05 -4.85
C VAL D 43 -6.31 24.65 -5.04
N PRO D 44 -7.64 24.46 -4.89
CA PRO D 44 -8.26 23.17 -5.11
C PRO D 44 -8.52 22.80 -6.57
N VAL D 45 -8.67 21.52 -6.82
CA VAL D 45 -9.07 21.03 -8.08
C VAL D 45 -10.46 21.65 -8.41
N GLY D 46 -10.60 22.04 -9.67
CA GLY D 46 -11.80 22.75 -10.19
C GLY D 46 -11.79 24.25 -9.90
N GLY D 47 -10.74 24.70 -9.22
CA GLY D 47 -10.54 26.10 -8.89
C GLY D 47 -10.38 27.02 -10.10
N GLN D 48 -10.86 28.26 -9.94
CA GLN D 48 -10.72 29.28 -10.97
C GLN D 48 -9.28 29.59 -11.12
N PRO D 49 -8.88 30.05 -12.29
CA PRO D 49 -7.45 30.36 -12.49
C PRO D 49 -7.15 31.73 -11.85
N ILE D 50 -7.15 31.73 -10.56
CA ILE D 50 -6.73 32.87 -9.78
C ILE D 50 -5.53 32.34 -9.05
N LYS D 51 -4.36 32.94 -9.27
CA LYS D 51 -3.14 32.50 -8.63
C LYS D 51 -2.99 33.09 -7.23
N TYR D 52 -2.80 32.19 -6.27
CA TYR D 52 -2.60 32.53 -4.87
C TYR D 52 -1.17 32.12 -4.55
N GLU D 53 -0.47 32.93 -3.78
CA GLU D 53 0.92 32.59 -3.38
C GLU D 53 1.07 32.71 -1.86
N MET D 54 1.43 31.60 -1.19
CA MET D 54 1.55 31.63 0.28
C MET D 54 2.71 32.50 0.70
N ASP D 55 2.47 33.36 1.67
CA ASP D 55 3.49 34.16 2.35
C ASP D 55 3.97 33.45 3.64
N LYS D 56 5.24 33.05 3.68
CA LYS D 56 5.86 32.36 4.85
C LYS D 56 5.66 33.07 6.20
N LYS D 57 6.03 34.34 6.30
CA LYS D 57 6.01 35.06 7.56
C LYS D 57 4.57 35.27 8.10
N ALA D 58 3.61 35.47 7.20
CA ALA D 58 2.23 35.69 7.62
C ALA D 58 1.43 34.39 7.76
N GLY D 59 1.87 33.32 7.09
CA GLY D 59 1.08 32.10 6.97
C GLY D 59 -0.26 32.38 6.29
N ALA D 60 -0.20 33.27 5.29
CA ALA D 60 -1.39 33.75 4.56
C ALA D 60 -1.19 33.56 3.08
N LEU D 61 -2.26 33.18 2.39
CA LEU D 61 -2.29 33.11 0.95
C LEU D 61 -2.55 34.51 0.41
N ILE D 62 -1.71 34.97 -0.49
CA ILE D 62 -1.80 36.31 -1.07
C ILE D 62 -2.25 36.16 -2.52
N VAL D 63 -3.22 36.96 -2.92
CA VAL D 63 -3.63 36.93 -4.28
C VAL D 63 -2.48 37.49 -5.09
N ASP D 64 -2.06 36.77 -6.12
CA ASP D 64 -0.97 37.23 -6.96
C ASP D 64 -1.42 37.67 -8.37
N ARG D 65 -2.41 37.01 -8.95
CA ARG D 65 -2.91 37.39 -10.24
C ARG D 65 -4.21 36.71 -10.56
N PHE D 66 -5.16 37.46 -11.14
CA PHE D 66 -6.35 36.89 -11.70
C PHE D 66 -6.06 36.60 -13.16
N LEU D 67 -6.30 35.37 -13.58
CA LEU D 67 -6.23 35.02 -15.01
C LEU D 67 -7.65 34.94 -15.59
N TYR D 68 -7.74 35.13 -16.90
CA TYR D 68 -9.04 35.16 -17.56
C TYR D 68 -9.32 34.06 -18.57
N THR D 69 -8.41 33.10 -18.74
CA THR D 69 -8.73 31.98 -19.58
C THR D 69 -9.93 31.22 -18.97
N PRO D 70 -10.80 30.63 -19.80
CA PRO D 70 -11.94 29.85 -19.24
C PRO D 70 -11.53 28.42 -18.86
N MET D 71 -10.74 28.32 -17.80
CA MET D 71 -10.10 27.06 -17.42
C MET D 71 -10.26 26.87 -15.93
N THR D 72 -10.01 25.66 -15.47
CA THR D 72 -10.08 25.33 -14.05
C THR D 72 -8.89 24.38 -13.70
N TYR D 73 -8.37 24.51 -12.49
CA TYR D 73 -7.25 23.68 -12.02
C TYR D 73 -7.59 22.19 -12.16
N PRO D 74 -6.65 21.42 -12.76
CA PRO D 74 -6.93 20.04 -13.07
C PRO D 74 -6.60 19.07 -11.93
N GLY D 75 -6.13 19.59 -10.81
CA GLY D 75 -5.87 18.84 -9.64
C GLY D 75 -5.73 19.83 -8.49
N ASN D 76 -5.50 19.33 -7.28
CA ASN D 76 -5.24 20.19 -6.16
C ASN D 76 -3.78 20.65 -6.23
N TYR D 77 -3.53 21.89 -5.91
CA TYR D 77 -2.20 22.50 -6.22
C TYR D 77 -1.61 23.18 -5.00
N GLY D 78 -0.34 22.93 -4.77
CA GLY D 78 0.39 23.52 -3.68
C GLY D 78 1.90 23.35 -3.79
N PHE D 79 2.58 23.44 -2.65
CA PHE D 79 4.07 23.44 -2.63
C PHE D 79 4.57 22.62 -1.43
N VAL D 80 5.85 22.24 -1.49
CA VAL D 80 6.47 21.42 -0.45
C VAL D 80 7.36 22.37 0.32
N PRO D 81 7.11 22.50 1.62
CA PRO D 81 7.93 23.43 2.41
C PRO D 81 9.40 22.96 2.57
N HIS D 82 10.31 23.91 2.80
CA HIS D 82 11.75 23.62 3.02
C HIS D 82 12.40 23.00 1.79
N THR D 83 11.90 23.40 0.62
CA THR D 83 12.52 23.08 -0.63
C THR D 83 12.84 24.39 -1.38
N LEU D 84 13.74 24.34 -2.33
CA LEU D 84 14.07 25.52 -3.10
C LEU D 84 14.42 25.14 -4.53
N SER D 85 13.76 25.77 -5.50
CA SER D 85 14.05 25.55 -6.89
C SER D 85 15.21 26.45 -7.23
N GLU D 86 15.75 26.31 -8.42
CA GLU D 86 16.80 27.21 -8.89
C GLU D 86 16.31 28.66 -8.91
N ASP D 87 15.04 28.85 -9.26
CA ASP D 87 14.40 30.18 -9.28
C ASP D 87 14.12 30.77 -7.90
N GLY D 88 14.44 30.05 -6.82
CA GLY D 88 14.32 30.58 -5.46
C GLY D 88 12.96 30.43 -4.77
N ASP D 89 12.15 29.47 -5.23
CA ASP D 89 10.82 29.23 -4.68
C ASP D 89 10.70 27.74 -4.25
N PRO D 90 9.80 27.44 -3.30
CA PRO D 90 9.51 26.03 -2.96
C PRO D 90 8.99 25.32 -4.19
N ILE D 91 9.22 24.01 -4.29
CA ILE D 91 8.74 23.28 -5.46
C ILE D 91 7.21 23.15 -5.46
N ASP D 92 6.63 23.14 -6.64
CA ASP D 92 5.18 23.08 -6.79
C ASP D 92 4.79 21.65 -7.10
N VAL D 93 3.63 21.25 -6.56
CA VAL D 93 3.05 19.91 -6.81
C VAL D 93 1.57 20.02 -7.22
N LEU D 94 1.21 19.30 -8.28
CA LEU D 94 -0.14 19.06 -8.69
C LEU D 94 -0.50 17.64 -8.21
N VAL D 95 -1.46 17.58 -7.30
CA VAL D 95 -2.00 16.31 -6.70
C VAL D 95 -3.15 15.90 -7.57
N CYS D 96 -3.01 14.78 -8.29
CA CYS D 96 -3.96 14.44 -9.33
C CYS D 96 -5.06 13.52 -8.82
N ASN D 97 -5.67 13.93 -7.73
CA ASN D 97 -6.88 13.31 -7.20
C ASN D 97 -8.12 14.07 -7.68
N THR D 98 -9.30 13.72 -7.20
CA THR D 98 -10.53 14.38 -7.72
C THR D 98 -11.29 15.22 -6.71
N ARG D 99 -11.15 14.95 -5.41
CA ARG D 99 -11.88 15.75 -4.47
C ARG D 99 -11.13 17.03 -4.09
N PRO D 100 -11.86 18.13 -3.96
CA PRO D 100 -11.24 19.40 -3.56
C PRO D 100 -10.69 19.34 -2.13
N LEU D 101 -9.53 19.94 -1.94
CA LEU D 101 -8.97 20.08 -0.63
C LEU D 101 -9.06 21.54 -0.16
N ILE D 102 -9.04 21.73 1.17
CA ILE D 102 -9.07 23.07 1.82
C ILE D 102 -7.74 23.84 1.56
N PRO D 103 -7.84 25.11 1.12
CA PRO D 103 -6.57 25.87 1.02
C PRO D 103 -5.92 25.97 2.39
N GLY D 104 -4.63 25.66 2.45
CA GLY D 104 -3.92 25.72 3.71
C GLY D 104 -3.84 24.42 4.49
N CYS D 105 -4.51 23.37 4.05
CA CYS D 105 -4.30 22.07 4.69
C CYS D 105 -3.01 21.44 4.13
N VAL D 106 -2.56 20.38 4.78
CA VAL D 106 -1.38 19.65 4.38
C VAL D 106 -1.78 18.25 4.01
N ILE D 107 -1.33 17.79 2.84
CA ILE D 107 -1.59 16.42 2.43
C ILE D 107 -0.28 15.73 2.06
N ASN D 108 -0.09 14.54 2.61
CA ASN D 108 1.08 13.72 2.27
C ASN D 108 0.89 12.97 0.98
N VAL D 109 1.86 13.06 0.05
CA VAL D 109 1.70 12.54 -1.29
C VAL D 109 2.88 11.70 -1.76
N ARG D 110 2.65 10.92 -2.81
CA ARG D 110 3.68 10.13 -3.45
C ARG D 110 3.97 10.77 -4.81
N PRO D 111 5.16 11.36 -4.96
CA PRO D 111 5.52 11.89 -6.32
C PRO D 111 5.64 10.76 -7.32
N ILE D 112 5.12 10.94 -8.52
CA ILE D 112 5.13 9.92 -9.54
C ILE D 112 5.73 10.41 -10.83
N GLY D 113 6.06 11.70 -10.94
CA GLY D 113 6.56 12.22 -12.20
C GLY D 113 6.69 13.73 -12.20
N VAL D 114 7.15 14.29 -13.29
CA VAL D 114 7.30 15.73 -13.40
C VAL D 114 6.82 16.18 -14.77
N LEU D 115 5.99 17.22 -14.74
CA LEU D 115 5.57 17.95 -15.91
C LEU D 115 6.67 18.98 -16.20
N VAL D 116 7.38 18.78 -17.32
CA VAL D 116 8.53 19.59 -17.66
C VAL D 116 8.14 20.53 -18.77
N MET D 117 8.39 21.80 -18.56
CA MET D 117 7.98 22.84 -19.48
C MET D 117 9.09 23.86 -19.66
N GLU D 118 8.96 24.67 -20.69
CA GLU D 118 9.75 25.86 -20.81
C GLU D 118 8.81 27.03 -21.04
N ASP D 119 9.10 28.15 -20.42
CA ASP D 119 8.34 29.39 -20.62
C ASP D 119 9.29 30.60 -20.80
N ASN D 120 8.74 31.81 -20.72
CA ASN D 120 9.47 33.09 -20.83
C ASN D 120 10.66 33.16 -19.94
N SER D 121 10.54 32.61 -18.74
CA SER D 121 11.60 32.76 -17.75
C SER D 121 12.56 31.57 -17.70
N GLY D 122 12.39 30.59 -18.56
CA GLY D 122 13.23 29.39 -18.57
C GLY D 122 12.46 28.11 -18.24
N LYS D 123 13.11 27.19 -17.54
CA LYS D 123 12.53 25.87 -17.22
C LYS D 123 11.45 26.06 -16.18
N ASP D 124 10.34 25.34 -16.33
CA ASP D 124 9.30 25.37 -15.30
C ASP D 124 8.88 23.91 -15.12
N GLU D 125 9.06 23.39 -13.92
CA GLU D 125 8.80 21.96 -13.68
C GLU D 125 7.85 21.83 -12.52
N LYS D 126 6.82 21.00 -12.72
CA LYS D 126 5.82 20.76 -11.70
C LYS D 126 5.75 19.25 -11.39
N ILE D 127 5.89 18.95 -10.11
CA ILE D 127 5.78 17.55 -9.66
C ILE D 127 4.31 17.13 -9.75
N ILE D 128 4.07 15.93 -10.29
CA ILE D 128 2.79 15.25 -10.27
C ILE D 128 2.86 14.18 -9.17
N ALA D 129 1.80 14.13 -8.34
CA ALA D 129 1.76 13.28 -7.19
C ALA D 129 0.36 12.76 -6.94
N VAL D 130 0.26 11.57 -6.33
CA VAL D 130 -1.02 11.06 -5.79
C VAL D 130 -1.00 11.07 -4.26
N PRO D 131 -2.17 11.09 -3.63
CA PRO D 131 -2.20 10.99 -2.20
C PRO D 131 -1.51 9.66 -1.77
N SER D 132 -0.82 9.69 -0.66
CA SER D 132 -0.10 8.53 -0.14
C SER D 132 -1.05 7.41 0.31
N PRO D 133 -0.56 6.16 0.33
CA PRO D 133 -1.46 5.03 0.45
C PRO D 133 -2.02 4.84 1.85
N HIS D 134 -1.54 5.56 2.83
CA HIS D 134 -2.14 5.52 4.15
C HIS D 134 -3.33 6.48 4.29
N LEU D 135 -3.61 7.24 3.24
CA LEU D 135 -4.76 8.16 3.26
C LEU D 135 -5.94 7.61 2.48
N THR D 136 -5.66 6.69 1.56
CA THR D 136 -6.62 6.17 0.64
C THR D 136 -5.99 5.00 -0.11
N ARG D 137 -6.81 4.08 -0.59
CA ARG D 137 -6.33 2.93 -1.36
C ARG D 137 -6.51 3.13 -2.83
N ARG D 138 -7.10 4.27 -3.21
CA ARG D 138 -7.45 4.49 -4.62
C ARG D 138 -6.21 4.54 -5.55
N TYR D 139 -5.07 5.02 -5.03
CA TYR D 139 -3.84 5.30 -5.84
C TYR D 139 -2.71 4.31 -5.49
N GLU D 140 -3.09 3.24 -4.80
CA GLU D 140 -2.18 2.25 -4.24
C GLU D 140 -1.13 1.80 -5.24
N LYS D 141 -1.59 1.49 -6.43
CA LYS D 141 -0.80 0.92 -7.51
C LYS D 141 -0.17 1.97 -8.47
N ILE D 142 -0.42 3.25 -8.22
CA ILE D 142 0.13 4.26 -9.07
C ILE D 142 1.52 4.66 -8.50
N HIS D 143 2.57 4.39 -9.27
CA HIS D 143 3.96 4.72 -8.91
C HIS D 143 4.67 5.63 -9.92
N ASP D 144 4.23 5.57 -11.17
CA ASP D 144 4.80 6.40 -12.23
C ASP D 144 3.69 7.16 -12.91
N TYR D 145 4.02 8.28 -13.52
CA TYR D 145 2.99 9.08 -14.18
C TYR D 145 2.32 8.29 -15.27
N THR D 146 3.05 7.35 -15.90
CA THR D 146 2.48 6.50 -16.95
C THR D 146 1.46 5.50 -16.43
N ASP D 147 1.39 5.36 -15.12
CA ASP D 147 0.33 4.55 -14.53
C ASP D 147 -1.05 5.28 -14.52
N MET D 148 -1.03 6.62 -14.66
CA MET D 148 -2.28 7.38 -14.69
C MET D 148 -2.90 7.28 -16.05
N PRO D 149 -4.23 7.50 -16.12
CA PRO D 149 -4.88 7.50 -17.40
C PRO D 149 -4.36 8.59 -18.29
N GLU D 150 -4.27 8.28 -19.56
CA GLU D 150 -3.81 9.24 -20.55
C GLU D 150 -4.61 10.57 -20.48
N ILE D 151 -5.93 10.46 -20.33
CA ILE D 151 -6.78 11.67 -20.29
C ILE D 151 -6.29 12.59 -19.15
N THR D 152 -6.01 12.03 -17.99
CA THR D 152 -5.61 12.83 -16.80
C THR D 152 -4.28 13.54 -17.04
N LEU D 153 -3.34 12.82 -17.63
CA LEU D 153 -2.05 13.43 -17.99
C LEU D 153 -2.21 14.57 -18.99
N LYS D 154 -3.01 14.36 -20.04
CA LYS D 154 -3.20 15.35 -21.07
C LYS D 154 -3.97 16.57 -20.49
N GLN D 155 -4.91 16.34 -19.55
CA GLN D 155 -5.62 17.45 -18.88
C GLN D 155 -4.65 18.33 -18.08
N ILE D 156 -3.75 17.71 -17.34
CA ILE D 156 -2.82 18.47 -16.54
C ILE D 156 -1.90 19.32 -17.42
N ALA D 157 -1.34 18.71 -18.46
CA ALA D 157 -0.45 19.41 -19.37
C ALA D 157 -1.23 20.55 -20.04
N HIS D 158 -2.48 20.28 -20.47
CA HIS D 158 -3.27 21.27 -21.22
C HIS D 158 -3.48 22.51 -20.34
N PHE D 159 -3.85 22.31 -19.07
CA PHE D 159 -4.05 23.44 -18.17
C PHE D 159 -2.80 24.34 -18.10
N PHE D 160 -1.66 23.74 -17.72
CA PHE D 160 -0.44 24.55 -17.61
C PHE D 160 0.05 25.13 -18.92
N GLU D 161 -0.21 24.43 -20.01
CA GLU D 161 0.15 24.93 -21.32
C GLU D 161 -0.63 26.19 -21.72
N HIS D 162 -1.90 26.23 -21.33
CA HIS D 162 -2.80 27.25 -21.87
C HIS D 162 -3.34 28.30 -20.88
N TYR D 163 -3.28 28.08 -19.57
CA TYR D 163 -4.04 29.00 -18.71
C TYR D 163 -3.47 30.42 -18.68
N LYS D 164 -2.21 30.60 -19.09
CA LYS D 164 -1.65 31.93 -19.24
C LYS D 164 -1.73 32.52 -20.65
N ASP D 165 -2.46 31.88 -21.56
CA ASP D 165 -2.52 32.31 -22.96
C ASP D 165 -3.01 33.77 -23.13
N LEU D 166 -3.86 34.26 -22.25
CA LEU D 166 -4.39 35.62 -22.41
C LEU D 166 -3.57 36.69 -21.66
N GLU D 167 -2.46 36.31 -21.10
CA GLU D 167 -1.50 37.25 -20.53
C GLU D 167 -0.51 37.71 -21.63
N PRO D 168 -0.21 39.03 -21.72
CA PRO D 168 0.64 39.45 -22.84
C PRO D 168 2.01 38.80 -22.77
N GLY D 169 2.41 38.18 -23.87
CA GLY D 169 3.77 37.69 -24.03
C GLY D 169 4.09 36.36 -23.37
N LYS D 170 3.13 35.75 -22.68
CA LYS D 170 3.41 34.58 -21.88
C LYS D 170 3.18 33.36 -22.73
N TRP D 171 4.22 32.55 -22.88
CA TRP D 171 4.13 31.33 -23.70
C TRP D 171 4.66 30.20 -22.87
N VAL D 172 4.19 29.00 -23.19
CA VAL D 172 4.60 27.78 -22.50
C VAL D 172 4.74 26.70 -23.54
N LYS D 173 5.86 25.96 -23.49
CA LYS D 173 6.01 24.73 -24.26
C LYS D 173 6.12 23.53 -23.33
N ILE D 174 5.33 22.50 -23.57
CA ILE D 174 5.42 21.25 -22.79
C ILE D 174 6.51 20.38 -23.38
N GLY D 175 7.52 20.06 -22.57
CA GLY D 175 8.56 19.11 -22.90
C GLY D 175 8.26 17.66 -22.49
N ASP D 176 9.29 16.82 -22.53
CA ASP D 176 9.12 15.39 -22.21
C ASP D 176 8.96 15.24 -20.70
N TRP D 177 7.98 14.41 -20.31
CA TRP D 177 7.68 14.27 -18.91
C TRP D 177 8.81 13.54 -18.23
N GLY D 178 9.08 13.88 -16.97
CA GLY D 178 10.03 13.13 -16.17
C GLY D 178 9.34 11.98 -15.45
N ASP D 179 10.02 10.83 -15.33
CA ASP D 179 9.40 9.69 -14.63
C ASP D 179 9.55 9.77 -13.13
N GLU D 180 9.06 8.75 -12.41
CA GLU D 180 9.07 8.75 -10.95
C GLU D 180 10.46 8.91 -10.40
N ASP D 181 11.46 8.32 -11.08
CA ASP D 181 12.84 8.48 -10.56
C ASP D 181 13.36 9.91 -10.70
N TYR D 182 13.03 10.54 -11.84
CA TYR D 182 13.44 11.91 -12.09
C TYR D 182 12.75 12.82 -11.09
N ALA D 183 11.46 12.54 -10.81
CA ALA D 183 10.75 13.26 -9.74
C ALA D 183 11.48 13.20 -8.37
N ARG D 184 11.90 12.01 -7.95
CA ARG D 184 12.57 11.89 -6.68
C ARG D 184 13.93 12.58 -6.65
N LYS D 185 14.69 12.43 -7.75
CA LYS D 185 16.00 13.14 -7.90
C LYS D 185 15.81 14.68 -7.81
N PHE D 186 14.80 15.16 -8.52
CA PHE D 186 14.46 16.59 -8.55
C PHE D 186 14.11 17.14 -7.16
N ILE D 187 13.35 16.36 -6.36
CA ILE D 187 13.00 16.71 -5.03
C ILE D 187 14.24 16.72 -4.12
N VAL D 188 15.05 15.66 -4.22
CA VAL D 188 16.28 15.60 -3.39
C VAL D 188 17.16 16.81 -3.74
N GLU D 189 17.26 17.16 -5.03
CA GLU D 189 18.05 18.37 -5.37
C GLU D 189 17.48 19.62 -4.73
N ALA D 190 16.15 19.72 -4.66
CA ALA D 190 15.51 20.93 -4.11
C ALA D 190 15.64 20.98 -2.59
N ILE D 191 15.68 19.81 -1.94
CA ILE D 191 15.88 19.73 -0.51
C ILE D 191 17.30 20.15 -0.20
N GLU D 192 18.24 19.60 -0.93
CA GLU D 192 19.67 19.98 -0.74
C GLU D 192 19.88 21.49 -1.01
N ARG D 193 19.28 22.00 -2.09
CA ARG D 193 19.39 23.42 -2.43
C ARG D 193 18.86 24.34 -1.33
N ALA D 194 17.82 23.93 -0.61
CA ALA D 194 17.28 24.75 0.48
C ALA D 194 18.24 24.81 1.66
N LYS D 195 19.06 23.79 1.87
CA LYS D 195 20.05 23.80 2.98
C LYS D 195 21.26 24.71 2.71
N MET E 22 -40.36 18.28 -24.48
CA MET E 22 -40.76 19.55 -25.16
C MET E 22 -40.94 19.34 -26.68
N ASN E 23 -41.66 20.27 -27.31
CA ASN E 23 -41.95 20.21 -28.74
C ASN E 23 -41.38 21.44 -29.43
N ILE E 24 -40.32 21.23 -30.21
CA ILE E 24 -39.58 22.34 -30.83
C ILE E 24 -40.35 23.05 -31.94
N ASP E 25 -41.35 22.40 -32.54
CA ASP E 25 -42.16 23.11 -33.54
C ASP E 25 -43.04 24.19 -32.91
N ALA E 26 -43.28 24.09 -31.61
CA ALA E 26 -43.97 25.16 -30.91
C ALA E 26 -43.00 26.26 -30.47
N ILE E 27 -41.69 26.08 -30.66
CA ILE E 27 -40.76 27.18 -30.34
C ILE E 27 -40.45 27.93 -31.64
N SER E 28 -40.86 29.18 -31.74
CA SER E 28 -40.60 29.93 -32.95
C SER E 28 -39.11 30.32 -33.05
N ILE E 29 -38.67 30.67 -34.26
CA ILE E 29 -37.30 31.15 -34.48
C ILE E 29 -37.07 32.45 -33.70
N GLY E 30 -38.13 33.25 -33.54
CA GLY E 30 -38.07 34.54 -32.83
C GLY E 30 -39.24 35.42 -33.23
N SER E 31 -39.39 36.61 -32.65
CA SER E 31 -40.52 37.50 -33.01
C SER E 31 -40.22 38.22 -34.29
N ASN E 32 -39.02 38.78 -34.39
CA ASN E 32 -38.62 39.46 -35.62
C ASN E 32 -37.19 39.10 -36.08
N PRO E 33 -36.97 37.82 -36.41
CA PRO E 33 -35.63 37.39 -36.81
C PRO E 33 -35.20 38.19 -38.02
N PRO E 34 -33.93 38.55 -38.11
CA PRO E 34 -32.83 38.16 -37.18
C PRO E 34 -32.55 39.21 -36.12
N GLU E 35 -33.47 40.16 -35.86
CA GLU E 35 -33.21 41.14 -34.80
C GLU E 35 -33.20 40.47 -33.44
N ASP E 36 -33.98 39.41 -33.33
CA ASP E 36 -33.99 38.54 -32.20
C ASP E 36 -34.15 37.09 -32.61
N VAL E 37 -33.50 36.18 -31.89
CA VAL E 37 -33.76 34.77 -32.07
C VAL E 37 -33.86 34.07 -30.70
N ASN E 38 -34.57 32.95 -30.70
CA ASN E 38 -34.71 32.13 -29.54
C ASN E 38 -33.63 31.06 -29.54
N VAL E 39 -32.97 30.93 -28.41
CA VAL E 39 -31.89 29.98 -28.29
C VAL E 39 -32.31 28.96 -27.25
N ILE E 40 -32.28 27.69 -27.64
CA ILE E 40 -32.45 26.61 -26.66
C ILE E 40 -31.11 26.27 -26.05
N ILE E 41 -31.01 26.43 -24.75
CA ILE E 41 -29.75 26.34 -24.05
C ILE E 41 -29.36 24.87 -23.81
N GLU E 42 -28.12 24.53 -24.14
CA GLU E 42 -27.56 23.18 -23.88
C GLU E 42 -26.66 23.14 -22.65
N VAL E 43 -25.74 24.10 -22.55
CA VAL E 43 -24.74 24.11 -21.50
C VAL E 43 -24.63 25.54 -20.96
N PRO E 44 -24.73 25.69 -19.65
CA PRO E 44 -24.62 26.99 -19.00
C PRO E 44 -23.19 27.54 -18.94
N VAL E 45 -23.08 28.86 -18.80
CA VAL E 45 -21.78 29.49 -18.57
C VAL E 45 -21.20 28.81 -17.33
N GLY E 46 -19.93 28.48 -17.41
CA GLY E 46 -19.25 27.81 -16.32
C GLY E 46 -19.34 26.30 -16.38
N GLY E 47 -20.11 25.77 -17.33
CA GLY E 47 -20.39 24.33 -17.39
C GLY E 47 -19.21 23.57 -18.05
N GLN E 48 -19.00 22.34 -17.60
CA GLN E 48 -18.00 21.50 -18.21
C GLN E 48 -18.41 21.15 -19.63
N PRO E 49 -17.46 21.01 -20.55
CA PRO E 49 -17.91 20.79 -21.93
C PRO E 49 -18.46 19.37 -22.28
N ILE E 50 -19.76 19.31 -22.63
CA ILE E 50 -20.43 18.13 -23.23
C ILE E 50 -21.13 18.61 -24.47
N LYS E 51 -21.07 17.82 -25.52
CA LYS E 51 -21.76 18.16 -26.74
C LYS E 51 -22.98 17.28 -26.85
N TYR E 52 -24.01 17.81 -27.49
CA TYR E 52 -25.30 17.16 -27.63
C TYR E 52 -25.79 17.29 -29.06
N GLU E 53 -26.77 16.48 -29.39
CA GLU E 53 -27.54 16.60 -30.61
C GLU E 53 -28.98 16.68 -30.13
N MET E 54 -29.81 17.55 -30.74
CA MET E 54 -31.21 17.61 -30.38
C MET E 54 -31.90 16.58 -31.24
N ASP E 55 -32.68 15.73 -30.60
CA ASP E 55 -33.50 14.77 -31.33
C ASP E 55 -34.83 15.46 -31.52
N LYS E 56 -35.05 15.94 -32.75
CA LYS E 56 -36.24 16.75 -33.08
C LYS E 56 -37.52 15.97 -32.81
N LYS E 57 -37.56 14.72 -33.28
CA LYS E 57 -38.64 13.79 -33.00
C LYS E 57 -38.89 13.63 -31.51
N ALA E 58 -37.84 13.31 -30.76
CA ALA E 58 -37.95 13.04 -29.32
C ALA E 58 -38.12 14.29 -28.49
N GLY E 59 -37.60 15.42 -28.99
CA GLY E 59 -37.59 16.62 -28.18
C GLY E 59 -36.77 16.38 -26.91
N ALA E 60 -35.62 15.72 -27.08
CA ALA E 60 -34.69 15.48 -25.97
C ALA E 60 -33.28 15.78 -26.41
N LEU E 61 -32.45 16.27 -25.50
CA LEU E 61 -31.06 16.41 -25.79
C LEU E 61 -30.37 15.01 -25.68
N ILE E 62 -29.67 14.63 -26.73
CA ILE E 62 -28.88 13.41 -26.77
C ILE E 62 -27.40 13.67 -26.58
N VAL E 63 -26.79 13.09 -25.55
CA VAL E 63 -25.36 13.20 -25.35
C VAL E 63 -24.58 12.73 -26.61
N ASP E 64 -23.65 13.57 -27.06
CA ASP E 64 -22.89 13.28 -28.28
C ASP E 64 -21.39 13.07 -28.03
N ARG E 65 -20.85 13.78 -27.07
CA ARG E 65 -19.45 13.66 -26.76
C ARG E 65 -19.17 14.29 -25.40
N PHE E 66 -18.37 13.62 -24.55
CA PHE E 66 -17.79 14.23 -23.36
C PHE E 66 -16.44 14.79 -23.76
N LEU E 67 -16.16 16.07 -23.44
CA LEU E 67 -14.81 16.58 -23.62
C LEU E 67 -14.15 16.68 -22.28
N TYR E 68 -12.82 16.50 -22.27
CA TYR E 68 -12.00 16.42 -21.06
C TYR E 68 -10.96 17.53 -20.88
N THR E 69 -10.92 18.56 -21.74
CA THR E 69 -10.04 19.70 -21.47
C THR E 69 -10.57 20.39 -20.20
N PRO E 70 -9.69 20.94 -19.38
CA PRO E 70 -10.07 21.56 -18.11
C PRO E 70 -10.53 22.99 -18.37
N MET E 71 -11.64 23.05 -19.08
CA MET E 71 -12.23 24.30 -19.60
C MET E 71 -13.70 24.37 -19.25
N THR E 72 -14.25 25.59 -19.21
CA THR E 72 -15.65 25.83 -18.91
C THR E 72 -16.19 26.81 -20.00
N TYR E 73 -17.44 26.60 -20.42
CA TYR E 73 -18.04 27.46 -21.38
C TYR E 73 -18.00 28.91 -20.92
N PRO E 74 -17.62 29.82 -21.80
CA PRO E 74 -17.46 31.22 -21.45
C PRO E 74 -18.77 32.03 -21.57
N GLY E 75 -19.88 31.40 -21.86
CA GLY E 75 -21.21 31.97 -21.92
C GLY E 75 -22.20 30.83 -21.91
N ASN E 76 -23.50 31.13 -21.93
CA ASN E 76 -24.52 30.11 -22.02
C ASN E 76 -24.59 29.69 -23.43
N TYR E 77 -24.60 28.41 -23.70
CA TYR E 77 -24.46 27.93 -25.10
C TYR E 77 -25.63 27.11 -25.56
N GLY E 78 -26.09 27.34 -26.78
CA GLY E 78 -27.20 26.60 -27.30
C GLY E 78 -27.41 26.79 -28.77
N PHE E 79 -28.62 26.51 -29.25
CA PHE E 79 -28.88 26.54 -30.67
C PHE E 79 -30.25 27.14 -30.99
N VAL E 80 -30.42 27.57 -32.25
CA VAL E 80 -31.63 28.19 -32.71
C VAL E 80 -32.41 27.16 -33.52
N PRO E 81 -33.61 26.80 -33.05
CA PRO E 81 -34.39 25.79 -33.80
C PRO E 81 -34.84 26.27 -35.17
N HIS E 82 -35.10 25.34 -36.08
CA HIS E 82 -35.62 25.70 -37.41
C HIS E 82 -34.62 26.49 -38.25
N THR E 83 -33.34 26.23 -38.03
CA THR E 83 -32.28 26.83 -38.82
C THR E 83 -31.42 25.65 -39.26
N LEU E 84 -30.68 25.86 -40.34
CA LEU E 84 -29.80 24.81 -40.88
C LEU E 84 -28.53 25.46 -41.42
N SER E 85 -27.40 25.06 -40.86
CA SER E 85 -26.10 25.38 -41.39
C SER E 85 -25.88 24.63 -42.70
N GLU E 86 -24.84 25.03 -43.43
CA GLU E 86 -24.36 24.27 -44.60
C GLU E 86 -23.95 22.85 -44.21
N ASP E 87 -23.45 22.67 -42.99
CA ASP E 87 -23.08 21.36 -42.49
C ASP E 87 -24.28 20.56 -41.97
N GLY E 88 -25.48 21.11 -42.11
CA GLY E 88 -26.69 20.39 -41.80
C GLY E 88 -27.09 20.35 -40.32
N ASP E 89 -26.57 21.28 -39.51
CA ASP E 89 -27.02 21.39 -38.10
C ASP E 89 -27.71 22.73 -37.86
N PRO E 90 -28.49 22.81 -36.78
CA PRO E 90 -28.99 24.16 -36.44
C PRO E 90 -27.84 25.09 -36.12
N ILE E 91 -28.06 26.38 -36.25
CA ILE E 91 -26.99 27.32 -35.90
C ILE E 91 -26.80 27.40 -34.37
N ASP E 92 -25.55 27.51 -33.97
CA ASP E 92 -25.13 27.57 -32.56
C ASP E 92 -24.95 29.04 -32.13
N VAL E 93 -25.29 29.28 -30.87
CA VAL E 93 -25.21 30.63 -30.28
C VAL E 93 -24.56 30.57 -28.92
N LEU E 94 -23.56 31.43 -28.73
CA LEU E 94 -23.04 31.70 -27.41
C LEU E 94 -23.63 33.01 -26.90
N VAL E 95 -24.38 32.88 -25.84
CA VAL E 95 -25.01 34.00 -25.15
C VAL E 95 -24.03 34.54 -24.11
N CYS E 96 -23.53 35.76 -24.31
CA CYS E 96 -22.46 36.27 -23.48
CA CYS E 96 -22.46 36.31 -23.51
C CYS E 96 -22.92 37.11 -22.29
N ASN E 97 -23.79 36.52 -21.51
CA ASN E 97 -24.20 37.10 -20.23
C ASN E 97 -23.42 36.40 -19.12
N THR E 98 -23.67 36.73 -17.85
CA THR E 98 -22.82 36.23 -16.79
C THR E 98 -23.41 35.11 -15.99
N ARG E 99 -24.73 35.04 -15.87
CA ARG E 99 -25.34 34.04 -15.00
C ARG E 99 -25.76 32.82 -15.73
N PRO E 100 -25.55 31.65 -15.10
CA PRO E 100 -25.97 30.40 -15.71
C PRO E 100 -27.46 30.29 -15.89
N LEU E 101 -27.82 29.70 -17.02
CA LEU E 101 -29.19 29.46 -17.39
C LEU E 101 -29.45 27.94 -17.29
N ILE E 102 -30.71 27.57 -17.16
CA ILE E 102 -31.13 26.18 -17.00
C ILE E 102 -31.03 25.43 -18.34
N PRO E 103 -30.36 24.27 -18.38
CA PRO E 103 -30.28 23.58 -19.67
C PRO E 103 -31.66 23.22 -20.14
N GLY E 104 -31.93 23.46 -21.41
CA GLY E 104 -33.22 23.17 -21.98
C GLY E 104 -34.20 24.33 -21.95
N CYS E 105 -33.87 25.43 -21.27
CA CYS E 105 -34.72 26.59 -21.35
C CYS E 105 -34.53 27.30 -22.69
N VAL E 106 -35.41 28.26 -22.95
CA VAL E 106 -35.31 29.10 -24.11
C VAL E 106 -35.03 30.53 -23.70
N ILE E 107 -34.06 31.16 -24.36
CA ILE E 107 -33.79 32.61 -24.11
C ILE E 107 -33.81 33.37 -25.42
N ASN E 108 -34.52 34.51 -25.44
CA ASN E 108 -34.54 35.40 -26.59
C ASN E 108 -33.37 36.38 -26.60
N VAL E 109 -32.65 36.41 -27.72
CA VAL E 109 -31.39 37.11 -27.74
C VAL E 109 -31.24 38.02 -28.94
N ARG E 110 -30.33 38.96 -28.83
CA ARG E 110 -29.93 39.84 -29.94
C ARG E 110 -28.57 39.40 -30.47
N PRO E 111 -28.51 39.04 -31.74
CA PRO E 111 -27.17 38.66 -32.31
C PRO E 111 -26.29 39.85 -32.51
N ILE E 112 -25.03 39.74 -32.15
CA ILE E 112 -24.12 40.90 -32.22
C ILE E 112 -22.88 40.61 -33.07
N GLY E 113 -22.67 39.35 -33.42
CA GLY E 113 -21.51 38.98 -34.22
C GLY E 113 -21.37 37.50 -34.44
N VAL E 114 -20.29 37.12 -35.12
CA VAL E 114 -20.06 35.71 -35.46
C VAL E 114 -18.57 35.41 -35.18
N LEU E 115 -18.35 34.41 -34.34
CA LEU E 115 -17.01 33.86 -34.16
C LEU E 115 -16.80 32.95 -35.39
N VAL E 116 -15.80 33.26 -36.18
CA VAL E 116 -15.56 32.58 -37.48
C VAL E 116 -14.28 31.82 -37.36
N MET E 117 -14.35 30.51 -37.64
CA MET E 117 -13.23 29.61 -37.40
C MET E 117 -13.03 28.64 -38.56
N GLU E 118 -11.85 28.04 -38.63
CA GLU E 118 -11.68 26.88 -39.50
C GLU E 118 -11.25 25.70 -38.65
N ASP E 119 -11.72 24.52 -39.00
CA ASP E 119 -11.29 23.31 -38.29
C ASP E 119 -11.11 22.17 -39.30
N ASN E 120 -10.87 20.94 -38.81
CA ASN E 120 -10.64 19.80 -39.72
C ASN E 120 -11.83 19.44 -40.61
N SER E 121 -13.02 19.91 -40.25
CA SER E 121 -14.17 19.66 -41.08
C SER E 121 -14.58 20.82 -41.96
N GLY E 122 -13.77 21.90 -41.99
CA GLY E 122 -14.03 23.10 -42.80
C GLY E 122 -14.30 24.37 -41.96
N LYS E 123 -15.20 25.22 -42.49
CA LYS E 123 -15.71 26.44 -41.81
C LYS E 123 -16.59 26.07 -40.63
N ASP E 124 -16.44 26.79 -39.52
CA ASP E 124 -17.29 26.58 -38.37
C ASP E 124 -17.56 27.97 -37.77
N GLU E 125 -18.83 28.36 -37.72
CA GLU E 125 -19.20 29.72 -37.32
C GLU E 125 -20.18 29.62 -36.17
N LYS E 126 -19.96 30.44 -35.15
CA LYS E 126 -20.89 30.45 -34.04
C LYS E 126 -21.35 31.90 -33.82
N ILE E 127 -22.64 32.06 -33.62
CA ILE E 127 -23.22 33.40 -33.37
C ILE E 127 -22.90 33.79 -31.92
N ILE E 128 -22.49 35.05 -31.74
CA ILE E 128 -22.40 35.67 -30.44
C ILE E 128 -23.59 36.60 -30.22
N ALA E 129 -24.21 36.55 -29.03
CA ALA E 129 -25.48 37.19 -28.78
C ALA E 129 -25.58 37.62 -27.33
N VAL E 130 -26.44 38.60 -27.06
CA VAL E 130 -26.71 39.05 -25.70
C VAL E 130 -28.20 38.92 -25.49
N PRO E 131 -28.62 38.75 -24.24
CA PRO E 131 -30.05 38.75 -23.99
C PRO E 131 -30.78 39.96 -24.61
N SER E 132 -31.97 39.72 -25.16
CA SER E 132 -32.80 40.80 -25.68
C SER E 132 -33.17 41.81 -24.64
N PRO E 133 -33.43 43.07 -25.09
CA PRO E 133 -33.62 44.14 -24.15
C PRO E 133 -34.91 44.07 -23.31
N HIS E 134 -35.87 43.22 -23.65
CA HIS E 134 -37.07 43.10 -22.80
C HIS E 134 -36.83 42.14 -21.61
N LEU E 135 -35.68 41.47 -21.61
CA LEU E 135 -35.26 40.59 -20.54
C LEU E 135 -34.43 41.26 -19.48
N THR E 136 -33.69 42.31 -19.84
CA THR E 136 -32.72 42.98 -18.98
C THR E 136 -32.27 44.19 -19.73
N ARG E 137 -31.89 45.21 -18.99
CA ARG E 137 -31.36 46.46 -19.57
C ARG E 137 -29.85 46.41 -19.68
N ARG E 138 -29.23 45.35 -19.14
CA ARG E 138 -27.77 45.31 -19.00
C ARG E 138 -27.02 45.42 -20.36
N TYR E 139 -27.59 44.85 -21.39
CA TYR E 139 -26.95 44.75 -22.74
C TYR E 139 -27.64 45.63 -23.76
N GLU E 140 -28.39 46.62 -23.29
CA GLU E 140 -29.24 47.35 -24.23
C GLU E 140 -28.45 48.20 -25.24
N LYS E 141 -27.26 48.65 -24.85
CA LYS E 141 -26.35 49.38 -25.75
C LYS E 141 -25.36 48.49 -26.49
N ILE E 142 -25.45 47.19 -26.29
CA ILE E 142 -24.51 46.30 -27.02
C ILE E 142 -25.19 45.83 -28.29
N HIS E 143 -24.68 46.25 -29.45
CA HIS E 143 -25.25 45.86 -30.75
C HIS E 143 -24.26 45.05 -31.62
N ASP E 144 -22.98 45.19 -31.36
CA ASP E 144 -21.94 44.61 -32.19
C ASP E 144 -20.92 43.98 -31.26
N TYR E 145 -20.20 42.99 -31.76
CA TYR E 145 -19.26 42.27 -30.89
C TYR E 145 -18.17 43.20 -30.35
N THR E 146 -17.89 44.27 -31.12
CA THR E 146 -16.93 45.30 -30.70
C THR E 146 -17.38 46.15 -29.51
N ASP E 147 -18.66 46.10 -29.15
CA ASP E 147 -19.17 46.80 -27.98
C ASP E 147 -18.86 46.01 -26.69
N MET E 148 -18.46 44.74 -26.83
CA MET E 148 -18.13 43.91 -25.68
C MET E 148 -16.71 44.18 -25.25
N PRO E 149 -16.39 43.94 -23.96
CA PRO E 149 -15.02 44.04 -23.49
C PRO E 149 -14.12 43.10 -24.27
N GLU E 150 -12.96 43.56 -24.68
CA GLU E 150 -12.08 42.75 -25.51
C GLU E 150 -11.75 41.42 -24.83
N ILE E 151 -11.64 41.43 -23.50
CA ILE E 151 -11.33 40.22 -22.77
C ILE E 151 -12.39 39.13 -22.92
N THR E 152 -13.66 39.52 -22.92
CA THR E 152 -14.74 38.59 -23.11
C THR E 152 -14.64 37.93 -24.48
N LEU E 153 -14.30 38.72 -25.50
CA LEU E 153 -14.10 38.20 -26.82
C LEU E 153 -12.91 37.22 -26.87
N LYS E 154 -11.80 37.59 -26.25
CA LYS E 154 -10.65 36.68 -26.13
C LYS E 154 -10.98 35.38 -25.43
N GLN E 155 -11.80 35.43 -24.37
CA GLN E 155 -12.22 34.24 -23.64
C GLN E 155 -13.03 33.31 -24.51
N ILE E 156 -13.92 33.91 -25.27
CA ILE E 156 -14.76 33.13 -26.13
C ILE E 156 -13.93 32.43 -27.21
N ALA E 157 -13.06 33.16 -27.89
CA ALA E 157 -12.18 32.61 -28.88
C ALA E 157 -11.31 31.48 -28.27
N HIS E 158 -10.79 31.71 -27.07
CA HIS E 158 -9.85 30.79 -26.48
C HIS E 158 -10.53 29.46 -26.21
N PHE E 159 -11.74 29.54 -25.69
CA PHE E 159 -12.53 28.34 -25.42
C PHE E 159 -12.75 27.51 -26.69
N PHE E 160 -13.28 28.15 -27.72
CA PHE E 160 -13.59 27.38 -28.95
C PHE E 160 -12.33 26.90 -29.69
N GLU E 161 -11.22 27.63 -29.53
CA GLU E 161 -9.95 27.25 -30.12
C GLU E 161 -9.34 26.01 -29.47
N HIS E 162 -9.53 25.89 -28.16
CA HIS E 162 -8.83 24.86 -27.39
C HIS E 162 -9.62 23.71 -26.80
N TYR E 163 -10.94 23.83 -26.70
CA TYR E 163 -11.63 22.83 -25.86
C TYR E 163 -11.63 21.40 -26.46
N LYS E 164 -11.47 21.32 -27.77
CA LYS E 164 -11.36 20.02 -28.47
C LYS E 164 -9.90 19.59 -28.64
N ASP E 165 -8.97 20.20 -27.90
CA ASP E 165 -7.54 19.94 -28.14
C ASP E 165 -7.14 18.50 -27.85
N LEU E 166 -7.85 17.83 -26.97
CA LEU E 166 -7.47 16.42 -26.65
C LEU E 166 -8.13 15.37 -27.58
N GLU E 167 -8.91 15.81 -28.54
CA GLU E 167 -9.55 14.91 -29.47
C GLU E 167 -8.59 14.72 -30.66
N PRO E 168 -8.45 13.46 -31.16
CA PRO E 168 -7.43 13.20 -32.20
C PRO E 168 -7.70 13.90 -33.52
N GLY E 169 -6.72 14.66 -33.99
CA GLY E 169 -6.82 15.30 -35.27
C GLY E 169 -7.71 16.51 -35.30
N LYS E 170 -8.25 16.94 -34.17
CA LYS E 170 -9.12 18.10 -34.17
C LYS E 170 -8.17 19.26 -33.91
N TRP E 171 -8.24 20.24 -34.81
CA TRP E 171 -7.55 21.48 -34.68
C TRP E 171 -8.59 22.57 -35.03
N VAL E 172 -8.29 23.78 -34.60
CA VAL E 172 -9.22 24.94 -34.78
C VAL E 172 -8.35 26.14 -34.95
N LYS E 173 -8.60 26.95 -35.97
CA LYS E 173 -7.98 28.27 -36.11
C LYS E 173 -9.07 29.37 -36.11
N ILE E 174 -8.86 30.39 -35.30
CA ILE E 174 -9.84 31.46 -35.16
C ILE E 174 -9.55 32.46 -36.27
N GLY E 175 -10.57 32.81 -37.02
CA GLY E 175 -10.48 33.82 -38.05
C GLY E 175 -11.01 35.19 -37.63
N ASP E 176 -11.31 36.02 -38.64
CA ASP E 176 -11.79 37.37 -38.38
C ASP E 176 -13.25 37.27 -37.95
N TRP E 177 -13.57 37.96 -36.86
CA TRP E 177 -14.94 38.00 -36.35
C TRP E 177 -15.86 38.66 -37.36
N GLY E 178 -17.10 38.22 -37.42
CA GLY E 178 -18.13 38.85 -38.26
C GLY E 178 -18.90 39.80 -37.39
N ASP E 179 -19.21 40.96 -37.97
CA ASP E 179 -19.98 41.97 -37.26
C ASP E 179 -21.45 41.72 -37.20
N GLU E 180 -22.23 42.68 -36.65
CA GLU E 180 -23.65 42.46 -36.45
C GLU E 180 -24.39 42.39 -37.74
N ASP E 181 -23.89 43.02 -38.79
CA ASP E 181 -24.51 42.87 -40.10
C ASP E 181 -24.31 41.46 -40.65
N TYR E 182 -23.07 40.99 -40.58
CA TYR E 182 -22.77 39.58 -40.98
C TYR E 182 -23.64 38.55 -40.23
N ALA E 183 -23.82 38.79 -38.92
CA ALA E 183 -24.53 37.87 -38.06
C ALA E 183 -25.96 37.77 -38.53
N ARG E 184 -26.58 38.92 -38.84
CA ARG E 184 -27.95 38.89 -39.35
C ARG E 184 -28.07 38.16 -40.70
N LYS E 185 -27.14 38.38 -41.62
CA LYS E 185 -27.18 37.69 -42.92
C LYS E 185 -27.02 36.18 -42.77
N PHE E 186 -26.05 35.81 -41.93
CA PHE E 186 -25.80 34.42 -41.57
C PHE E 186 -27.06 33.72 -41.07
N ILE E 187 -27.76 34.39 -40.16
CA ILE E 187 -29.00 33.87 -39.58
C ILE E 187 -30.08 33.72 -40.62
N VAL E 188 -30.27 34.75 -41.43
CA VAL E 188 -31.27 34.69 -42.49
C VAL E 188 -31.01 33.54 -43.49
N GLU E 189 -29.74 33.35 -43.82
CA GLU E 189 -29.32 32.26 -44.71
C GLU E 189 -29.64 30.88 -44.13
N ALA E 190 -29.49 30.74 -42.80
CA ALA E 190 -29.78 29.49 -42.14
C ALA E 190 -31.28 29.23 -42.01
N ILE E 191 -32.07 30.29 -41.81
CA ILE E 191 -33.53 30.19 -41.76
C ILE E 191 -34.07 29.69 -43.13
N GLU E 192 -33.61 30.31 -44.20
CA GLU E 192 -33.94 29.87 -45.57
C GLU E 192 -33.46 28.47 -45.86
N ARG E 193 -32.23 28.19 -45.51
CA ARG E 193 -31.67 26.87 -45.71
C ARG E 193 -32.54 25.78 -45.07
N ALA E 194 -33.17 26.05 -43.92
CA ALA E 194 -33.97 25.04 -43.26
C ALA E 194 -35.29 24.75 -44.01
N LYS E 195 -35.72 25.68 -44.87
CA LYS E 195 -37.01 25.49 -45.59
C LYS E 195 -36.94 24.42 -46.68
N ASN F 23 -2.99 30.17 15.47
CA ASN F 23 -2.62 29.97 16.91
C ASN F 23 -3.80 29.46 17.74
N ILE F 24 -3.80 28.15 17.96
CA ILE F 24 -4.83 27.45 18.71
C ILE F 24 -4.84 27.80 20.21
N ASP F 25 -3.68 28.16 20.77
CA ASP F 25 -3.61 28.61 22.17
C ASP F 25 -4.28 29.97 22.42
N ALA F 26 -4.59 30.71 21.36
CA ALA F 26 -5.33 31.96 21.50
C ALA F 26 -6.85 31.76 21.27
N ILE F 27 -7.29 30.52 21.03
CA ILE F 27 -8.73 30.22 20.99
C ILE F 27 -9.08 29.57 22.33
N SER F 28 -9.99 30.18 23.08
CA SER F 28 -10.33 29.59 24.35
C SER F 28 -11.33 28.45 24.17
N ILE F 29 -11.50 27.69 25.23
CA ILE F 29 -12.42 26.55 25.26
C ILE F 29 -13.83 27.06 25.11
N GLY F 30 -14.08 28.23 25.66
CA GLY F 30 -15.39 28.88 25.64
C GLY F 30 -15.41 30.00 26.67
N SER F 31 -16.48 30.78 26.73
CA SER F 31 -16.62 31.84 27.75
C SER F 31 -16.95 31.24 29.11
N ASN F 32 -17.93 30.34 29.14
CA ASN F 32 -18.33 29.69 30.37
C ASN F 32 -18.55 28.19 30.16
N PRO F 33 -17.47 27.45 29.85
CA PRO F 33 -17.65 26.03 29.57
C PRO F 33 -18.13 25.34 30.82
N PRO F 34 -19.00 24.33 30.69
CA PRO F 34 -19.45 23.69 29.44
C PRO F 34 -20.74 24.24 28.85
N GLU F 35 -21.20 25.41 29.32
CA GLU F 35 -22.46 25.99 28.84
C GLU F 35 -22.30 26.45 27.38
N ASP F 36 -21.09 26.86 27.05
CA ASP F 36 -20.67 27.07 25.67
C ASP F 36 -19.29 26.52 25.46
N VAL F 37 -19.02 26.02 24.27
CA VAL F 37 -17.67 25.73 23.86
C VAL F 37 -17.45 26.21 22.43
N ASN F 38 -16.19 26.50 22.11
CA ASN F 38 -15.75 26.86 20.76
C ASN F 38 -15.34 25.65 19.99
N VAL F 39 -15.82 25.53 18.76
CA VAL F 39 -15.55 24.43 17.90
C VAL F 39 -14.80 24.97 16.69
N ILE F 40 -13.65 24.37 16.40
CA ILE F 40 -12.91 24.62 15.19
C ILE F 40 -13.42 23.69 14.12
N ILE F 41 -14.00 24.28 13.08
CA ILE F 41 -14.66 23.51 12.06
C ILE F 41 -13.67 22.83 11.12
N GLU F 42 -13.93 21.55 10.84
CA GLU F 42 -13.13 20.74 9.91
C GLU F 42 -13.85 20.49 8.61
N VAL F 43 -15.11 20.07 8.70
CA VAL F 43 -15.88 19.70 7.52
C VAL F 43 -17.28 20.34 7.66
N PRO F 44 -17.75 21.00 6.61
CA PRO F 44 -19.06 21.58 6.68
C PRO F 44 -20.18 20.58 6.46
N VAL F 45 -21.38 20.97 6.89
CA VAL F 45 -22.60 20.24 6.58
C VAL F 45 -22.69 20.14 5.07
N GLY F 46 -23.07 18.96 4.62
CA GLY F 46 -23.05 18.63 3.18
C GLY F 46 -21.73 18.20 2.61
N GLY F 47 -20.67 18.25 3.41
CA GLY F 47 -19.33 17.98 2.94
C GLY F 47 -19.02 16.50 2.74
N GLN F 48 -18.30 16.17 1.69
CA GLN F 48 -17.83 14.77 1.51
C GLN F 48 -16.85 14.44 2.66
N PRO F 49 -16.90 13.23 3.20
CA PRO F 49 -16.10 12.99 4.40
C PRO F 49 -14.59 12.85 4.21
N ILE F 50 -13.85 13.73 4.87
CA ILE F 50 -12.41 13.68 4.96
C ILE F 50 -12.10 13.83 6.42
N LYS F 51 -11.15 13.03 6.89
CA LYS F 51 -10.70 13.10 8.25
C LYS F 51 -9.36 13.84 8.35
N TYR F 52 -9.18 14.61 9.43
CA TYR F 52 -7.97 15.40 9.65
C TYR F 52 -7.38 15.13 11.03
N GLU F 53 -6.09 15.42 11.17
CA GLU F 53 -5.48 15.70 12.51
C GLU F 53 -5.05 17.19 12.55
N MET F 54 -5.33 17.88 13.65
CA MET F 54 -4.88 19.26 13.82
C MET F 54 -3.44 19.19 14.31
N ASP F 55 -2.54 19.88 13.60
CA ASP F 55 -1.16 19.92 14.00
C ASP F 55 -0.99 21.18 14.86
N LYS F 56 -0.89 20.99 16.17
CA LYS F 56 -0.91 22.11 17.10
C LYS F 56 0.22 23.10 16.84
N LYS F 57 1.41 22.64 16.47
CA LYS F 57 2.56 23.54 16.25
C LYS F 57 2.50 24.27 14.89
N ALA F 58 1.99 23.57 13.86
CA ALA F 58 1.88 24.17 12.53
C ALA F 58 0.66 25.07 12.50
N GLY F 59 -0.34 24.71 13.30
CA GLY F 59 -1.60 25.44 13.28
C GLY F 59 -2.31 25.15 11.96
N ALA F 60 -2.16 23.92 11.46
CA ALA F 60 -2.79 23.49 10.21
C ALA F 60 -3.47 22.12 10.37
N LEU F 61 -4.54 21.96 9.59
CA LEU F 61 -5.23 20.71 9.40
C LEU F 61 -4.40 19.80 8.46
N ILE F 62 -4.12 18.58 8.91
CA ILE F 62 -3.39 17.62 8.16
C ILE F 62 -4.30 16.54 7.72
N VAL F 63 -4.34 16.26 6.42
CA VAL F 63 -5.20 15.18 5.91
C VAL F 63 -4.82 13.83 6.59
N ASP F 64 -5.81 13.13 7.14
CA ASP F 64 -5.58 11.81 7.73
C ASP F 64 -6.21 10.66 6.96
N ARG F 65 -7.33 10.91 6.29
CA ARG F 65 -8.03 9.86 5.59
C ARG F 65 -9.11 10.42 4.67
N PHE F 66 -9.13 9.98 3.41
CA PHE F 66 -10.22 10.26 2.49
C PHE F 66 -11.24 9.11 2.73
N LEU F 67 -12.53 9.42 2.95
CA LEU F 67 -13.57 8.37 2.99
C LEU F 67 -14.36 8.42 1.72
N TYR F 68 -14.82 7.27 1.27
CA TYR F 68 -15.43 7.12 -0.04
C TYR F 68 -16.90 6.70 0.01
N THR F 69 -17.49 6.57 1.19
CA THR F 69 -18.95 6.32 1.22
C THR F 69 -19.68 7.50 0.52
N PRO F 70 -20.80 7.20 -0.13
CA PRO F 70 -21.57 8.23 -0.83
C PRO F 70 -22.49 8.91 0.20
N MET F 71 -21.86 9.63 1.11
CA MET F 71 -22.50 10.25 2.27
C MET F 71 -21.94 11.65 2.47
N THR F 72 -22.64 12.46 3.27
CA THR F 72 -22.23 13.83 3.51
C THR F 72 -22.51 14.14 4.99
N TYR F 73 -21.64 14.92 5.59
CA TYR F 73 -21.78 15.26 6.99
C TYR F 73 -23.15 15.89 7.27
N PRO F 74 -23.86 15.38 8.29
CA PRO F 74 -25.20 15.81 8.56
C PRO F 74 -25.28 17.11 9.42
N GLY F 75 -24.14 17.70 9.70
CA GLY F 75 -24.05 19.00 10.37
C GLY F 75 -22.61 19.47 10.18
N ASN F 76 -22.25 20.62 10.72
CA ASN F 76 -20.90 21.09 10.64
C ASN F 76 -20.09 20.42 11.71
N TYR F 77 -18.90 19.94 11.34
CA TYR F 77 -18.16 19.05 12.19
C TYR F 77 -16.80 19.61 12.53
N GLY F 78 -16.47 19.52 13.80
CA GLY F 78 -15.18 20.00 14.25
C GLY F 78 -14.80 19.52 15.63
N PHE F 79 -13.86 20.21 16.23
CA PHE F 79 -13.32 19.81 17.54
C PHE F 79 -13.10 20.97 18.48
N VAL F 80 -13.05 20.68 19.78
CA VAL F 80 -12.90 21.71 20.78
C VAL F 80 -11.43 21.68 21.25
N PRO F 81 -10.68 22.76 21.02
CA PRO F 81 -9.26 22.85 21.39
C PRO F 81 -9.08 22.76 22.92
N HIS F 82 -7.89 22.35 23.36
CA HIS F 82 -7.57 22.30 24.79
C HIS F 82 -8.46 21.34 25.56
N THR F 83 -8.86 20.25 24.90
CA THR F 83 -9.60 19.17 25.51
C THR F 83 -8.88 17.88 25.13
N LEU F 84 -9.12 16.82 25.91
CA LEU F 84 -8.49 15.53 25.66
C LEU F 84 -9.43 14.42 26.05
N SER F 85 -9.71 13.52 25.10
CA SER F 85 -10.49 12.33 25.34
C SER F 85 -9.59 11.28 25.99
N GLU F 86 -10.19 10.18 26.44
CA GLU F 86 -9.40 9.04 26.93
C GLU F 86 -8.44 8.49 25.87
N ASP F 87 -8.86 8.46 24.59
CA ASP F 87 -7.95 8.13 23.46
C ASP F 87 -6.88 9.19 23.15
N GLY F 88 -6.92 10.29 23.86
CA GLY F 88 -5.94 11.36 23.66
C GLY F 88 -6.18 12.20 22.42
N ASP F 89 -7.45 12.34 21.98
CA ASP F 89 -7.81 13.30 20.90
C ASP F 89 -8.65 14.42 21.51
N PRO F 90 -8.63 15.63 20.93
CA PRO F 90 -9.60 16.65 21.37
C PRO F 90 -10.98 16.08 21.17
N ILE F 91 -11.98 16.54 21.92
CA ILE F 91 -13.35 16.04 21.72
C ILE F 91 -13.96 16.60 20.41
N ASP F 92 -14.75 15.77 19.77
CA ASP F 92 -15.41 16.12 18.49
C ASP F 92 -16.86 16.57 18.72
N VAL F 93 -17.31 17.52 17.91
CA VAL F 93 -18.63 18.07 18.02
C VAL F 93 -19.27 18.17 16.65
N LEU F 94 -20.52 17.74 16.57
CA LEU F 94 -21.31 17.88 15.36
C LEU F 94 -22.32 19.00 15.67
N VAL F 95 -22.23 20.11 14.93
CA VAL F 95 -23.05 21.28 15.13
C VAL F 95 -24.25 21.11 14.19
N CYS F 96 -25.42 20.96 14.77
CA CYS F 96 -26.57 20.55 13.95
CA CYS F 96 -26.61 20.57 14.02
C CYS F 96 -27.37 21.73 13.43
N ASN F 97 -26.65 22.65 12.79
CA ASN F 97 -27.35 23.75 12.06
C ASN F 97 -27.48 23.37 10.57
N THR F 98 -28.05 24.24 9.75
CA THR F 98 -28.32 23.86 8.37
C THR F 98 -27.33 24.44 7.37
N ARG F 99 -26.72 25.57 7.64
CA ARG F 99 -25.84 26.13 6.64
C ARG F 99 -24.37 25.78 6.81
N PRO F 100 -23.66 25.62 5.68
CA PRO F 100 -22.25 25.25 5.80
C PRO F 100 -21.37 26.35 6.32
N LEU F 101 -20.42 25.98 7.17
CA LEU F 101 -19.46 26.89 7.75
C LEU F 101 -18.09 26.69 7.06
N ILE F 102 -17.27 27.71 7.04
CA ILE F 102 -15.94 27.63 6.42
C ILE F 102 -15.01 26.76 7.26
N PRO F 103 -14.36 25.79 6.63
CA PRO F 103 -13.38 25.00 7.36
C PRO F 103 -12.28 25.88 7.97
N GLY F 104 -11.96 25.62 9.23
CA GLY F 104 -11.01 26.37 9.97
C GLY F 104 -11.55 27.53 10.75
N CYS F 105 -12.84 27.86 10.57
CA CYS F 105 -13.42 28.90 11.40
C CYS F 105 -13.75 28.31 12.76
N VAL F 106 -14.06 29.21 13.70
CA VAL F 106 -14.46 28.89 15.04
C VAL F 106 -15.90 29.30 15.26
N ILE F 107 -16.67 28.40 15.81
CA ILE F 107 -18.09 28.73 16.17
C ILE F 107 -18.36 28.35 17.63
N ASN F 108 -18.98 29.27 18.36
CA ASN F 108 -19.39 29.05 19.71
C ASN F 108 -20.75 28.33 19.75
N VAL F 109 -20.81 27.22 20.51
CA VAL F 109 -21.98 26.38 20.50
C VAL F 109 -22.44 25.98 21.87
N ARG F 110 -23.69 25.58 21.93
CA ARG F 110 -24.28 25.03 23.13
C ARG F 110 -24.33 23.51 22.96
N PRO F 111 -23.62 22.77 23.81
CA PRO F 111 -23.76 21.29 23.83
C PRO F 111 -25.15 20.82 24.29
N ILE F 112 -25.76 19.85 23.59
CA ILE F 112 -27.07 19.38 23.96
C ILE F 112 -27.20 17.88 24.18
N GLY F 113 -26.16 17.13 23.82
CA GLY F 113 -26.21 15.70 24.01
C GLY F 113 -24.94 15.05 23.50
N VAL F 114 -24.91 13.73 23.60
CA VAL F 114 -23.73 12.97 23.20
C VAL F 114 -24.22 11.76 22.42
N LEU F 115 -23.67 11.58 21.24
CA LEU F 115 -23.88 10.38 20.45
C LEU F 115 -22.86 9.36 20.98
N VAL F 116 -23.35 8.24 21.52
CA VAL F 116 -22.49 7.26 22.20
C VAL F 116 -22.44 6.00 21.31
N MET F 117 -21.23 5.59 20.98
CA MET F 117 -21.02 4.48 20.05
C MET F 117 -19.91 3.55 20.53
N GLU F 118 -19.89 2.36 19.94
CA GLU F 118 -18.77 1.45 20.05
C GLU F 118 -18.25 1.13 18.66
N ASP F 119 -16.94 1.14 18.51
CA ASP F 119 -16.33 0.74 17.26
C ASP F 119 -15.12 -0.16 17.51
N ASN F 120 -14.32 -0.39 16.47
CA ASN F 120 -13.11 -1.25 16.58
C ASN F 120 -12.19 -0.86 17.71
N SER F 121 -12.02 0.44 17.93
CA SER F 121 -11.11 0.91 18.97
C SER F 121 -11.76 1.09 20.37
N GLY F 122 -13.03 0.74 20.52
CA GLY F 122 -13.71 0.80 21.81
C GLY F 122 -14.83 1.84 21.83
N LYS F 123 -14.95 2.56 22.94
CA LYS F 123 -15.99 3.57 23.09
C LYS F 123 -15.71 4.76 22.19
N ASP F 124 -16.75 5.33 21.60
CA ASP F 124 -16.54 6.52 20.79
C ASP F 124 -17.75 7.42 20.97
N GLU F 125 -17.49 8.66 21.33
CA GLU F 125 -18.49 9.59 21.78
C GLU F 125 -18.26 10.93 21.08
N LYS F 126 -19.37 11.45 20.54
CA LYS F 126 -19.39 12.73 19.82
C LYS F 126 -20.50 13.64 20.39
N ILE F 127 -20.11 14.83 20.74
CA ILE F 127 -21.01 15.86 21.29
C ILE F 127 -21.89 16.38 20.14
N ILE F 128 -23.19 16.51 20.39
CA ILE F 128 -24.11 17.18 19.50
C ILE F 128 -24.37 18.56 20.09
N ALA F 129 -24.37 19.60 19.24
CA ALA F 129 -24.49 20.96 19.69
C ALA F 129 -25.26 21.80 18.67
N VAL F 130 -25.80 22.92 19.16
CA VAL F 130 -26.37 23.93 18.31
C VAL F 130 -25.62 25.26 18.51
N PRO F 131 -25.65 26.14 17.51
CA PRO F 131 -25.07 27.47 17.68
C PRO F 131 -25.59 28.16 18.94
N SER F 132 -24.71 28.86 19.61
CA SER F 132 -25.04 29.53 20.81
C SER F 132 -26.00 30.68 20.49
N PRO F 133 -26.79 31.08 21.49
CA PRO F 133 -27.90 31.98 21.22
C PRO F 133 -27.51 33.42 20.90
N HIS F 134 -26.25 33.83 21.11
CA HIS F 134 -25.82 35.16 20.66
C HIS F 134 -25.48 35.20 19.13
N LEU F 135 -25.44 34.04 18.48
CA LEU F 135 -25.19 33.97 17.04
C LEU F 135 -26.47 33.93 16.21
N THR F 136 -27.54 33.42 16.82
CA THR F 136 -28.81 33.20 16.15
C THR F 136 -29.86 32.85 17.22
N ARG F 137 -31.11 33.18 16.94
CA ARG F 137 -32.24 32.79 17.84
C ARG F 137 -32.88 31.49 17.42
N ARG F 138 -32.42 30.91 16.30
CA ARG F 138 -33.14 29.78 15.74
C ARG F 138 -33.15 28.58 16.70
N TYR F 139 -32.09 28.43 17.49
CA TYR F 139 -31.90 27.28 18.37
C TYR F 139 -32.03 27.63 19.86
N GLU F 140 -32.62 28.78 20.18
CA GLU F 140 -32.56 29.22 21.55
C GLU F 140 -33.36 28.33 22.50
N LYS F 141 -34.36 27.62 22.01
CA LYS F 141 -35.13 26.66 22.86
C LYS F 141 -34.65 25.23 22.84
N ILE F 142 -33.52 24.99 22.19
CA ILE F 142 -32.99 23.64 22.08
C ILE F 142 -31.92 23.52 23.16
N HIS F 143 -32.21 22.72 24.18
CA HIS F 143 -31.22 22.50 25.25
C HIS F 143 -30.74 21.05 25.41
N ASP F 144 -31.53 20.11 24.93
CA ASP F 144 -31.27 18.68 25.03
C ASP F 144 -31.43 18.07 23.65
N TYR F 145 -30.77 16.93 23.40
CA TYR F 145 -30.90 16.24 22.09
C TYR F 145 -32.36 15.87 21.75
N THR F 146 -33.17 15.61 22.79
CA THR F 146 -34.59 15.31 22.58
C THR F 146 -35.43 16.53 22.11
N ASP F 147 -34.86 17.74 22.18
CA ASP F 147 -35.55 18.92 21.67
C ASP F 147 -35.44 18.96 20.13
N MET F 148 -34.48 18.23 19.55
CA MET F 148 -34.30 18.19 18.08
C MET F 148 -35.35 17.35 17.39
N PRO F 149 -35.63 17.62 16.11
CA PRO F 149 -36.49 16.68 15.41
C PRO F 149 -35.89 15.30 15.42
N GLU F 150 -36.72 14.31 15.66
CA GLU F 150 -36.27 12.91 15.73
C GLU F 150 -35.53 12.52 14.44
N ILE F 151 -35.99 13.01 13.30
CA ILE F 151 -35.29 12.72 12.04
C ILE F 151 -33.81 13.18 12.02
N THR F 152 -33.54 14.35 12.61
CA THR F 152 -32.18 14.90 12.63
C THR F 152 -31.28 13.99 13.44
N LEU F 153 -31.81 13.47 14.56
CA LEU F 153 -31.06 12.55 15.40
C LEU F 153 -30.77 11.24 14.64
N LYS F 154 -31.74 10.77 13.87
CA LYS F 154 -31.56 9.56 13.09
C LYS F 154 -30.56 9.75 11.98
N GLN F 155 -30.53 10.92 11.36
CA GLN F 155 -29.56 11.26 10.31
C GLN F 155 -28.14 11.26 10.84
N ILE F 156 -27.98 11.84 12.03
CA ILE F 156 -26.71 11.94 12.68
C ILE F 156 -26.18 10.53 13.01
N ALA F 157 -27.01 9.71 13.63
CA ALA F 157 -26.64 8.32 13.95
C ALA F 157 -26.29 7.54 12.68
N HIS F 158 -27.11 7.71 11.63
CA HIS F 158 -26.91 6.98 10.41
C HIS F 158 -25.54 7.31 9.81
N PHE F 159 -25.19 8.59 9.79
CA PHE F 159 -23.95 8.96 9.19
C PHE F 159 -22.78 8.28 9.93
N PHE F 160 -22.74 8.42 11.25
CA PHE F 160 -21.58 7.91 12.02
C PHE F 160 -21.56 6.39 12.07
N GLU F 161 -22.72 5.78 11.91
CA GLU F 161 -22.82 4.33 11.80
C GLU F 161 -22.24 3.76 10.52
N HIS F 162 -22.35 4.51 9.44
CA HIS F 162 -22.13 3.97 8.09
C HIS F 162 -21.00 4.59 7.28
N TYR F 163 -20.50 5.75 7.70
CA TYR F 163 -19.57 6.49 6.84
C TYR F 163 -18.22 5.80 6.68
N LYS F 164 -17.86 4.90 7.59
CA LYS F 164 -16.64 4.11 7.46
C LYS F 164 -16.85 2.72 6.82
N ASP F 165 -18.03 2.48 6.26
CA ASP F 165 -18.42 1.18 5.70
C ASP F 165 -17.50 0.72 4.55
N LEU F 166 -16.86 1.61 3.81
CA LEU F 166 -16.00 1.18 2.73
C LEU F 166 -14.56 0.93 3.23
N GLU F 167 -14.28 1.18 4.50
CA GLU F 167 -12.94 0.96 5.08
C GLU F 167 -12.92 -0.48 5.56
N PRO F 168 -11.93 -1.27 5.14
CA PRO F 168 -11.97 -2.71 5.44
C PRO F 168 -11.98 -3.01 6.91
N GLY F 169 -13.01 -3.72 7.34
CA GLY F 169 -13.14 -4.18 8.71
C GLY F 169 -13.66 -3.18 9.73
N LYS F 170 -13.96 -1.95 9.32
CA LYS F 170 -14.43 -0.93 10.27
C LYS F 170 -15.91 -1.15 10.56
N TRP F 171 -16.25 -1.23 11.86
CA TRP F 171 -17.62 -1.38 12.29
C TRP F 171 -17.96 -0.38 13.40
N VAL F 172 -19.27 -0.09 13.51
CA VAL F 172 -19.77 0.85 14.47
C VAL F 172 -21.10 0.34 14.98
N LYS F 173 -21.30 0.40 16.30
CA LYS F 173 -22.60 0.16 16.88
C LYS F 173 -23.06 1.39 17.66
N ILE F 174 -24.25 1.85 17.36
CA ILE F 174 -24.78 3.05 17.99
C ILE F 174 -25.40 2.64 19.33
N GLY F 175 -25.02 3.34 20.39
CA GLY F 175 -25.54 3.11 21.73
C GLY F 175 -26.60 4.13 22.12
N ASP F 176 -26.85 4.26 23.42
CA ASP F 176 -27.90 5.16 23.92
C ASP F 176 -27.35 6.58 23.95
N TRP F 177 -28.16 7.54 23.49
CA TRP F 177 -27.77 8.95 23.54
C TRP F 177 -27.58 9.45 24.98
N GLY F 178 -26.61 10.32 25.18
CA GLY F 178 -26.40 11.01 26.43
C GLY F 178 -27.12 12.34 26.38
N ASP F 179 -27.74 12.70 27.49
CA ASP F 179 -28.50 13.99 27.53
C ASP F 179 -27.60 15.15 27.83
N GLU F 180 -28.22 16.33 27.92
CA GLU F 180 -27.50 17.54 28.14
C GLU F 180 -26.70 17.55 29.43
N ASP F 181 -27.15 16.87 30.47
CA ASP F 181 -26.33 16.77 31.70
C ASP F 181 -25.09 15.93 31.45
N TYR F 182 -25.29 14.79 30.81
CA TYR F 182 -24.16 13.92 30.40
C TYR F 182 -23.16 14.67 29.52
N ALA F 183 -23.66 15.45 28.55
CA ALA F 183 -22.79 16.25 27.66
C ALA F 183 -21.88 17.19 28.44
N ARG F 184 -22.44 17.87 29.43
CA ARG F 184 -21.67 18.80 30.20
C ARG F 184 -20.63 18.08 31.07
N LYS F 185 -21.02 16.96 31.69
CA LYS F 185 -20.04 16.15 32.46
C LYS F 185 -18.86 15.70 31.58
N PHE F 186 -19.20 15.19 30.40
CA PHE F 186 -18.21 14.70 29.43
C PHE F 186 -17.20 15.78 29.03
N ILE F 187 -17.70 16.97 28.71
CA ILE F 187 -16.85 18.06 28.35
C ILE F 187 -15.94 18.46 29.51
N VAL F 188 -16.51 18.60 30.70
CA VAL F 188 -15.68 18.96 31.87
C VAL F 188 -14.60 17.93 32.14
N GLU F 189 -14.90 16.66 31.99
CA GLU F 189 -13.84 15.63 32.15
C GLU F 189 -12.72 15.79 31.13
N ALA F 190 -13.06 16.18 29.90
CA ALA F 190 -12.06 16.28 28.84
C ALA F 190 -11.22 17.52 29.01
N ILE F 191 -11.79 18.57 29.56
CA ILE F 191 -11.05 19.78 29.89
C ILE F 191 -10.00 19.54 31.00
N GLU F 192 -10.42 18.81 32.02
CA GLU F 192 -9.52 18.38 33.11
C GLU F 192 -8.47 17.44 32.61
N ARG F 193 -8.87 16.52 31.75
CA ARG F 193 -7.95 15.55 31.26
C ARG F 193 -6.82 16.26 30.48
N ALA F 194 -7.11 17.39 29.85
CA ALA F 194 -6.14 18.11 29.03
C ALA F 194 -5.13 18.87 29.87
N LYS F 195 -5.53 19.32 31.07
CA LYS F 195 -4.66 20.14 31.95
C LYS F 195 -3.36 19.45 32.40
N MET G 22 31.47 -38.11 -15.54
CA MET G 22 32.00 -39.35 -14.86
C MET G 22 31.64 -40.63 -15.65
N ASN G 23 32.54 -41.63 -15.60
CA ASN G 23 32.34 -42.90 -16.29
C ASN G 23 31.53 -43.89 -15.42
N ILE G 24 30.21 -43.88 -15.60
CA ILE G 24 29.31 -44.80 -14.90
C ILE G 24 29.58 -46.29 -15.19
N ASP G 25 30.22 -46.60 -16.32
CA ASP G 25 30.66 -47.99 -16.62
C ASP G 25 31.79 -48.47 -15.72
N ALA G 26 32.56 -47.54 -15.16
CA ALA G 26 33.54 -47.87 -14.13
C ALA G 26 32.91 -48.24 -12.76
N ILE G 27 31.65 -47.89 -12.52
CA ILE G 27 30.98 -48.19 -11.23
C ILE G 27 30.22 -49.50 -11.31
N SER G 28 30.61 -50.46 -10.46
CA SER G 28 29.99 -51.79 -10.47
C SER G 28 28.60 -51.81 -9.81
N ILE G 29 27.83 -52.84 -10.13
CA ILE G 29 26.52 -53.00 -9.50
C ILE G 29 26.72 -53.22 -7.99
N GLY G 30 27.81 -53.88 -7.61
CA GLY G 30 28.06 -54.29 -6.23
C GLY G 30 29.22 -55.27 -6.10
N SER G 31 29.64 -55.54 -4.88
CA SER G 31 30.56 -56.64 -4.58
C SER G 31 29.89 -57.97 -4.86
N ASN G 32 28.74 -58.22 -4.22
CA ASN G 32 27.96 -59.45 -4.40
C ASN G 32 26.47 -59.15 -4.51
N PRO G 33 26.06 -58.57 -5.63
CA PRO G 33 24.67 -58.19 -5.76
C PRO G 33 23.77 -59.44 -5.74
N PRO G 34 22.60 -59.38 -5.10
CA PRO G 34 21.95 -58.23 -4.50
C PRO G 34 22.19 -58.12 -3.02
N GLU G 35 23.26 -58.71 -2.50
CA GLU G 35 23.49 -58.58 -1.08
C GLU G 35 23.83 -57.12 -0.77
N ASP G 36 24.74 -56.58 -1.56
CA ASP G 36 25.03 -55.16 -1.49
C ASP G 36 24.85 -54.60 -2.90
N VAL G 37 24.42 -53.34 -2.98
CA VAL G 37 24.46 -52.63 -4.25
C VAL G 37 25.10 -51.23 -4.08
N ASN G 38 25.66 -50.72 -5.17
CA ASN G 38 26.12 -49.34 -5.24
C ASN G 38 25.04 -48.39 -5.74
N VAL G 39 24.81 -47.34 -4.95
CA VAL G 39 23.81 -46.33 -5.27
C VAL G 39 24.54 -45.02 -5.60
N ILE G 40 24.20 -44.46 -6.75
CA ILE G 40 24.68 -43.14 -7.15
C ILE G 40 23.65 -42.15 -6.69
N ILE G 41 24.07 -41.22 -5.83
CA ILE G 41 23.14 -40.39 -5.14
C ILE G 41 22.70 -39.22 -6.06
N GLU G 42 21.41 -38.95 -6.06
CA GLU G 42 20.81 -37.81 -6.79
C GLU G 42 20.38 -36.67 -5.88
N VAL G 43 19.68 -36.96 -4.81
CA VAL G 43 19.17 -35.95 -3.91
C VAL G 43 19.46 -36.42 -2.50
N PRO G 44 19.93 -35.51 -1.64
CA PRO G 44 20.16 -35.86 -0.26
C PRO G 44 18.91 -35.83 0.58
N VAL G 45 18.98 -36.49 1.72
CA VAL G 45 17.97 -36.40 2.73
C VAL G 45 17.77 -34.91 3.08
N GLY G 46 16.50 -34.53 3.24
CA GLY G 46 16.06 -33.14 3.45
C GLY G 46 15.97 -32.27 2.19
N GLY G 47 16.31 -32.84 1.04
CA GLY G 47 16.34 -32.14 -0.26
C GLY G 47 14.94 -31.83 -0.77
N GLN G 48 14.85 -30.79 -1.58
CA GLN G 48 13.57 -30.44 -2.16
C GLN G 48 13.22 -31.39 -3.25
N PRO G 49 11.93 -31.62 -3.49
CA PRO G 49 11.68 -32.59 -4.58
C PRO G 49 11.95 -31.96 -5.96
N ILE G 50 12.94 -32.50 -6.65
CA ILE G 50 13.30 -32.27 -8.06
C ILE G 50 13.62 -33.62 -8.66
N LYS G 51 13.05 -33.96 -9.81
CA LYS G 51 13.41 -35.18 -10.55
C LYS G 51 14.53 -34.92 -11.58
N TYR G 52 15.40 -35.93 -11.75
CA TYR G 52 16.56 -35.92 -12.67
C TYR G 52 16.52 -37.14 -13.63
N GLU G 53 17.19 -36.98 -14.78
CA GLU G 53 17.63 -38.13 -15.58
C GLU G 53 19.17 -38.06 -15.56
N MET G 54 19.85 -39.20 -15.41
CA MET G 54 21.31 -39.22 -15.52
C MET G 54 21.59 -39.42 -16.97
N ASP G 55 22.33 -38.49 -17.56
CA ASP G 55 22.76 -38.67 -18.93
C ASP G 55 24.01 -39.55 -18.86
N LYS G 56 23.91 -40.79 -19.37
CA LYS G 56 25.03 -41.74 -19.26
C LYS G 56 26.26 -41.23 -20.02
N LYS G 57 26.11 -40.73 -21.25
CA LYS G 57 27.26 -40.21 -22.01
C LYS G 57 27.89 -38.98 -21.36
N ALA G 58 27.06 -38.16 -20.72
CA ALA G 58 27.50 -36.90 -20.16
C ALA G 58 28.06 -37.13 -18.77
N GLY G 59 27.57 -38.17 -18.09
CA GLY G 59 27.89 -38.37 -16.68
C GLY G 59 27.49 -37.16 -15.85
N ALA G 60 26.28 -36.64 -16.13
CA ALA G 60 25.75 -35.44 -15.49
C ALA G 60 24.26 -35.60 -15.17
N LEU G 61 23.86 -35.06 -14.04
CA LEU G 61 22.49 -35.02 -13.62
C LEU G 61 21.76 -33.94 -14.40
N ILE G 62 20.67 -34.30 -15.08
CA ILE G 62 19.84 -33.41 -15.88
C ILE G 62 18.52 -33.16 -15.21
N VAL G 63 18.17 -31.88 -15.01
CA VAL G 63 16.89 -31.55 -14.40
C VAL G 63 15.78 -32.11 -15.29
N ASP G 64 14.83 -32.80 -14.66
CA ASP G 64 13.77 -33.45 -15.43
C ASP G 64 12.41 -32.85 -15.05
N ARG G 65 12.21 -32.50 -13.78
CA ARG G 65 11.01 -31.84 -13.37
C ARG G 65 11.16 -31.22 -11.99
N PHE G 66 10.63 -30.00 -11.83
CA PHE G 66 10.44 -29.35 -10.54
C PHE G 66 9.11 -29.73 -9.96
N LEU G 67 9.10 -30.25 -8.73
CA LEU G 67 7.85 -30.50 -8.04
C LEU G 67 7.63 -29.46 -7.00
N TYR G 68 6.36 -29.18 -6.70
CA TYR G 68 6.00 -28.07 -5.87
C TYR G 68 5.35 -28.41 -4.53
N THR G 69 5.27 -29.69 -4.13
CA THR G 69 4.69 -30.00 -2.84
C THR G 69 5.64 -29.54 -1.75
N PRO G 70 5.12 -29.16 -0.57
CA PRO G 70 6.04 -28.68 0.48
C PRO G 70 6.61 -29.86 1.28
N MET G 71 7.45 -30.62 0.63
CA MET G 71 8.01 -31.90 1.15
C MET G 71 9.54 -31.94 0.98
N THR G 72 10.19 -32.85 1.72
CA THR G 72 11.59 -33.07 1.66
C THR G 72 11.86 -34.57 1.60
N TYR G 73 12.87 -34.96 0.85
CA TYR G 73 13.25 -36.39 0.80
C TYR G 73 13.57 -36.95 2.18
N PRO G 74 12.96 -38.12 2.52
CA PRO G 74 13.11 -38.69 3.83
C PRO G 74 14.37 -39.54 4.00
N GLY G 75 15.21 -39.68 2.98
CA GLY G 75 16.52 -40.36 3.06
C GLY G 75 17.30 -39.86 1.87
N ASN G 76 18.51 -40.36 1.67
CA ASN G 76 19.30 -40.03 0.54
C ASN G 76 18.83 -40.88 -0.63
N TYR G 77 18.70 -40.27 -1.81
CA TYR G 77 17.98 -40.94 -2.89
C TYR G 77 18.81 -41.06 -4.12
N GLY G 78 18.76 -42.23 -4.76
CA GLY G 78 19.56 -42.44 -5.94
C GLY G 78 19.28 -43.71 -6.73
N PHE G 79 20.17 -44.09 -7.62
CA PHE G 79 19.88 -45.23 -8.46
C PHE G 79 21.06 -46.16 -8.53
N VAL G 80 20.76 -47.40 -8.90
CA VAL G 80 21.80 -48.40 -9.07
C VAL G 80 22.08 -48.50 -10.56
N PRO G 81 23.35 -48.30 -10.98
CA PRO G 81 23.71 -48.42 -12.38
C PRO G 81 23.66 -49.87 -12.91
N HIS G 82 23.57 -50.00 -14.23
CA HIS G 82 23.57 -51.29 -14.92
C HIS G 82 22.41 -52.19 -14.47
N THR G 83 21.25 -51.57 -14.22
CA THR G 83 20.03 -52.27 -13.86
C THR G 83 18.91 -51.65 -14.65
N LEU G 84 17.81 -52.38 -14.79
CA LEU G 84 16.70 -51.93 -15.62
C LEU G 84 15.35 -52.41 -15.12
N SER G 85 14.45 -51.47 -14.93
CA SER G 85 13.09 -51.78 -14.54
C SER G 85 12.32 -52.14 -15.78
N GLU G 86 11.05 -52.50 -15.57
CA GLU G 86 10.13 -52.76 -16.66
C GLU G 86 9.84 -51.45 -17.40
N ASP G 87 9.82 -50.35 -16.65
CA ASP G 87 9.69 -49.02 -17.25
C ASP G 87 10.96 -48.52 -17.95
N GLY G 88 12.00 -49.35 -18.04
CA GLY G 88 13.20 -49.01 -18.79
C GLY G 88 14.27 -48.14 -18.13
N ASP G 89 14.15 -47.90 -16.83
CA ASP G 89 15.10 -47.02 -16.07
C ASP G 89 15.86 -47.82 -15.04
N PRO G 90 17.05 -47.35 -14.64
CA PRO G 90 17.68 -47.99 -13.49
C PRO G 90 16.79 -47.97 -12.28
N ILE G 91 17.01 -48.94 -11.41
CA ILE G 91 16.19 -49.05 -10.23
C ILE G 91 16.60 -47.97 -9.22
N ASP G 92 15.62 -47.51 -8.45
CA ASP G 92 15.77 -46.43 -7.48
C ASP G 92 15.90 -46.96 -6.04
N VAL G 93 16.70 -46.27 -5.23
CA VAL G 93 17.00 -46.67 -3.87
C VAL G 93 16.92 -45.47 -2.97
N LEU G 94 16.17 -45.63 -1.88
CA LEU G 94 16.16 -44.71 -0.77
C LEU G 94 17.06 -45.27 0.34
N VAL G 95 18.15 -44.56 0.65
CA VAL G 95 19.13 -44.96 1.68
C VAL G 95 18.64 -44.30 2.95
N CYS G 96 18.21 -45.11 3.93
CA CYS G 96 17.57 -44.55 5.08
CA CYS G 96 17.57 -44.60 5.11
C CYS G 96 18.56 -44.35 6.24
N ASN G 97 19.61 -43.62 5.94
CA ASN G 97 20.46 -43.07 6.96
C ASN G 97 20.01 -41.63 7.30
N THR G 98 20.78 -40.92 8.12
CA THR G 98 20.35 -39.60 8.59
C THR G 98 21.18 -38.46 8.02
N ARG G 99 22.47 -38.66 7.77
CA ARG G 99 23.32 -37.53 7.28
C ARG G 99 23.21 -37.34 5.78
N PRO G 100 23.20 -36.07 5.33
CA PRO G 100 23.10 -35.83 3.90
C PRO G 100 24.32 -36.31 3.17
N LEU G 101 24.15 -36.87 1.99
CA LEU G 101 25.26 -37.26 1.13
C LEU G 101 25.35 -36.32 -0.07
N ILE G 102 26.52 -36.27 -0.70
CA ILE G 102 26.73 -35.40 -1.86
C ILE G 102 26.10 -36.00 -3.13
N PRO G 103 25.38 -35.18 -3.90
CA PRO G 103 24.89 -35.68 -5.21
C PRO G 103 26.02 -36.15 -6.08
N GLY G 104 25.88 -37.30 -6.72
CA GLY G 104 26.94 -37.78 -7.58
C GLY G 104 27.96 -38.68 -6.91
N CYS G 105 27.98 -38.75 -5.57
CA CYS G 105 28.84 -39.76 -4.90
C CYS G 105 28.21 -41.15 -5.04
N VAL G 106 29.01 -42.17 -4.70
CA VAL G 106 28.53 -43.55 -4.65
C VAL G 106 28.61 -44.09 -3.22
N ILE G 107 27.51 -44.71 -2.78
CA ILE G 107 27.47 -45.36 -1.48
C ILE G 107 27.04 -46.83 -1.66
N ASN G 108 27.81 -47.73 -1.03
CA ASN G 108 27.48 -49.17 -1.02
C ASN G 108 26.46 -49.42 0.08
N VAL G 109 25.36 -50.07 -0.26
CA VAL G 109 24.32 -50.31 0.70
C VAL G 109 23.80 -51.76 0.70
N ARG G 110 23.08 -52.09 1.75
CA ARG G 110 22.37 -53.38 1.91
CA ARG G 110 22.38 -53.36 1.82
C ARG G 110 20.89 -53.15 1.65
N PRO G 111 20.32 -53.70 0.58
CA PRO G 111 18.87 -53.67 0.44
C PRO G 111 18.15 -54.42 1.58
N ILE G 112 17.09 -53.83 2.12
CA ILE G 112 16.34 -54.43 3.23
C ILE G 112 14.85 -54.55 2.97
N GLY G 113 14.37 -53.99 1.87
CA GLY G 113 12.94 -53.99 1.60
C GLY G 113 12.58 -53.23 0.33
N VAL G 114 11.29 -53.24 0.02
CA VAL G 114 10.75 -52.48 -1.12
C VAL G 114 9.45 -51.80 -0.79
N LEU G 115 9.40 -50.50 -1.06
CA LEU G 115 8.18 -49.76 -0.92
C LEU G 115 7.47 -50.05 -2.22
N VAL G 116 6.34 -50.73 -2.14
CA VAL G 116 5.59 -51.13 -3.34
C VAL G 116 4.36 -50.28 -3.46
N MET G 117 4.24 -49.56 -4.55
CA MET G 117 3.10 -48.66 -4.73
C MET G 117 2.35 -48.93 -6.02
N GLU G 118 1.06 -48.67 -5.98
CA GLU G 118 0.23 -48.64 -7.20
C GLU G 118 0.03 -47.17 -7.53
N ASP G 119 0.44 -46.74 -8.71
CA ASP G 119 0.15 -45.37 -9.11
C ASP G 119 -0.63 -45.32 -10.42
N ASN G 120 -0.83 -44.10 -10.91
CA ASN G 120 -1.26 -43.83 -12.28
C ASN G 120 -0.59 -44.69 -13.38
N SER G 121 0.70 -45.03 -13.20
CA SER G 121 1.47 -45.85 -14.17
C SER G 121 1.35 -47.38 -13.95
N GLY G 122 0.53 -47.79 -12.99
CA GLY G 122 0.49 -49.19 -12.52
C GLY G 122 1.30 -49.37 -11.24
N LYS G 123 2.39 -50.13 -11.31
CA LYS G 123 3.16 -50.52 -10.13
C LYS G 123 4.48 -49.78 -10.08
N ASP G 124 4.76 -49.14 -8.95
CA ASP G 124 6.01 -48.42 -8.77
C ASP G 124 6.69 -48.83 -7.45
N GLU G 125 7.97 -49.14 -7.55
CA GLU G 125 8.71 -49.84 -6.50
C GLU G 125 10.05 -49.14 -6.24
N LYS G 126 10.27 -48.80 -4.96
CA LYS G 126 11.55 -48.19 -4.51
C LYS G 126 12.21 -49.06 -3.45
N ILE G 127 13.44 -49.44 -3.73
CA ILE G 127 14.25 -50.21 -2.80
C ILE G 127 14.62 -49.33 -1.59
N ILE G 128 14.55 -49.92 -0.41
CA ILE G 128 14.95 -49.27 0.85
C ILE G 128 16.22 -49.98 1.24
N ALA G 129 17.23 -49.22 1.68
CA ALA G 129 18.54 -49.78 1.96
C ALA G 129 19.22 -49.01 3.08
N VAL G 130 20.18 -49.67 3.71
CA VAL G 130 21.02 -49.03 4.74
C VAL G 130 22.47 -49.08 4.29
N PRO G 131 23.30 -48.12 4.75
CA PRO G 131 24.71 -48.19 4.43
C PRO G 131 25.27 -49.56 4.81
N SER G 132 26.18 -50.08 4.00
CA SER G 132 26.74 -51.43 4.23
C SER G 132 27.68 -51.39 5.47
N PRO G 133 27.84 -52.55 6.16
CA PRO G 133 28.53 -52.53 7.44
C PRO G 133 30.00 -52.25 7.40
N HIS G 134 30.65 -52.29 6.26
CA HIS G 134 32.04 -51.82 6.23
C HIS G 134 32.16 -50.28 6.25
N LEU G 135 31.03 -49.57 6.19
CA LEU G 135 31.01 -48.09 6.21
C LEU G 135 30.72 -47.52 7.60
N THR G 136 30.01 -48.27 8.43
CA THR G 136 29.58 -47.81 9.74
C THR G 136 29.09 -49.06 10.46
N ARG G 137 29.13 -49.08 11.79
CA ARG G 137 28.42 -50.12 12.59
C ARG G 137 26.94 -49.82 12.85
N ARG G 138 26.46 -48.60 12.52
CA ARG G 138 25.17 -48.19 13.02
C ARG G 138 24.00 -49.02 12.53
N TYR G 139 24.11 -49.60 11.34
CA TYR G 139 22.97 -50.29 10.70
C TYR G 139 23.21 -51.80 10.67
N GLU G 140 24.23 -52.31 11.36
CA GLU G 140 24.62 -53.71 11.09
C GLU G 140 23.54 -54.71 11.56
N LYS G 141 22.69 -54.35 12.52
CA LYS G 141 21.57 -55.23 12.89
C LYS G 141 20.29 -55.12 12.02
N ILE G 142 20.31 -54.27 11.00
CA ILE G 142 19.10 -53.99 10.23
C ILE G 142 19.18 -54.79 8.96
N HIS G 143 18.35 -55.83 8.82
CA HIS G 143 18.40 -56.69 7.62
C HIS G 143 17.10 -56.67 6.82
N ASP G 144 16.05 -56.23 7.45
CA ASP G 144 14.75 -56.19 6.85
C ASP G 144 14.08 -54.88 7.21
N TYR G 145 13.10 -54.49 6.42
CA TYR G 145 12.48 -53.20 6.64
C TYR G 145 11.74 -53.13 7.97
N THR G 146 11.28 -54.29 8.45
CA THR G 146 10.70 -54.38 9.77
C THR G 146 11.67 -54.12 10.91
N ASP G 147 12.97 -54.17 10.65
CA ASP G 147 14.00 -53.79 11.63
C ASP G 147 14.08 -52.28 11.87
N MET G 148 13.53 -51.47 10.95
CA MET G 148 13.59 -50.00 11.05
C MET G 148 12.49 -49.49 11.97
N PRO G 149 12.65 -48.32 12.55
CA PRO G 149 11.60 -47.68 13.32
C PRO G 149 10.36 -47.39 12.48
N GLU G 150 9.21 -47.54 13.12
CA GLU G 150 7.94 -47.35 12.46
C GLU G 150 7.83 -45.92 11.92
N ILE G 151 8.29 -44.91 12.66
CA ILE G 151 8.17 -43.53 12.17
C ILE G 151 8.94 -43.43 10.85
N THR G 152 10.11 -44.07 10.76
CA THR G 152 10.94 -43.94 9.55
C THR G 152 10.23 -44.54 8.35
N LEU G 153 9.63 -45.73 8.51
CA LEU G 153 8.96 -46.39 7.38
C LEU G 153 7.79 -45.54 6.94
N LYS G 154 7.05 -45.03 7.89
CA LYS G 154 5.91 -44.17 7.62
C LYS G 154 6.28 -42.87 6.93
N GLN G 155 7.41 -42.28 7.32
CA GLN G 155 7.90 -41.08 6.63
C GLN G 155 8.24 -41.36 5.16
N ILE G 156 8.84 -42.51 4.90
CA ILE G 156 9.26 -42.85 3.55
C ILE G 156 8.05 -43.08 2.66
N ALA G 157 7.12 -43.85 3.18
CA ALA G 157 5.82 -44.06 2.52
C ALA G 157 5.07 -42.75 2.27
N HIS G 158 5.04 -41.85 3.24
CA HIS G 158 4.31 -40.62 3.12
C HIS G 158 4.90 -39.74 2.03
N PHE G 159 6.21 -39.63 2.00
CA PHE G 159 6.84 -38.84 0.94
C PHE G 159 6.50 -39.33 -0.46
N PHE G 160 6.68 -40.62 -0.71
CA PHE G 160 6.49 -41.14 -2.04
C PHE G 160 5.01 -41.20 -2.38
N GLU G 161 4.17 -41.33 -1.38
CA GLU G 161 2.73 -41.26 -1.57
C GLU G 161 2.24 -39.86 -2.02
N HIS G 162 2.91 -38.80 -1.57
CA HIS G 162 2.35 -37.49 -1.69
C HIS G 162 3.14 -36.45 -2.52
N TYR G 163 4.42 -36.67 -2.78
CA TYR G 163 5.24 -35.59 -3.32
C TYR G 163 4.81 -35.14 -4.73
N LYS G 164 4.15 -36.04 -5.45
CA LYS G 164 3.63 -35.71 -6.77
C LYS G 164 2.18 -35.32 -6.73
N ASP G 165 1.65 -35.05 -5.56
CA ASP G 165 0.25 -34.70 -5.44
C ASP G 165 -0.20 -33.46 -6.24
N LEU G 166 0.68 -32.50 -6.42
CA LEU G 166 0.32 -31.29 -7.17
C LEU G 166 0.58 -31.39 -8.71
N GLU G 167 1.00 -32.55 -9.18
CA GLU G 167 1.11 -32.83 -10.59
C GLU G 167 -0.20 -33.48 -11.08
N PRO G 168 -0.75 -33.02 -12.22
CA PRO G 168 -2.00 -33.57 -12.77
C PRO G 168 -2.00 -35.05 -13.10
N GLY G 169 -3.09 -35.76 -12.80
CA GLY G 169 -3.19 -37.17 -13.17
C GLY G 169 -2.46 -38.14 -12.23
N LYS G 170 -1.32 -37.68 -11.69
CA LYS G 170 -0.45 -38.49 -10.83
C LYS G 170 -1.09 -38.76 -9.46
N TRP G 171 -1.40 -40.04 -9.21
CA TRP G 171 -1.87 -40.53 -7.92
C TRP G 171 -0.99 -41.72 -7.53
N VAL G 172 -0.96 -42.03 -6.23
CA VAL G 172 -0.21 -43.19 -5.69
C VAL G 172 -0.99 -43.79 -4.51
N LYS G 173 -0.90 -45.10 -4.37
CA LYS G 173 -1.37 -45.84 -3.18
C LYS G 173 -0.23 -46.78 -2.75
N ILE G 174 0.00 -46.85 -1.46
CA ILE G 174 1.13 -47.61 -0.92
C ILE G 174 0.61 -49.00 -0.72
N GLY G 175 1.24 -49.97 -1.37
CA GLY G 175 0.91 -51.39 -1.16
C GLY G 175 1.70 -52.01 0.00
N ASP G 176 1.60 -53.33 0.13
CA ASP G 176 2.34 -54.02 1.18
C ASP G 176 3.85 -53.90 0.90
N TRP G 177 4.61 -53.40 1.86
CA TRP G 177 6.06 -53.42 1.75
C TRP G 177 6.55 -54.81 1.38
N GLY G 178 7.53 -54.90 0.48
CA GLY G 178 8.24 -56.15 0.22
C GLY G 178 9.45 -56.31 1.16
N ASP G 179 9.78 -57.56 1.51
CA ASP G 179 10.84 -57.81 2.51
C ASP G 179 12.19 -57.96 1.87
N GLU G 180 13.21 -58.23 2.67
CA GLU G 180 14.57 -58.31 2.14
C GLU G 180 14.75 -59.30 1.03
N ASP G 181 14.05 -60.44 1.11
CA ASP G 181 14.20 -61.45 0.09
C ASP G 181 13.54 -60.97 -1.20
N TYR G 182 12.37 -60.34 -1.06
CA TYR G 182 11.72 -59.73 -2.22
C TYR G 182 12.61 -58.66 -2.86
N ALA G 183 13.17 -57.78 -2.03
CA ALA G 183 14.13 -56.78 -2.52
C ALA G 183 15.25 -57.42 -3.33
N ARG G 184 15.83 -58.49 -2.83
CA ARG G 184 16.95 -59.12 -3.52
C ARG G 184 16.49 -59.79 -4.83
N LYS G 185 15.32 -60.39 -4.78
CA LYS G 185 14.70 -60.99 -5.97
C LYS G 185 14.50 -59.87 -6.99
N PHE G 186 13.89 -58.78 -6.54
CA PHE G 186 13.59 -57.61 -7.41
C PHE G 186 14.84 -57.09 -8.09
N ILE G 187 15.92 -56.99 -7.33
CA ILE G 187 17.19 -56.48 -7.84
C ILE G 187 17.85 -57.37 -8.89
N VAL G 188 17.95 -58.67 -8.63
CA VAL G 188 18.50 -59.61 -9.64
C VAL G 188 17.66 -59.57 -10.95
N GLU G 189 16.34 -59.48 -10.85
CA GLU G 189 15.49 -59.34 -12.05
C GLU G 189 15.92 -58.13 -12.87
N ALA G 190 16.13 -57.00 -12.18
CA ALA G 190 16.61 -55.77 -12.84
C ALA G 190 18.01 -55.92 -13.44
N ILE G 191 18.86 -56.68 -12.77
CA ILE G 191 20.23 -56.89 -13.26
C ILE G 191 20.24 -57.75 -14.53
N GLU G 192 19.44 -58.81 -14.50
CA GLU G 192 19.32 -59.71 -15.65
C GLU G 192 18.63 -58.97 -16.80
N ARG G 193 17.66 -58.11 -16.47
CA ARG G 193 16.88 -57.40 -17.48
C ARG G 193 17.68 -56.37 -18.25
N ALA G 194 18.78 -55.92 -17.67
CA ALA G 194 19.70 -55.01 -18.31
C ALA G 194 20.75 -55.77 -19.13
N LYS G 195 20.99 -57.05 -18.78
CA LYS G 195 22.04 -57.85 -19.42
C LYS G 195 21.68 -58.26 -20.85
N ASN H 23 6.53 -9.51 26.89
CA ASN H 23 5.17 -9.16 27.45
C ASN H 23 4.14 -9.12 26.32
N ILE H 24 3.45 -10.25 26.08
CA ILE H 24 2.39 -10.34 25.05
C ILE H 24 1.35 -9.24 25.21
N ASP H 25 1.10 -8.83 26.45
CA ASP H 25 0.19 -7.69 26.72
C ASP H 25 0.69 -6.36 26.18
N ALA H 26 1.99 -6.21 25.97
CA ALA H 26 2.53 -5.02 25.34
C ALA H 26 2.46 -5.06 23.82
N ILE H 27 2.02 -6.19 23.21
CA ILE H 27 1.94 -6.28 21.74
C ILE H 27 0.50 -6.08 21.30
N SER H 28 0.21 -5.11 20.43
CA SER H 28 -1.18 -4.86 20.08
C SER H 28 -1.66 -5.92 19.12
N ILE H 29 -2.98 -6.10 19.11
CA ILE H 29 -3.63 -6.91 18.09
C ILE H 29 -3.28 -6.35 16.71
N GLY H 30 -3.11 -5.05 16.60
CA GLY H 30 -2.84 -4.41 15.31
C GLY H 30 -3.02 -2.90 15.42
N SER H 31 -2.75 -2.16 14.34
CA SER H 31 -2.99 -0.69 14.30
C SER H 31 -4.48 -0.37 14.08
N ASN H 32 -5.02 -0.94 13.02
CA ASN H 32 -6.43 -0.86 12.64
C ASN H 32 -6.97 -2.24 12.34
N PRO H 33 -7.00 -3.12 13.36
CA PRO H 33 -7.56 -4.45 13.14
C PRO H 33 -9.05 -4.36 12.76
N PRO H 34 -9.49 -5.21 11.82
CA PRO H 34 -8.76 -6.37 11.29
C PRO H 34 -8.04 -6.15 9.97
N GLU H 35 -7.98 -4.92 9.51
CA GLU H 35 -7.30 -4.62 8.27
C GLU H 35 -5.81 -4.98 8.33
N ASP H 36 -5.21 -4.68 9.47
CA ASP H 36 -3.89 -5.25 9.81
C ASP H 36 -3.96 -5.91 11.18
N VAL H 37 -3.16 -6.96 11.35
CA VAL H 37 -2.99 -7.63 12.63
C VAL H 37 -1.49 -8.00 12.77
N ASN H 38 -1.06 -8.03 14.01
CA ASN H 38 0.31 -8.44 14.35
C ASN H 38 0.32 -9.95 14.59
N VAL H 39 1.31 -10.64 14.01
CA VAL H 39 1.44 -12.07 14.12
C VAL H 39 2.78 -12.32 14.80
N ILE H 40 2.75 -13.11 15.88
CA ILE H 40 3.95 -13.62 16.57
C ILE H 40 4.32 -14.94 15.86
N ILE H 41 5.48 -14.96 15.28
CA ILE H 41 5.93 -16.07 14.48
C ILE H 41 6.38 -17.20 15.41
N GLU H 42 5.90 -18.39 15.08
CA GLU H 42 6.28 -19.64 15.75
C GLU H 42 7.27 -20.43 14.93
N VAL H 43 6.98 -20.62 13.66
CA VAL H 43 7.82 -21.41 12.79
C VAL H 43 8.03 -20.69 11.48
N PRO H 44 9.27 -20.69 10.96
CA PRO H 44 9.50 -20.05 9.67
C PRO H 44 9.12 -20.89 8.47
N VAL H 45 8.97 -20.23 7.32
CA VAL H 45 8.83 -20.92 6.06
C VAL H 45 10.05 -21.83 5.88
N GLY H 46 9.82 -23.02 5.39
CA GLY H 46 10.86 -24.03 5.30
C GLY H 46 11.07 -24.86 6.56
N GLY H 47 10.40 -24.53 7.63
CA GLY H 47 10.64 -25.16 8.95
C GLY H 47 9.96 -26.52 9.04
N GLN H 48 10.51 -27.41 9.87
CA GLN H 48 9.90 -28.73 10.06
C GLN H 48 8.66 -28.58 10.98
N PRO H 49 7.58 -29.36 10.74
CA PRO H 49 6.38 -29.23 11.56
C PRO H 49 6.56 -29.55 13.04
N ILE H 50 6.08 -28.62 13.86
CA ILE H 50 6.16 -28.67 15.32
C ILE H 50 5.06 -27.77 15.89
N LYS H 51 4.33 -28.25 16.89
CA LYS H 51 3.26 -27.49 17.50
C LYS H 51 3.74 -26.93 18.84
N TYR H 52 3.38 -25.67 19.10
CA TYR H 52 3.66 -24.99 20.36
C TYR H 52 2.40 -24.47 21.00
N GLU H 53 2.47 -24.28 22.31
CA GLU H 53 1.53 -23.47 23.08
C GLU H 53 2.33 -22.24 23.56
N MET H 54 1.72 -21.06 23.45
CA MET H 54 2.33 -19.86 24.01
C MET H 54 1.89 -19.75 25.46
N ASP H 55 2.85 -19.79 26.36
CA ASP H 55 2.60 -19.57 27.75
C ASP H 55 2.53 -18.05 28.01
N LYS H 56 1.32 -17.54 28.26
CA LYS H 56 1.11 -16.11 28.53
C LYS H 56 1.94 -15.54 29.69
N LYS H 57 1.93 -16.19 30.85
CA LYS H 57 2.75 -15.73 31.98
C LYS H 57 4.25 -15.70 31.63
N ALA H 58 4.78 -16.80 31.10
CA ALA H 58 6.21 -16.85 30.73
C ALA H 58 6.54 -16.01 29.49
N GLY H 59 5.58 -15.80 28.62
CA GLY H 59 5.90 -15.21 27.31
C GLY H 59 6.97 -16.02 26.61
N ALA H 60 6.79 -17.34 26.60
CA ALA H 60 7.70 -18.28 25.94
C ALA H 60 6.89 -19.32 25.18
N LEU H 61 7.43 -19.75 24.06
CA LEU H 61 6.90 -20.87 23.30
C LEU H 61 7.22 -22.20 24.04
N ILE H 62 6.17 -22.96 24.35
CA ILE H 62 6.25 -24.31 24.91
C ILE H 62 6.05 -25.37 23.85
N VAL H 63 7.01 -26.28 23.70
CA VAL H 63 6.84 -27.38 22.76
C VAL H 63 5.57 -28.15 23.17
N ASP H 64 4.70 -28.42 22.18
CA ASP H 64 3.46 -29.16 22.41
C ASP H 64 3.41 -30.54 21.67
N ARG H 65 4.01 -30.62 20.50
CA ARG H 65 4.04 -31.84 19.74
C ARG H 65 5.06 -31.77 18.61
N PHE H 66 5.90 -32.80 18.52
CA PHE H 66 6.73 -33.02 17.35
C PHE H 66 5.85 -33.73 16.33
N LEU H 67 5.81 -33.23 15.10
CA LEU H 67 5.19 -33.95 14.00
C LEU H 67 6.24 -34.45 13.09
N TYR H 68 6.02 -35.61 12.49
CA TYR H 68 7.04 -36.34 11.76
C TYR H 68 6.83 -36.48 10.25
N THR H 69 5.85 -35.79 9.67
CA THR H 69 5.74 -35.84 8.20
C THR H 69 6.94 -35.17 7.56
N PRO H 70 7.37 -35.65 6.41
CA PRO H 70 8.54 -35.04 5.76
C PRO H 70 8.08 -33.83 4.94
N MET H 71 7.68 -32.81 5.64
CA MET H 71 7.07 -31.61 5.05
C MET H 71 7.72 -30.38 5.67
N THR H 72 7.50 -29.22 5.05
CA THR H 72 8.05 -27.99 5.54
C THR H 72 6.96 -26.95 5.44
N TYR H 73 6.88 -26.06 6.44
CA TYR H 73 5.90 -24.95 6.37
C TYR H 73 6.03 -24.14 5.05
N PRO H 74 4.87 -23.89 4.40
CA PRO H 74 4.85 -23.21 3.12
C PRO H 74 4.82 -21.68 3.24
N GLY H 75 4.87 -21.14 4.44
CA GLY H 75 5.00 -19.71 4.70
C GLY H 75 5.40 -19.60 6.13
N ASN H 76 5.52 -18.38 6.64
CA ASN H 76 5.86 -18.19 8.03
C ASN H 76 4.61 -18.31 8.89
N TYR H 77 4.62 -19.10 9.95
CA TYR H 77 3.40 -19.48 10.64
C TYR H 77 3.41 -18.93 12.04
N GLY H 78 2.32 -18.29 12.44
CA GLY H 78 2.20 -17.79 13.82
C GLY H 78 0.78 -17.51 14.30
N PHE H 79 0.65 -16.69 15.33
CA PHE H 79 -0.66 -16.41 15.91
C PHE H 79 -0.80 -14.94 16.27
N VAL H 80 -2.05 -14.53 16.45
CA VAL H 80 -2.38 -13.14 16.76
C VAL H 80 -2.74 -13.06 18.22
N PRO H 81 -2.01 -12.25 18.99
CA PRO H 81 -2.29 -12.18 20.39
C PRO H 81 -3.61 -11.47 20.65
N HIS H 82 -4.16 -11.72 21.84
CA HIS H 82 -5.44 -11.16 22.30
C HIS H 82 -6.60 -11.49 21.38
N THR H 83 -6.56 -12.66 20.77
CA THR H 83 -7.70 -13.23 20.04
C THR H 83 -8.04 -14.57 20.67
N LEU H 84 -9.26 -15.05 20.43
CA LEU H 84 -9.70 -16.32 20.98
C LEU H 84 -10.64 -16.99 19.98
N SER H 85 -10.28 -18.18 19.51
CA SER H 85 -11.13 -18.99 18.62
C SER H 85 -12.26 -19.62 19.41
N GLU H 86 -13.17 -20.27 18.70
CA GLU H 86 -14.23 -21.08 19.33
C GLU H 86 -13.67 -22.19 20.23
N ASP H 87 -12.50 -22.72 19.86
CA ASP H 87 -11.81 -23.74 20.67
C ASP H 87 -10.91 -23.20 21.79
N GLY H 88 -10.81 -21.89 22.00
CA GLY H 88 -10.04 -21.36 23.13
C GLY H 88 -8.55 -21.08 22.89
N ASP H 89 -8.14 -21.07 21.64
CA ASP H 89 -6.76 -20.68 21.24
C ASP H 89 -6.74 -19.36 20.47
N PRO H 90 -5.60 -18.60 20.52
CA PRO H 90 -5.43 -17.49 19.59
C PRO H 90 -5.60 -17.95 18.18
N ILE H 91 -6.00 -17.04 17.30
CA ILE H 91 -6.10 -17.38 15.91
C ILE H 91 -4.75 -17.52 15.25
N ASP H 92 -4.67 -18.43 14.28
CA ASP H 92 -3.42 -18.74 13.57
C ASP H 92 -3.37 -18.12 12.21
N VAL H 93 -2.19 -17.68 11.83
CA VAL H 93 -1.94 -17.05 10.53
C VAL H 93 -0.76 -17.64 9.79
N LEU H 94 -0.95 -17.94 8.52
CA LEU H 94 0.13 -18.31 7.63
C LEU H 94 0.43 -17.04 6.85
N VAL H 95 1.63 -16.53 7.07
CA VAL H 95 2.13 -15.34 6.33
C VAL H 95 2.82 -15.81 5.06
N CYS H 96 2.22 -15.50 3.89
CA CYS H 96 2.62 -16.15 2.65
CA CYS H 96 2.61 -16.13 2.63
C CYS H 96 3.67 -15.35 1.85
N ASN H 97 4.74 -14.98 2.55
CA ASN H 97 5.93 -14.38 1.94
C ASN H 97 6.97 -15.47 1.70
N THR H 98 8.10 -15.13 1.12
CA THR H 98 9.04 -16.16 0.73
C THR H 98 10.22 -16.33 1.70
N ARG H 99 10.61 -15.32 2.45
CA ARG H 99 11.81 -15.45 3.32
CA ARG H 99 11.83 -15.41 3.31
C ARG H 99 11.52 -15.79 4.76
N PRO H 100 12.38 -16.65 5.37
CA PRO H 100 12.18 -17.03 6.76
C PRO H 100 12.30 -15.89 7.71
N LEU H 101 11.42 -15.87 8.67
CA LEU H 101 11.43 -14.92 9.77
C LEU H 101 11.88 -15.62 11.04
N ILE H 102 12.35 -14.83 12.00
CA ILE H 102 12.82 -15.32 13.30
C ILE H 102 11.71 -15.75 14.20
N PRO H 103 11.72 -17.02 14.69
CA PRO H 103 10.70 -17.36 15.67
C PRO H 103 10.70 -16.37 16.81
N GLY H 104 9.51 -15.92 17.18
CA GLY H 104 9.32 -15.00 18.28
C GLY H 104 9.25 -13.55 17.86
N CYS H 105 9.60 -13.21 16.63
CA CYS H 105 9.41 -11.87 16.15
C CYS H 105 7.91 -11.59 15.89
N VAL H 106 7.62 -10.32 15.69
CA VAL H 106 6.27 -9.85 15.38
C VAL H 106 6.30 -9.20 14.02
N ILE H 107 5.35 -9.58 13.15
CA ILE H 107 5.24 -9.02 11.86
C ILE H 107 3.77 -8.53 11.64
N ASN H 108 3.64 -7.31 11.12
CA ASN H 108 2.34 -6.74 10.77
C ASN H 108 1.92 -7.15 9.39
N VAL H 109 0.69 -7.68 9.29
CA VAL H 109 0.27 -8.28 8.11
C VAL H 109 -1.19 -7.88 7.74
N ARG H 110 -1.51 -8.12 6.50
CA ARG H 110 -2.83 -7.88 5.92
C ARG H 110 -3.52 -9.23 5.69
N PRO H 111 -4.57 -9.50 6.45
CA PRO H 111 -5.35 -10.70 6.13
C PRO H 111 -5.99 -10.64 4.76
N ILE H 112 -5.90 -11.73 3.99
CA ILE H 112 -6.43 -11.81 2.63
C ILE H 112 -7.40 -12.98 2.41
N GLY H 113 -7.54 -13.86 3.41
CA GLY H 113 -8.38 -15.03 3.20
C GLY H 113 -8.21 -16.04 4.31
N VAL H 114 -8.97 -17.12 4.23
CA VAL H 114 -8.96 -18.17 5.28
C VAL H 114 -8.93 -19.51 4.60
N LEU H 115 -7.97 -20.35 4.97
CA LEU H 115 -8.00 -21.77 4.60
C LEU H 115 -8.92 -22.48 5.60
N VAL H 116 -10.03 -23.01 5.10
CA VAL H 116 -11.05 -23.60 5.95
C VAL H 116 -11.01 -25.11 5.74
N MET H 117 -10.82 -25.85 6.81
CA MET H 117 -10.76 -27.32 6.79
C MET H 117 -11.68 -27.99 7.82
N GLU H 118 -12.09 -29.22 7.53
CA GLU H 118 -12.68 -30.11 8.58
C GLU H 118 -11.61 -31.10 9.11
N ASP H 119 -11.46 -31.24 10.43
CA ASP H 119 -10.67 -32.36 11.04
C ASP H 119 -11.39 -33.13 12.17
N ASN H 120 -10.69 -34.08 12.82
CA ASN H 120 -11.20 -34.79 14.02
C ASN H 120 -12.11 -33.91 14.89
N SER H 121 -11.63 -32.72 15.26
CA SER H 121 -12.34 -31.86 16.22
C SER H 121 -13.31 -30.85 15.57
N GLY H 122 -13.53 -30.93 14.24
CA GLY H 122 -14.53 -30.06 13.56
C GLY H 122 -14.07 -29.16 12.40
N LYS H 123 -14.27 -27.85 12.54
CA LYS H 123 -13.77 -26.89 11.55
C LYS H 123 -12.41 -26.43 12.08
N ASP H 124 -11.42 -26.36 11.20
CA ASP H 124 -10.12 -25.79 11.50
C ASP H 124 -9.75 -24.72 10.45
N GLU H 125 -9.52 -23.50 10.90
CA GLU H 125 -9.43 -22.35 10.00
C GLU H 125 -8.10 -21.67 10.17
N LYS H 126 -7.38 -21.46 9.07
CA LYS H 126 -6.12 -20.71 9.17
C LYS H 126 -6.15 -19.46 8.29
N ILE H 127 -5.92 -18.31 8.91
CA ILE H 127 -5.87 -17.03 8.15
C ILE H 127 -4.65 -17.00 7.28
N ILE H 128 -4.83 -16.61 5.99
CA ILE H 128 -3.72 -16.36 5.05
C ILE H 128 -3.48 -14.85 5.07
N ALA H 129 -2.21 -14.43 5.15
CA ALA H 129 -1.89 -13.03 5.23
C ALA H 129 -0.63 -12.71 4.44
N VAL H 130 -0.50 -11.47 3.97
CA VAL H 130 0.74 -11.00 3.35
C VAL H 130 1.31 -9.91 4.22
N PRO H 131 2.66 -9.67 4.13
CA PRO H 131 3.16 -8.57 4.93
C PRO H 131 2.48 -7.23 4.57
N SER H 132 2.24 -6.39 5.55
CA SER H 132 1.57 -5.08 5.35
C SER H 132 2.47 -4.19 4.48
N PRO H 133 1.87 -3.26 3.71
CA PRO H 133 2.58 -2.60 2.62
C PRO H 133 3.56 -1.52 3.07
N HIS H 134 3.59 -1.22 4.34
CA HIS H 134 4.63 -0.37 4.90
C HIS H 134 5.92 -1.17 5.20
N LEU H 135 5.89 -2.50 5.04
CA LEU H 135 7.07 -3.34 5.24
C LEU H 135 7.74 -3.63 3.92
N THR H 136 6.97 -3.58 2.86
CA THR H 136 7.44 -4.00 1.58
C THR H 136 6.35 -3.69 0.59
N ARG H 137 6.74 -3.49 -0.65
CA ARG H 137 5.79 -3.15 -1.70
C ARG H 137 5.45 -4.38 -2.50
N ARG H 138 6.08 -5.52 -2.18
CA ARG H 138 5.96 -6.68 -3.02
C ARG H 138 4.52 -7.20 -3.08
N TYR H 139 3.76 -7.00 -2.01
CA TYR H 139 2.40 -7.59 -1.89
C TYR H 139 1.33 -6.51 -1.95
N GLU H 140 1.70 -5.30 -2.35
CA GLU H 140 0.76 -4.20 -2.17
C GLU H 140 -0.54 -4.36 -3.01
N LYS H 141 -0.50 -5.06 -4.15
CA LYS H 141 -1.69 -5.39 -4.93
C LYS H 141 -2.48 -6.65 -4.44
N ILE H 142 -1.96 -7.39 -3.45
CA ILE H 142 -2.66 -8.62 -3.01
C ILE H 142 -3.66 -8.29 -1.90
N HIS H 143 -4.96 -8.40 -2.19
CA HIS H 143 -5.99 -8.06 -1.19
C HIS H 143 -6.89 -9.27 -0.81
N ASP H 144 -6.91 -10.22 -1.67
CA ASP H 144 -7.70 -11.44 -1.48
C ASP H 144 -6.82 -12.62 -1.85
N TYR H 145 -7.15 -13.78 -1.30
CA TYR H 145 -6.41 -14.99 -1.59
C TYR H 145 -6.37 -15.33 -3.06
N THR H 146 -7.40 -14.99 -3.83
CA THR H 146 -7.38 -15.20 -5.27
C THR H 146 -6.36 -14.34 -6.03
N ASP H 147 -5.83 -13.27 -5.41
CA ASP H 147 -4.72 -12.52 -6.01
C ASP H 147 -3.41 -13.27 -5.95
N MET H 148 -3.33 -14.34 -5.14
CA MET H 148 -2.08 -15.12 -5.02
C MET H 148 -1.98 -16.10 -6.16
N PRO H 149 -0.77 -16.54 -6.50
CA PRO H 149 -0.62 -17.56 -7.52
C PRO H 149 -1.28 -18.87 -7.11
N GLU H 150 -1.83 -19.57 -8.09
CA GLU H 150 -2.58 -20.79 -7.82
C GLU H 150 -1.70 -21.85 -7.12
N ILE H 151 -0.46 -21.96 -7.56
CA ILE H 151 0.49 -22.91 -6.98
C ILE H 151 0.81 -22.68 -5.48
N THR H 152 0.90 -21.43 -5.08
CA THR H 152 1.11 -21.09 -3.68
C THR H 152 -0.09 -21.48 -2.84
N LEU H 153 -1.30 -21.28 -3.36
CA LEU H 153 -2.50 -21.62 -2.61
C LEU H 153 -2.59 -23.16 -2.45
N LYS H 154 -2.22 -23.86 -3.52
CA LYS H 154 -2.21 -25.32 -3.52
C LYS H 154 -1.17 -25.85 -2.55
N GLN H 155 -0.01 -25.22 -2.52
CA GLN H 155 1.07 -25.57 -1.56
C GLN H 155 0.60 -25.41 -0.13
N ILE H 156 -0.10 -24.31 0.14
CA ILE H 156 -0.63 -24.02 1.50
C ILE H 156 -1.65 -25.07 1.94
N ALA H 157 -2.60 -25.32 1.07
CA ALA H 157 -3.63 -26.31 1.30
C ALA H 157 -3.01 -27.73 1.46
N HIS H 158 -2.05 -28.08 0.61
CA HIS H 158 -1.41 -29.39 0.69
C HIS H 158 -0.71 -29.62 2.06
N PHE H 159 0.05 -28.62 2.50
CA PHE H 159 0.65 -28.68 3.82
C PHE H 159 -0.38 -28.95 4.92
N PHE H 160 -1.43 -28.14 4.98
CA PHE H 160 -2.34 -28.25 6.12
C PHE H 160 -3.22 -29.49 6.01
N GLU H 161 -3.38 -30.01 4.79
CA GLU H 161 -4.12 -31.24 4.58
C GLU H 161 -3.31 -32.46 5.05
N HIS H 162 -1.98 -32.42 4.92
CA HIS H 162 -1.18 -33.65 5.10
C HIS H 162 -0.16 -33.69 6.26
N TYR H 163 0.22 -32.54 6.80
CA TYR H 163 1.29 -32.49 7.84
C TYR H 163 1.00 -33.30 9.14
N LYS H 164 -0.27 -33.54 9.42
CA LYS H 164 -0.69 -34.37 10.58
C LYS H 164 -1.07 -35.79 10.16
N ASP H 165 -0.68 -36.21 8.95
CA ASP H 165 -1.06 -37.50 8.45
C ASP H 165 -0.48 -38.67 9.27
N LEU H 166 0.67 -38.49 9.90
CA LEU H 166 1.27 -39.58 10.65
C LEU H 166 0.81 -39.59 12.11
N GLU H 167 -0.09 -38.69 12.49
CA GLU H 167 -0.78 -38.75 13.78
C GLU H 167 -2.05 -39.62 13.60
N PRO H 168 -2.30 -40.55 14.53
CA PRO H 168 -3.41 -41.49 14.27
C PRO H 168 -4.77 -40.80 14.35
N GLY H 169 -5.72 -41.20 13.53
CA GLY H 169 -7.06 -40.62 13.50
C GLY H 169 -7.14 -39.13 13.17
N LYS H 170 -6.01 -38.53 12.80
CA LYS H 170 -5.99 -37.14 12.31
C LYS H 170 -6.14 -37.18 10.82
N TRP H 171 -7.36 -36.88 10.36
CA TRP H 171 -7.65 -36.67 8.94
C TRP H 171 -7.99 -35.17 8.75
N VAL H 172 -7.85 -34.69 7.51
CA VAL H 172 -8.19 -33.32 7.15
C VAL H 172 -8.74 -33.32 5.72
N LYS H 173 -9.86 -32.63 5.53
CA LYS H 173 -10.46 -32.43 4.21
C LYS H 173 -10.41 -30.94 4.02
N ILE H 174 -9.89 -30.48 2.88
CA ILE H 174 -9.80 -29.04 2.70
C ILE H 174 -11.16 -28.59 2.21
N GLY H 175 -11.75 -27.61 2.88
CA GLY H 175 -12.96 -26.91 2.38
C GLY H 175 -12.70 -25.67 1.49
N ASP H 176 -13.78 -24.98 1.16
CA ASP H 176 -13.75 -23.82 0.30
C ASP H 176 -13.07 -22.64 1.02
N TRP H 177 -11.98 -22.15 0.45
CA TRP H 177 -11.31 -20.95 0.90
C TRP H 177 -12.28 -19.80 1.18
N GLY H 178 -12.12 -19.13 2.32
CA GLY H 178 -12.81 -17.89 2.62
C GLY H 178 -12.08 -16.69 2.03
N ASP H 179 -12.85 -15.71 1.53
CA ASP H 179 -12.26 -14.47 1.03
C ASP H 179 -11.83 -13.45 2.08
N GLU H 180 -11.28 -12.32 1.63
CA GLU H 180 -10.81 -11.29 2.53
C GLU H 180 -11.85 -10.78 3.49
N ASP H 181 -13.10 -10.64 3.02
CA ASP H 181 -14.17 -10.19 3.93
C ASP H 181 -14.46 -11.21 5.01
N TYR H 182 -14.47 -12.46 4.59
CA TYR H 182 -14.64 -13.58 5.57
C TYR H 182 -13.51 -13.57 6.62
N ALA H 183 -12.27 -13.37 6.16
CA ALA H 183 -11.10 -13.28 7.05
C ALA H 183 -11.23 -12.14 8.04
N ARG H 184 -11.63 -10.97 7.55
CA ARG H 184 -11.81 -9.87 8.47
C ARG H 184 -12.89 -10.09 9.50
N LYS H 185 -13.99 -10.70 9.10
CA LYS H 185 -15.12 -10.96 10.06
C LYS H 185 -14.74 -11.99 11.12
N PHE H 186 -14.16 -13.08 10.66
CA PHE H 186 -13.52 -14.12 11.53
C PHE H 186 -12.56 -13.50 12.58
N ILE H 187 -11.74 -12.56 12.14
CA ILE H 187 -10.85 -11.86 13.04
C ILE H 187 -11.57 -11.00 14.06
N VAL H 188 -12.52 -10.21 13.59
CA VAL H 188 -13.32 -9.41 14.51
C VAL H 188 -14.08 -10.29 15.51
N GLU H 189 -14.63 -11.40 15.01
CA GLU H 189 -15.26 -12.38 15.92
C GLU H 189 -14.33 -12.92 17.03
N ALA H 190 -13.06 -13.16 16.69
CA ALA H 190 -12.07 -13.65 17.66
C ALA H 190 -11.59 -12.58 18.61
N ILE H 191 -11.54 -11.34 18.13
CA ILE H 191 -11.18 -10.22 18.97
C ILE H 191 -12.25 -10.00 20.06
N GLU H 192 -13.53 -10.05 19.64
CA GLU H 192 -14.65 -9.82 20.57
C GLU H 192 -14.76 -11.02 21.51
N ARG H 193 -14.62 -12.22 20.95
CA ARG H 193 -14.61 -13.41 21.76
C ARG H 193 -13.54 -13.39 22.86
N ALA H 194 -12.40 -12.75 22.60
CA ALA H 194 -11.35 -12.62 23.61
C ALA H 194 -11.67 -11.58 24.66
N LYS H 195 -12.42 -10.54 24.33
CA LYS H 195 -12.76 -9.53 25.36
C LYS H 195 -14.09 -9.83 26.05
N MET I 22 34.60 -36.73 -13.57
CA MET I 22 35.85 -35.92 -13.76
C MET I 22 37.10 -36.78 -14.07
N ASN I 23 37.57 -36.76 -15.33
CA ASN I 23 38.86 -37.39 -15.73
C ASN I 23 40.03 -36.70 -15.03
N ILE I 24 40.50 -37.33 -13.94
CA ILE I 24 41.58 -36.79 -13.08
C ILE I 24 42.93 -36.72 -13.77
N ASP I 25 43.13 -37.55 -14.80
CA ASP I 25 44.30 -37.45 -15.70
C ASP I 25 44.33 -36.11 -16.45
N ALA I 26 43.16 -35.50 -16.64
CA ALA I 26 43.06 -34.18 -17.27
C ALA I 26 43.40 -33.06 -16.29
N ILE I 27 43.30 -33.33 -14.98
CA ILE I 27 43.66 -32.33 -13.97
C ILE I 27 45.15 -32.41 -13.70
N SER I 28 45.83 -31.28 -13.85
CA SER I 28 47.25 -31.21 -13.56
C SER I 28 47.55 -31.28 -12.05
N ILE I 29 48.78 -31.65 -11.71
CA ILE I 29 49.28 -31.54 -10.33
C ILE I 29 49.34 -30.09 -9.86
N GLY I 30 49.64 -29.19 -10.79
CA GLY I 30 49.92 -27.79 -10.48
C GLY I 30 50.49 -27.13 -11.73
N SER I 31 50.68 -25.81 -11.65
CA SER I 31 51.32 -25.06 -12.74
C SER I 31 52.80 -25.18 -12.59
N ASN I 32 53.26 -24.99 -11.36
CA ASN I 32 54.65 -25.07 -10.99
C ASN I 32 54.84 -25.76 -9.63
N PRO I 33 54.37 -26.99 -9.51
CA PRO I 33 54.54 -27.64 -8.20
C PRO I 33 56.02 -27.70 -7.76
N PRO I 34 56.29 -27.58 -6.44
CA PRO I 34 55.38 -27.58 -5.30
C PRO I 34 55.00 -26.19 -4.85
N GLU I 35 55.23 -25.18 -5.69
CA GLU I 35 54.85 -23.81 -5.37
C GLU I 35 53.35 -23.67 -5.25
N ASP I 36 52.66 -24.36 -6.14
CA ASP I 36 51.22 -24.47 -6.13
C ASP I 36 50.84 -25.90 -6.43
N VAL I 37 49.72 -26.35 -5.87
CA VAL I 37 49.19 -27.66 -6.21
C VAL I 37 47.68 -27.53 -6.41
N ASN I 38 47.13 -28.34 -7.28
CA ASN I 38 45.69 -28.44 -7.40
C ASN I 38 45.11 -29.45 -6.43
N VAL I 39 44.09 -29.04 -5.71
CA VAL I 39 43.40 -29.87 -4.74
C VAL I 39 41.99 -30.10 -5.22
N ILE I 40 41.64 -31.38 -5.30
CA ILE I 40 40.31 -31.78 -5.59
C ILE I 40 39.62 -31.89 -4.27
N ILE I 41 38.60 -31.04 -4.05
CA ILE I 41 37.89 -30.98 -2.79
C ILE I 41 37.02 -32.23 -2.57
N GLU I 42 37.08 -32.79 -1.37
CA GLU I 42 36.16 -33.84 -0.91
C GLU I 42 35.11 -33.37 0.08
N VAL I 43 35.51 -32.63 1.11
CA VAL I 43 34.61 -32.20 2.14
C VAL I 43 34.84 -30.71 2.41
N PRO I 44 33.78 -29.92 2.43
CA PRO I 44 33.93 -28.49 2.73
C PRO I 44 34.16 -28.23 4.18
N VAL I 45 34.72 -27.07 4.47
CA VAL I 45 34.78 -26.55 5.81
C VAL I 45 33.39 -26.54 6.42
N GLY I 46 33.31 -26.97 7.65
CA GLY I 46 32.06 -27.10 8.35
C GLY I 46 31.36 -28.42 8.10
N GLY I 47 31.93 -29.25 7.23
CA GLY I 47 31.28 -30.52 6.84
C GLY I 47 31.41 -31.57 7.94
N GLN I 48 30.44 -32.46 8.02
CA GLN I 48 30.52 -33.56 9.00
C GLN I 48 31.61 -34.59 8.56
N PRO I 49 32.26 -35.32 9.50
CA PRO I 49 33.30 -36.18 8.97
C PRO I 49 32.79 -37.47 8.30
N ILE I 50 32.91 -37.52 6.97
CA ILE I 50 32.67 -38.69 6.15
C ILE I 50 33.89 -38.85 5.31
N LYS I 51 34.50 -40.04 5.32
CA LYS I 51 35.65 -40.40 4.47
C LYS I 51 35.27 -41.03 3.12
N TYR I 52 36.14 -40.79 2.13
CA TYR I 52 35.95 -41.20 0.71
C TYR I 52 37.18 -41.86 0.09
N GLU I 53 36.92 -42.60 -0.98
CA GLU I 53 37.93 -43.06 -1.91
C GLU I 53 37.55 -42.44 -3.26
N MET I 54 38.50 -41.83 -3.96
CA MET I 54 38.22 -41.35 -5.30
C MET I 54 38.45 -42.53 -6.24
N ASP I 55 37.42 -42.91 -6.98
CA ASP I 55 37.57 -43.95 -7.98
C ASP I 55 38.17 -43.28 -9.23
N LYS I 56 39.43 -43.58 -9.53
CA LYS I 56 40.13 -42.98 -10.65
C LYS I 56 39.40 -43.29 -11.96
N LYS I 57 39.10 -44.58 -12.16
CA LYS I 57 38.43 -45.02 -13.39
C LYS I 57 37.04 -44.36 -13.53
N ALA I 58 36.31 -44.26 -12.41
CA ALA I 58 34.94 -43.74 -12.46
C ALA I 58 34.86 -42.21 -12.39
N GLY I 59 35.89 -41.57 -11.85
CA GLY I 59 35.83 -40.14 -11.53
C GLY I 59 34.66 -39.78 -10.61
N ALA I 60 34.40 -40.60 -9.58
CA ALA I 60 33.37 -40.34 -8.60
C ALA I 60 33.96 -40.52 -7.21
N LEU I 61 33.39 -39.80 -6.26
CA LEU I 61 33.74 -39.96 -4.86
C LEU I 61 32.97 -41.17 -4.31
N ILE I 62 33.65 -42.10 -3.65
CA ILE I 62 33.04 -43.31 -3.11
C ILE I 62 33.06 -43.26 -1.60
N VAL I 63 31.89 -43.27 -0.97
CA VAL I 63 31.81 -43.26 0.47
C VAL I 63 32.64 -44.42 1.03
N ASP I 64 33.51 -44.14 1.99
CA ASP I 64 34.41 -45.15 2.55
C ASP I 64 34.19 -45.38 4.03
N ARG I 65 33.80 -44.34 4.77
CA ARG I 65 33.47 -44.50 6.19
C ARG I 65 32.70 -43.31 6.74
N PHE I 66 31.63 -43.57 7.50
CA PHE I 66 30.97 -42.52 8.24
C PHE I 66 31.69 -42.46 9.58
N LEU I 67 32.02 -41.25 10.04
CA LEU I 67 32.60 -41.06 11.37
C LEU I 67 31.60 -40.32 12.22
N TYR I 68 31.58 -40.60 13.52
CA TYR I 68 30.48 -40.18 14.36
C TYR I 68 30.84 -39.20 15.49
N THR I 69 32.07 -38.69 15.55
CA THR I 69 32.40 -37.63 16.49
C THR I 69 31.61 -36.36 16.15
N PRO I 70 31.23 -35.56 17.17
CA PRO I 70 30.44 -34.33 16.95
C PRO I 70 31.39 -33.18 16.54
N MET I 71 31.99 -33.37 15.36
CA MET I 71 33.01 -32.43 14.84
C MET I 71 32.71 -32.03 13.41
N THR I 72 33.38 -30.97 12.96
CA THR I 72 33.24 -30.43 11.62
C THR I 72 34.63 -30.11 11.09
N TYR I 73 34.81 -30.29 9.80
CA TYR I 73 36.09 -30.02 9.17
C TYR I 73 36.44 -28.54 9.33
N PRO I 74 37.68 -28.24 9.76
CA PRO I 74 38.12 -26.91 10.13
C PRO I 74 38.66 -26.09 8.93
N GLY I 75 38.63 -26.67 7.74
CA GLY I 75 38.94 -26.03 6.48
C GLY I 75 38.39 -26.87 5.37
N ASN I 76 38.58 -26.48 4.12
CA ASN I 76 38.19 -27.34 3.02
C ASN I 76 39.24 -28.44 2.80
N TYR I 77 38.78 -29.67 2.54
CA TYR I 77 39.66 -30.82 2.57
C TYR I 77 39.55 -31.61 1.31
N GLY I 78 40.72 -31.94 0.78
CA GLY I 78 40.81 -32.77 -0.39
C GLY I 78 42.17 -33.39 -0.60
N PHE I 79 42.43 -33.76 -1.85
CA PHE I 79 43.69 -34.41 -2.24
C PHE I 79 44.23 -33.87 -3.56
N VAL I 80 45.52 -34.07 -3.75
CA VAL I 80 46.20 -33.68 -4.96
C VAL I 80 46.34 -34.89 -5.90
N PRO I 81 45.78 -34.82 -7.10
CA PRO I 81 45.90 -36.00 -7.94
C PRO I 81 47.31 -36.20 -8.48
N HIS I 82 47.57 -37.43 -8.96
CA HIS I 82 48.89 -37.85 -9.45
C HIS I 82 50.02 -37.70 -8.43
N THR I 83 49.70 -37.97 -7.17
CA THR I 83 50.69 -38.04 -6.09
C THR I 83 50.44 -39.37 -5.33
N LEU I 84 51.40 -39.79 -4.50
CA LEU I 84 51.32 -41.10 -3.82
C LEU I 84 52.07 -41.02 -2.50
N SER I 85 51.37 -41.23 -1.38
CA SER I 85 52.00 -41.26 -0.06
C SER I 85 52.78 -42.55 0.10
N GLU I 86 53.60 -42.64 1.15
CA GLU I 86 54.15 -43.95 1.54
C GLU I 86 53.04 -44.99 1.61
N ASP I 87 51.89 -44.61 2.17
CA ASP I 87 50.74 -45.51 2.28
C ASP I 87 49.91 -45.75 1.00
N GLY I 88 50.38 -45.32 -0.15
CA GLY I 88 49.73 -45.63 -1.42
C GLY I 88 48.44 -44.88 -1.71
N ASP I 89 48.26 -43.73 -1.06
CA ASP I 89 47.15 -42.81 -1.39
C ASP I 89 47.67 -41.47 -1.89
N PRO I 90 46.82 -40.75 -2.65
CA PRO I 90 47.20 -39.36 -2.96
C PRO I 90 47.34 -38.57 -1.67
N ILE I 91 48.19 -37.54 -1.70
CA ILE I 91 48.40 -36.69 -0.52
C ILE I 91 47.16 -35.84 -0.23
N ASP I 92 46.90 -35.62 1.05
CA ASP I 92 45.73 -34.85 1.47
C ASP I 92 46.15 -33.46 1.85
N VAL I 93 45.23 -32.51 1.62
CA VAL I 93 45.48 -31.10 1.91
C VAL I 93 44.27 -30.51 2.63
N LEU I 94 44.51 -29.81 3.72
CA LEU I 94 43.51 -28.97 4.37
C LEU I 94 43.77 -27.53 3.91
N VAL I 95 42.78 -26.93 3.24
CA VAL I 95 42.87 -25.57 2.72
C VAL I 95 42.27 -24.72 3.79
N CYS I 96 43.09 -23.87 4.41
CA CYS I 96 42.63 -23.17 5.59
CA CYS I 96 42.69 -23.14 5.60
C CYS I 96 42.01 -21.81 5.30
N ASN I 97 41.08 -21.81 4.32
CA ASN I 97 40.21 -20.63 4.10
C ASN I 97 38.92 -20.74 4.93
N THR I 98 37.97 -19.82 4.76
CA THR I 98 36.76 -19.84 5.57
C THR I 98 35.48 -20.20 4.80
N ARG I 99 35.39 -19.89 3.52
CA ARG I 99 34.13 -20.17 2.77
C ARG I 99 34.13 -21.63 2.25
N PRO I 100 32.97 -22.31 2.37
CA PRO I 100 32.91 -23.66 1.81
C PRO I 100 33.07 -23.75 0.34
N LEU I 101 33.76 -24.79 -0.11
CA LEU I 101 33.90 -25.11 -1.50
C LEU I 101 33.03 -26.32 -1.92
N ILE I 102 32.83 -26.49 -3.21
CA ILE I 102 31.99 -27.56 -3.77
C ILE I 102 32.75 -28.86 -3.86
N PRO I 103 32.19 -29.95 -3.34
CA PRO I 103 32.94 -31.19 -3.53
C PRO I 103 33.12 -31.45 -4.99
N GLY I 104 34.31 -31.88 -5.35
CA GLY I 104 34.66 -32.22 -6.71
C GLY I 104 35.22 -31.07 -7.49
N CYS I 105 35.18 -29.85 -6.96
CA CYS I 105 35.85 -28.74 -7.63
C CYS I 105 37.33 -28.86 -7.38
N VAL I 106 38.08 -28.12 -8.17
CA VAL I 106 39.50 -28.02 -8.06
C VAL I 106 39.94 -26.62 -7.63
N ILE I 107 40.74 -26.54 -6.58
CA ILE I 107 41.33 -25.28 -6.14
C ILE I 107 42.86 -25.33 -6.10
N ASN I 108 43.47 -24.31 -6.70
CA ASN I 108 44.90 -24.17 -6.71
C ASN I 108 45.36 -23.47 -5.45
N VAL I 109 46.30 -24.08 -4.74
CA VAL I 109 46.72 -23.60 -3.44
C VAL I 109 48.23 -23.51 -3.32
N ARG I 110 48.63 -22.76 -2.32
CA ARG I 110 49.99 -22.63 -1.86
C ARG I 110 50.20 -23.45 -0.59
N PRO I 111 51.03 -24.49 -0.65
CA PRO I 111 51.36 -25.19 0.63
C PRO I 111 52.16 -24.36 1.59
N ILE I 112 51.80 -24.41 2.86
CA ILE I 112 52.48 -23.61 3.85
C ILE I 112 53.04 -24.45 4.99
N GLY I 113 52.72 -25.74 5.01
CA GLY I 113 53.08 -26.56 6.19
C GLY I 113 52.53 -27.94 6.13
N VAL I 114 52.88 -28.72 7.15
CA VAL I 114 52.42 -30.09 7.22
C VAL I 114 52.07 -30.35 8.69
N LEU I 115 50.87 -30.90 8.90
CA LEU I 115 50.45 -31.31 10.22
C LEU I 115 50.91 -32.74 10.32
N VAL I 116 51.79 -32.98 11.27
CA VAL I 116 52.48 -34.27 11.34
C VAL I 116 52.00 -35.04 12.57
N MET I 117 51.45 -36.22 12.30
CA MET I 117 50.88 -37.12 13.33
C MET I 117 51.28 -38.61 13.24
N GLU I 118 51.25 -39.28 14.40
CA GLU I 118 51.40 -40.75 14.49
C GLU I 118 50.04 -41.39 14.69
N ASP I 119 49.77 -42.47 13.99
CA ASP I 119 48.59 -43.28 14.31
C ASP I 119 48.81 -44.80 14.18
N ASN I 120 47.73 -45.54 14.42
CA ASN I 120 47.69 -47.01 14.31
C ASN I 120 48.67 -47.55 13.28
N SER I 121 48.65 -46.93 12.09
CA SER I 121 49.47 -47.33 10.95
C SER I 121 50.58 -46.31 10.67
N GLY I 122 51.32 -45.91 11.73
CA GLY I 122 52.50 -45.01 11.60
C GLY I 122 52.26 -43.50 11.47
N LYS I 123 53.17 -42.83 10.75
CA LYS I 123 53.04 -41.38 10.42
C LYS I 123 51.82 -41.07 9.53
N ASP I 124 51.08 -40.04 9.91
CA ASP I 124 50.04 -39.50 9.05
C ASP I 124 50.30 -38.01 8.95
N GLU I 125 50.46 -37.54 7.71
CA GLU I 125 50.80 -36.14 7.45
C GLU I 125 49.73 -35.47 6.56
N LYS I 126 49.32 -34.28 6.97
CA LYS I 126 48.33 -33.51 6.20
C LYS I 126 48.98 -32.18 5.81
N ILE I 127 49.08 -31.93 4.51
CA ILE I 127 49.56 -30.62 4.05
C ILE I 127 48.51 -29.57 4.41
N ILE I 128 48.96 -28.45 4.97
CA ILE I 128 48.14 -27.25 5.15
C ILE I 128 48.44 -26.25 4.02
N ALA I 129 47.41 -25.62 3.45
CA ALA I 129 47.56 -24.78 2.30
C ALA I 129 46.54 -23.64 2.33
N VAL I 130 46.85 -22.59 1.60
CA VAL I 130 45.93 -21.47 1.48
C VAL I 130 45.72 -21.28 0.02
N PRO I 131 44.57 -20.69 -0.34
CA PRO I 131 44.32 -20.42 -1.75
C PRO I 131 45.47 -19.58 -2.43
N SER I 132 45.82 -19.93 -3.66
CA SER I 132 46.91 -19.24 -4.36
C SER I 132 46.54 -17.76 -4.59
N PRO I 133 47.55 -16.88 -4.70
CA PRO I 133 47.35 -15.42 -4.77
C PRO I 133 46.62 -14.90 -6.01
N HIS I 134 46.50 -15.69 -7.05
CA HIS I 134 45.67 -15.30 -8.18
C HIS I 134 44.17 -15.52 -7.99
N LEU I 135 43.75 -16.20 -6.91
CA LEU I 135 42.36 -16.42 -6.63
C LEU I 135 41.81 -15.41 -5.65
N THR I 136 42.69 -14.85 -4.84
CA THR I 136 42.32 -13.91 -3.77
C THR I 136 43.60 -13.28 -3.25
N ARG I 137 43.50 -12.08 -2.72
CA ARG I 137 44.67 -11.44 -2.07
C ARG I 137 44.72 -11.72 -0.59
N ARG I 138 43.65 -12.32 -0.04
CA ARG I 138 43.54 -12.47 1.40
C ARG I 138 44.76 -13.19 2.03
N TYR I 139 45.35 -14.14 1.31
CA TYR I 139 46.40 -14.97 1.92
C TYR I 139 47.74 -14.72 1.20
N GLU I 140 47.90 -13.60 0.51
CA GLU I 140 49.08 -13.51 -0.37
C GLU I 140 50.38 -13.37 0.48
N LYS I 141 50.24 -12.88 1.70
CA LYS I 141 51.40 -12.80 2.64
C LYS I 141 51.61 -14.05 3.48
N ILE I 142 50.82 -15.10 3.25
CA ILE I 142 50.91 -16.28 4.08
C ILE I 142 51.75 -17.27 3.32
N HIS I 143 52.94 -17.59 3.85
CA HIS I 143 53.88 -18.52 3.19
C HIS I 143 54.24 -19.72 4.08
N ASP I 144 54.09 -19.56 5.40
CA ASP I 144 54.38 -20.64 6.35
C ASP I 144 53.24 -20.78 7.35
N TYR I 145 53.14 -21.94 7.97
CA TYR I 145 52.06 -22.17 8.94
C TYR I 145 52.09 -21.23 10.09
N THR I 146 53.29 -20.74 10.44
CA THR I 146 53.43 -19.77 11.53
C THR I 146 52.86 -18.39 11.16
N ASP I 147 52.62 -18.16 9.88
CA ASP I 147 51.92 -16.91 9.46
C ASP I 147 50.41 -16.95 9.77
N MET I 148 49.84 -18.14 9.99
CA MET I 148 48.41 -18.23 10.36
C MET I 148 48.17 -17.91 11.84
N PRO I 149 46.94 -17.49 12.19
CA PRO I 149 46.74 -17.27 13.61
C PRO I 149 46.85 -18.57 14.38
N GLU I 150 47.24 -18.43 15.65
CA GLU I 150 47.42 -19.60 16.51
C GLU I 150 46.11 -20.41 16.68
N ILE I 151 44.98 -19.73 16.84
CA ILE I 151 43.69 -20.38 17.05
C ILE I 151 43.38 -21.30 15.87
N THR I 152 43.70 -20.84 14.66
CA THR I 152 43.41 -21.62 13.44
C THR I 152 44.25 -22.90 13.39
N LEU I 153 45.51 -22.78 13.76
CA LEU I 153 46.36 -23.94 13.76
C LEU I 153 45.89 -24.95 14.81
N LYS I 154 45.49 -24.47 15.98
CA LYS I 154 45.02 -25.35 17.05
C LYS I 154 43.71 -26.06 16.64
N GLN I 155 42.88 -25.35 15.89
CA GLN I 155 41.63 -25.94 15.37
C GLN I 155 41.91 -27.07 14.44
N ILE I 156 42.85 -26.89 13.55
CA ILE I 156 43.17 -27.90 12.58
C ILE I 156 43.77 -29.12 13.27
N ALA I 157 44.67 -28.90 14.21
CA ALA I 157 45.28 -30.00 14.93
C ALA I 157 44.22 -30.73 15.75
N HIS I 158 43.36 -29.99 16.44
CA HIS I 158 42.34 -30.60 17.30
C HIS I 158 41.41 -31.55 16.48
N PHE I 159 40.94 -31.09 15.31
CA PHE I 159 40.09 -31.93 14.45
C PHE I 159 40.79 -33.26 14.09
N PHE I 160 42.00 -33.20 13.52
CA PHE I 160 42.67 -34.42 13.11
C PHE I 160 43.13 -35.33 14.24
N GLU I 161 43.36 -34.72 15.38
CA GLU I 161 43.71 -35.46 16.57
C GLU I 161 42.52 -36.23 17.13
N HIS I 162 41.30 -35.68 16.97
CA HIS I 162 40.15 -36.25 17.64
C HIS I 162 39.00 -36.83 16.81
N TYR I 163 38.95 -36.52 15.53
CA TYR I 163 37.77 -36.92 14.78
C TYR I 163 37.54 -38.43 14.67
N LYS I 164 38.63 -39.22 14.79
CA LYS I 164 38.54 -40.68 14.76
C LYS I 164 38.48 -41.31 16.15
N ASP I 165 38.26 -40.51 17.18
CA ASP I 165 38.32 -40.98 18.55
C ASP I 165 37.29 -42.06 18.88
N LEU I 166 36.14 -42.07 18.20
CA LEU I 166 35.11 -43.08 18.45
C LEU I 166 35.27 -44.32 17.56
N GLU I 167 36.32 -44.37 16.74
CA GLU I 167 36.71 -45.58 16.04
C GLU I 167 37.63 -46.41 16.98
N PRO I 168 37.35 -47.70 17.15
CA PRO I 168 38.17 -48.47 18.09
C PRO I 168 39.66 -48.48 17.83
N GLY I 169 40.45 -48.32 18.89
CA GLY I 169 41.91 -48.42 18.82
C GLY I 169 42.66 -47.32 18.03
N LYS I 170 41.92 -46.53 17.24
CA LYS I 170 42.49 -45.46 16.41
C LYS I 170 42.85 -44.30 17.34
N TRP I 171 44.07 -44.33 17.88
CA TRP I 171 44.64 -43.22 18.66
C TRP I 171 45.45 -42.32 17.73
N VAL I 172 45.45 -41.02 18.03
CA VAL I 172 46.25 -40.05 17.27
C VAL I 172 46.96 -39.08 18.24
N LYS I 173 48.26 -38.90 18.02
CA LYS I 173 49.06 -37.93 18.74
C LYS I 173 49.54 -36.88 17.73
N ILE I 174 49.56 -35.61 18.14
CA ILE I 174 50.05 -34.55 17.23
C ILE I 174 51.51 -34.25 17.50
N GLY I 175 52.32 -34.41 16.45
CA GLY I 175 53.74 -34.06 16.49
C GLY I 175 54.03 -32.65 15.96
N ASP I 176 55.31 -32.42 15.71
CA ASP I 176 55.82 -31.10 15.37
C ASP I 176 55.44 -30.77 13.93
N TRP I 177 54.66 -29.69 13.76
CA TRP I 177 54.36 -29.08 12.46
C TRP I 177 55.58 -28.99 11.57
N GLY I 178 55.49 -29.46 10.31
CA GLY I 178 56.52 -29.21 9.30
C GLY I 178 56.32 -27.85 8.63
N ASP I 179 57.42 -27.14 8.33
CA ASP I 179 57.29 -25.78 7.76
C ASP I 179 57.16 -25.80 6.27
N GLU I 180 57.14 -24.59 5.67
CA GLU I 180 56.90 -24.52 4.25
C GLU I 180 57.96 -25.25 3.41
N ASP I 181 59.20 -25.30 3.90
CA ASP I 181 60.29 -26.06 3.22
C ASP I 181 59.99 -27.54 3.30
N TYR I 182 59.64 -28.00 4.49
CA TYR I 182 59.23 -29.41 4.64
C TYR I 182 58.04 -29.79 3.77
N ALA I 183 57.05 -28.89 3.72
CA ALA I 183 55.86 -29.15 2.93
C ALA I 183 56.25 -29.35 1.51
N ARG I 184 57.14 -28.51 0.99
CA ARG I 184 57.54 -28.64 -0.41
C ARG I 184 58.30 -29.93 -0.68
N LYS I 185 59.17 -30.31 0.27
CA LYS I 185 59.95 -31.56 0.15
C LYS I 185 58.98 -32.73 0.02
N PHE I 186 58.04 -32.76 0.95
CA PHE I 186 57.02 -33.78 1.06
C PHE I 186 56.20 -33.97 -0.21
N ILE I 187 55.77 -32.87 -0.81
CA ILE I 187 54.99 -32.94 -2.01
C ILE I 187 55.79 -33.51 -3.19
N VAL I 188 57.04 -33.10 -3.31
CA VAL I 188 57.86 -33.53 -4.46
C VAL I 188 58.12 -35.06 -4.37
N GLU I 189 58.39 -35.51 -3.15
CA GLU I 189 58.53 -36.96 -2.89
C GLU I 189 57.30 -37.72 -3.36
N ALA I 190 56.11 -37.24 -2.98
CA ALA I 190 54.88 -37.91 -3.37
C ALA I 190 54.62 -37.87 -4.88
N ILE I 191 55.03 -36.81 -5.55
CA ILE I 191 54.89 -36.73 -7.01
C ILE I 191 55.77 -37.80 -7.67
N GLU I 192 57.04 -37.85 -7.25
CA GLU I 192 58.02 -38.86 -7.71
C GLU I 192 57.54 -40.28 -7.39
N ARG I 193 57.09 -40.49 -6.16
CA ARG I 193 56.59 -41.77 -5.75
C ARG I 193 55.45 -42.27 -6.66
N ALA I 194 54.77 -41.34 -7.33
CA ALA I 194 53.74 -41.73 -8.28
C ALA I 194 54.28 -41.89 -9.71
N LYS I 195 55.52 -41.51 -9.96
CA LYS I 195 56.06 -41.44 -11.33
C LYS I 195 56.49 -42.83 -11.85
N MET J 22 11.82 -9.83 26.83
CA MET J 22 12.96 -9.47 27.72
C MET J 22 12.81 -8.06 28.40
N ASN J 23 13.34 -7.92 29.61
CA ASN J 23 13.30 -6.63 30.33
C ASN J 23 14.59 -5.84 30.10
N ILE J 24 14.57 -5.00 29.06
CA ILE J 24 15.72 -4.17 28.64
C ILE J 24 16.30 -3.29 29.76
N ASP J 25 15.47 -2.93 30.74
CA ASP J 25 15.90 -2.15 31.92
C ASP J 25 16.80 -2.90 32.88
N ALA J 26 16.79 -4.22 32.80
CA ALA J 26 17.70 -5.04 33.61
C ALA J 26 19.08 -5.21 32.94
N ILE J 27 19.24 -4.73 31.70
CA ILE J 27 20.53 -4.87 31.01
C ILE J 27 21.29 -3.55 31.13
N SER J 28 22.49 -3.61 31.68
CA SER J 28 23.27 -2.38 31.82
C SER J 28 23.93 -1.97 30.51
N ILE J 29 24.29 -0.69 30.41
CA ILE J 29 24.96 -0.15 29.25
C ILE J 29 26.31 -0.87 29.10
N GLY J 30 26.92 -1.25 30.22
CA GLY J 30 28.24 -1.91 30.25
C GLY J 30 28.82 -1.85 31.66
N SER J 31 29.97 -2.48 31.86
CA SER J 31 30.64 -2.43 33.14
C SER J 31 31.32 -1.08 33.31
N ASN J 32 32.08 -0.69 32.29
CA ASN J 32 32.80 0.58 32.31
C ASN J 32 32.73 1.29 30.96
N PRO J 33 31.51 1.71 30.54
CA PRO J 33 31.34 2.42 29.29
C PRO J 33 32.18 3.68 29.29
N PRO J 34 32.76 4.02 28.15
CA PRO J 34 32.65 3.41 26.82
C PRO J 34 33.72 2.43 26.44
N GLU J 35 34.49 1.92 27.40
CA GLU J 35 35.47 0.87 27.11
C GLU J 35 34.82 -0.41 26.71
N ASP J 36 33.70 -0.71 27.33
CA ASP J 36 32.83 -1.81 26.91
C ASP J 36 31.40 -1.34 26.92
N VAL J 37 30.59 -1.93 26.04
CA VAL J 37 29.16 -1.74 26.05
C VAL J 37 28.49 -3.09 25.71
N ASN J 38 27.24 -3.23 26.19
CA ASN J 38 26.44 -4.39 25.89
C ASN J 38 25.55 -4.12 24.70
N VAL J 39 25.57 -5.04 23.75
CA VAL J 39 24.79 -4.91 22.53
C VAL J 39 23.72 -6.00 22.54
N ILE J 40 22.48 -5.59 22.33
CA ILE J 40 21.37 -6.55 22.18
C ILE J 40 21.26 -6.85 20.71
N ILE J 41 21.46 -8.10 20.32
CA ILE J 41 21.56 -8.47 18.91
C ILE J 41 20.16 -8.51 18.23
N GLU J 42 20.06 -7.91 17.06
CA GLU J 42 18.80 -7.86 16.28
C GLU J 42 18.89 -8.79 15.10
N VAL J 43 20.04 -8.79 14.39
CA VAL J 43 20.22 -9.54 13.18
C VAL J 43 21.64 -10.17 13.13
N PRO J 44 21.76 -11.43 12.71
CA PRO J 44 23.08 -12.08 12.66
C PRO J 44 23.85 -11.84 11.43
N VAL J 45 25.17 -12.03 11.54
CA VAL J 45 26.04 -11.99 10.40
C VAL J 45 25.57 -13.05 9.44
N GLY J 46 25.63 -12.73 8.16
CA GLY J 46 25.10 -13.59 7.11
C GLY J 46 23.60 -13.50 6.90
N GLY J 47 22.95 -12.69 7.70
CA GLY J 47 21.50 -12.58 7.66
C GLY J 47 21.00 -11.84 6.42
N GLN J 48 19.80 -12.25 6.01
CA GLN J 48 19.13 -11.63 4.93
C GLN J 48 18.85 -10.17 5.28
N PRO J 49 18.71 -9.29 4.28
CA PRO J 49 18.49 -7.89 4.59
C PRO J 49 17.00 -7.59 4.95
N ILE J 50 16.66 -7.93 6.15
CA ILE J 50 15.32 -7.72 6.69
C ILE J 50 15.63 -7.02 7.94
N LYS J 51 15.21 -5.77 8.06
CA LYS J 51 15.43 -5.02 9.29
C LYS J 51 14.42 -5.37 10.38
N TYR J 52 14.97 -5.80 11.52
CA TYR J 52 14.18 -6.02 12.71
C TYR J 52 14.48 -4.90 13.64
N GLU J 53 13.49 -4.45 14.37
CA GLU J 53 13.65 -3.40 15.36
C GLU J 53 13.06 -3.87 16.68
N MET J 54 13.89 -3.93 17.72
CA MET J 54 13.45 -4.32 19.05
C MET J 54 12.45 -3.29 19.65
N ASP J 55 11.29 -3.76 20.09
CA ASP J 55 10.34 -2.91 20.78
C ASP J 55 10.61 -3.02 22.27
N LYS J 56 10.94 -1.90 22.87
CA LYS J 56 11.40 -1.87 24.26
C LYS J 56 10.40 -2.42 25.28
N LYS J 57 9.13 -2.06 25.13
CA LYS J 57 8.10 -2.43 26.11
C LYS J 57 7.67 -3.89 26.00
N ALA J 58 7.62 -4.42 24.78
CA ALA J 58 7.23 -5.82 24.55
C ALA J 58 8.40 -6.78 24.77
N GLY J 59 9.61 -6.26 24.67
CA GLY J 59 10.81 -7.09 24.62
C GLY J 59 10.88 -7.92 23.34
N ALA J 60 10.20 -7.48 22.28
CA ALA J 60 10.11 -8.28 21.06
C ALA J 60 10.68 -7.58 19.82
N LEU J 61 11.31 -8.38 18.98
CA LEU J 61 11.78 -7.94 17.67
C LEU J 61 10.63 -7.77 16.70
N ILE J 62 10.45 -6.56 16.21
CA ILE J 62 9.40 -6.23 15.26
C ILE J 62 10.03 -6.14 13.86
N VAL J 63 9.44 -6.84 12.89
CA VAL J 63 9.82 -6.64 11.51
C VAL J 63 9.51 -5.19 11.13
N ASP J 64 10.53 -4.55 10.56
CA ASP J 64 10.47 -3.11 10.22
C ASP J 64 10.47 -2.90 8.72
N ARG J 65 11.29 -3.67 8.01
CA ARG J 65 11.32 -3.57 6.56
C ARG J 65 12.02 -4.75 5.92
N PHE J 66 11.49 -5.24 4.82
CA PHE J 66 12.17 -6.22 3.96
C PHE J 66 12.89 -5.45 2.91
N LEU J 67 14.17 -5.72 2.71
CA LEU J 67 14.91 -5.18 1.59
C LEU J 67 15.18 -6.22 0.55
N TYR J 68 15.34 -5.79 -0.70
CA TYR J 68 15.44 -6.67 -1.84
C TYR J 68 16.81 -6.71 -2.55
N THR J 69 17.81 -6.00 -2.03
CA THR J 69 19.14 -6.13 -2.61
C THR J 69 19.64 -7.53 -2.28
N PRO J 70 20.43 -8.13 -3.17
CA PRO J 70 20.96 -9.46 -2.93
C PRO J 70 22.22 -9.41 -2.06
N MET J 71 22.01 -9.01 -0.81
CA MET J 71 23.10 -8.75 0.15
C MET J 71 22.86 -9.48 1.44
N THR J 72 23.93 -9.58 2.25
CA THR J 72 23.84 -10.19 3.54
C THR J 72 24.56 -9.32 4.62
N TYR J 73 24.08 -9.36 5.83
CA TYR J 73 24.67 -8.51 6.88
C TYR J 73 26.14 -8.94 7.09
N PRO J 74 27.05 -7.95 7.22
CA PRO J 74 28.48 -8.21 7.20
C PRO J 74 29.03 -8.46 8.63
N GLY J 75 28.19 -8.38 9.65
CA GLY J 75 28.52 -8.68 11.03
C GLY J 75 27.23 -8.83 11.79
N ASN J 76 27.32 -9.15 13.09
CA ASN J 76 26.18 -9.21 13.95
C ASN J 76 25.78 -7.81 14.33
N TYR J 77 24.50 -7.52 14.27
CA TYR J 77 23.98 -6.15 14.33
C TYR J 77 22.93 -5.98 15.40
N GLY J 78 23.12 -4.96 16.22
CA GLY J 78 22.13 -4.60 17.23
C GLY J 78 22.31 -3.24 17.82
N PHE J 79 21.86 -3.06 19.06
CA PHE J 79 21.82 -1.74 19.69
C PHE J 79 22.24 -1.78 21.14
N VAL J 80 22.63 -0.63 21.68
CA VAL J 80 23.02 -0.53 23.07
C VAL J 80 21.85 0.09 23.84
N PRO J 81 21.35 -0.61 24.87
CA PRO J 81 20.21 -0.07 25.61
C PRO J 81 20.58 1.16 26.41
N HIS J 82 19.60 2.03 26.67
CA HIS J 82 19.78 3.18 27.54
C HIS J 82 20.71 4.20 26.96
N THR J 83 20.74 4.28 25.64
CA THR J 83 21.42 5.32 24.92
C THR J 83 20.42 5.98 23.96
N LEU J 84 20.74 7.18 23.50
CA LEU J 84 19.87 7.89 22.59
C LEU J 84 20.68 8.68 21.60
N SER J 85 20.45 8.47 20.32
CA SER J 85 21.11 9.26 19.30
C SER J 85 20.42 10.62 19.21
N GLU J 86 21.01 11.52 18.44
CA GLU J 86 20.35 12.79 18.15
C GLU J 86 18.94 12.59 17.60
N ASP J 87 18.75 11.57 16.76
CA ASP J 87 17.44 11.25 16.15
C ASP J 87 16.45 10.52 17.05
N GLY J 88 16.82 10.24 18.29
CA GLY J 88 15.91 9.61 19.24
C GLY J 88 15.81 8.09 19.24
N ASP J 89 16.86 7.40 18.78
CA ASP J 89 16.90 5.93 18.78
C ASP J 89 18.14 5.47 19.57
N PRO J 90 18.08 4.28 20.18
CA PRO J 90 19.35 3.78 20.76
C PRO J 90 20.42 3.65 19.71
N ILE J 91 21.68 3.74 20.13
CA ILE J 91 22.76 3.68 19.13
C ILE J 91 22.92 2.26 18.60
N ASP J 92 23.25 2.16 17.32
CA ASP J 92 23.45 0.88 16.65
C ASP J 92 24.91 0.47 16.59
N VAL J 93 25.13 -0.84 16.72
CA VAL J 93 26.47 -1.40 16.67
C VAL J 93 26.57 -2.60 15.69
N LEU J 94 27.54 -2.58 14.79
CA LEU J 94 27.92 -3.73 13.98
C LEU J 94 29.08 -4.44 14.73
N VAL J 95 28.84 -5.67 15.18
CA VAL J 95 29.86 -6.44 15.88
C VAL J 95 30.57 -7.23 14.80
N CYS J 96 31.85 -6.95 14.57
CA CYS J 96 32.53 -7.48 13.38
CA CYS J 96 32.54 -7.46 13.40
C CYS J 96 33.27 -8.79 13.64
N ASN J 97 32.57 -9.76 14.24
CA ASN J 97 33.10 -11.13 14.40
C ASN J 97 32.58 -12.01 13.24
N THR J 98 32.80 -13.31 13.31
CA THR J 98 32.41 -14.16 12.20
C THR J 98 31.26 -15.11 12.47
N ARG J 99 31.08 -15.59 13.70
CA ARG J 99 29.97 -16.54 13.97
C ARG J 99 28.66 -15.83 14.21
N PRO J 100 27.55 -16.38 13.66
CA PRO J 100 26.25 -15.82 13.97
C PRO J 100 25.88 -15.87 15.44
N LEU J 101 25.24 -14.82 15.92
CA LEU J 101 24.71 -14.81 17.24
C LEU J 101 23.20 -14.92 17.21
N ILE J 102 22.63 -15.36 18.32
CA ILE J 102 21.16 -15.44 18.46
C ILE J 102 20.49 -14.09 18.57
N PRO J 103 19.46 -13.80 17.74
CA PRO J 103 18.69 -12.59 17.95
C PRO J 103 18.11 -12.53 19.35
N GLY J 104 18.24 -11.39 20.00
CA GLY J 104 17.81 -11.20 21.38
C GLY J 104 18.85 -11.52 22.43
N CYS J 105 19.99 -12.09 22.07
CA CYS J 105 21.03 -12.24 23.09
C CYS J 105 21.75 -10.90 23.28
N VAL J 106 22.59 -10.86 24.31
CA VAL J 106 23.36 -9.67 24.70
C VAL J 106 24.83 -10.06 24.66
N ILE J 107 25.65 -9.24 24.00
CA ILE J 107 27.06 -9.50 23.95
C ILE J 107 27.85 -8.22 24.37
N ASN J 108 28.84 -8.43 25.23
CA ASN J 108 29.69 -7.34 25.66
C ASN J 108 30.79 -7.14 24.65
N VAL J 109 30.97 -5.89 24.21
CA VAL J 109 31.89 -5.57 23.11
C VAL J 109 32.78 -4.37 23.42
N ARG J 110 33.89 -4.30 22.69
CA ARG J 110 34.79 -3.11 22.69
C ARG J 110 34.52 -2.29 21.43
N PRO J 111 34.06 -1.04 21.59
CA PRO J 111 33.98 -0.16 20.44
C PRO J 111 35.35 0.26 19.88
N ILE J 112 35.51 0.22 18.56
CA ILE J 112 36.77 0.51 17.91
C ILE J 112 36.70 1.61 16.85
N GLY J 113 35.50 2.04 16.50
CA GLY J 113 35.37 2.99 15.43
C GLY J 113 33.93 3.27 15.05
N VAL J 114 33.69 4.16 14.08
CA VAL J 114 32.33 4.50 13.66
C VAL J 114 32.32 4.60 12.17
N LEU J 115 31.37 3.90 11.58
CA LEU J 115 31.06 4.06 10.16
C LEU J 115 30.15 5.28 10.06
N VAL J 116 30.62 6.33 9.41
CA VAL J 116 29.93 7.61 9.40
C VAL J 116 29.36 7.83 8.00
N MET J 117 28.06 8.05 7.94
CA MET J 117 27.34 8.18 6.70
C MET J 117 26.40 9.36 6.74
N GLU J 118 26.00 9.83 5.54
CA GLU J 118 24.88 10.78 5.43
C GLU J 118 23.83 10.10 4.54
N ASP J 119 22.60 10.26 4.91
CA ASP J 119 21.49 9.72 4.11
C ASP J 119 20.32 10.70 4.12
N ASN J 120 19.19 10.26 3.57
CA ASN J 120 17.98 11.07 3.47
C ASN J 120 17.65 11.79 4.77
N SER J 121 17.81 11.12 5.90
CA SER J 121 17.42 11.77 7.16
C SER J 121 18.57 12.47 7.92
N GLY J 122 19.74 12.60 7.30
CA GLY J 122 20.83 13.39 7.90
C GLY J 122 22.01 12.48 8.22
N LYS J 123 22.58 12.66 9.41
CA LYS J 123 23.74 11.86 9.83
C LYS J 123 23.27 10.45 10.20
N ASP J 124 24.00 9.44 9.74
CA ASP J 124 23.70 8.10 10.15
C ASP J 124 25.02 7.39 10.50
N GLU J 125 25.16 7.02 11.75
CA GLU J 125 26.45 6.54 12.25
C GLU J 125 26.27 5.20 12.94
N LYS J 126 27.14 4.26 12.62
CA LYS J 126 27.12 2.95 13.22
C LYS J 126 28.47 2.64 13.88
N ILE J 127 28.38 2.29 15.15
CA ILE J 127 29.56 1.85 15.88
C ILE J 127 30.04 0.52 15.35
N ILE J 128 31.36 0.42 15.14
CA ILE J 128 32.01 -0.85 14.89
C ILE J 128 32.59 -1.37 16.18
N ALA J 129 32.40 -2.66 16.51
CA ALA J 129 32.90 -3.18 17.79
C ALA J 129 33.33 -4.63 17.65
N VAL J 130 34.15 -5.09 18.59
CA VAL J 130 34.59 -6.48 18.62
C VAL J 130 34.20 -7.07 19.95
N PRO J 131 34.00 -8.39 20.00
CA PRO J 131 33.73 -9.01 21.29
C PRO J 131 34.80 -8.67 22.33
N SER J 132 34.39 -8.42 23.57
CA SER J 132 35.34 -8.10 24.67
C SER J 132 36.25 -9.30 24.97
N PRO J 133 37.48 -9.03 25.47
CA PRO J 133 38.50 -10.09 25.61
C PRO J 133 38.15 -11.21 26.60
N HIS J 134 37.21 -10.98 27.51
CA HIS J 134 36.80 -12.07 28.43
C HIS J 134 35.87 -13.10 27.78
N LEU J 135 35.45 -12.84 26.55
CA LEU J 135 34.58 -13.76 25.77
C LEU J 135 35.38 -14.57 24.77
N THR J 136 36.51 -14.02 24.36
CA THR J 136 37.36 -14.64 23.40
C THR J 136 38.68 -13.88 23.33
N ARG J 137 39.78 -14.57 23.09
CA ARG J 137 41.09 -13.94 22.84
C ARG J 137 41.25 -13.38 21.45
N ARG J 138 40.36 -13.73 20.50
CA ARG J 138 40.65 -13.46 19.12
C ARG J 138 40.81 -11.98 18.81
N TYR J 139 40.06 -11.13 19.49
CA TYR J 139 40.05 -9.68 19.22
C TYR J 139 40.77 -8.91 20.33
N GLU J 140 41.59 -9.61 21.13
CA GLU J 140 42.24 -9.00 22.26
C GLU J 140 43.00 -7.73 21.88
N LYS J 141 43.69 -7.74 20.73
CA LYS J 141 44.58 -6.67 20.34
C LYS J 141 44.00 -5.70 19.32
N ILE J 142 42.70 -5.77 19.09
CA ILE J 142 42.02 -4.88 18.19
C ILE J 142 41.50 -3.68 18.96
N HIS J 143 42.07 -2.49 18.71
CA HIS J 143 41.65 -1.28 19.45
C HIS J 143 40.98 -0.19 18.63
N ASP J 144 41.33 -0.17 17.35
CA ASP J 144 40.86 0.82 16.41
C ASP J 144 40.36 0.07 15.20
N TYR J 145 39.46 0.72 14.47
CA TYR J 145 38.94 0.11 13.25
C TYR J 145 40.07 -0.24 12.28
N THR J 146 41.12 0.55 12.25
CA THR J 146 42.23 0.28 11.32
C THR J 146 43.04 -0.98 11.70
N ASP J 147 42.78 -1.52 12.89
CA ASP J 147 43.35 -2.81 13.31
C ASP J 147 42.66 -4.01 12.64
N MET J 148 41.44 -3.83 12.11
CA MET J 148 40.78 -4.91 11.39
C MET J 148 41.30 -5.01 9.95
N PRO J 149 41.14 -6.18 9.31
CA PRO J 149 41.58 -6.26 7.93
C PRO J 149 40.85 -5.26 7.04
N GLU J 150 41.54 -4.63 6.10
CA GLU J 150 40.91 -3.70 5.18
C GLU J 150 39.69 -4.30 4.47
N ILE J 151 39.78 -5.54 4.00
CA ILE J 151 38.60 -6.21 3.33
C ILE J 151 37.35 -6.12 4.25
N THR J 152 37.52 -6.38 5.55
CA THR J 152 36.42 -6.39 6.49
C THR J 152 35.73 -5.05 6.63
N LEU J 153 36.54 -4.00 6.76
CA LEU J 153 36.01 -2.68 6.79
C LEU J 153 35.27 -2.34 5.46
N LYS J 154 35.84 -2.72 4.32
CA LYS J 154 35.23 -2.43 3.02
C LYS J 154 33.90 -3.19 2.87
N GLN J 155 33.86 -4.40 3.41
CA GLN J 155 32.61 -5.20 3.42
C GLN J 155 31.50 -4.51 4.19
N ILE J 156 31.85 -4.02 5.37
CA ILE J 156 30.91 -3.28 6.21
C ILE J 156 30.37 -2.04 5.50
N ALA J 157 31.29 -1.22 5.00
CA ALA J 157 30.91 -0.01 4.28
C ALA J 157 30.02 -0.36 3.06
N HIS J 158 30.41 -1.37 2.30
CA HIS J 158 29.70 -1.73 1.10
C HIS J 158 28.24 -2.11 1.41
N PHE J 159 28.04 -2.95 2.41
CA PHE J 159 26.68 -3.32 2.87
C PHE J 159 25.80 -2.06 3.15
N PHE J 160 26.27 -1.22 4.06
CA PHE J 160 25.46 -0.08 4.45
C PHE J 160 25.29 0.95 3.36
N GLU J 161 26.28 1.07 2.48
CA GLU J 161 26.21 1.97 1.35
C GLU J 161 25.16 1.49 0.31
N HIS J 162 25.02 0.19 0.12
CA HIS J 162 24.24 -0.34 -0.98
C HIS J 162 22.95 -1.10 -0.65
N TYR J 163 22.76 -1.53 0.59
CA TYR J 163 21.66 -2.43 0.85
C TYR J 163 20.27 -1.75 0.62
N LYS J 164 20.20 -0.42 0.69
CA LYS J 164 18.96 0.29 0.41
C LYS J 164 18.82 0.78 -1.02
N ASP J 165 19.66 0.27 -1.92
CA ASP J 165 19.73 0.82 -3.26
C ASP J 165 18.40 0.63 -4.00
N LEU J 166 17.62 -0.39 -3.67
CA LEU J 166 16.38 -0.66 -4.42
C LEU J 166 15.18 -0.05 -3.74
N GLU J 167 15.38 0.68 -2.66
CA GLU J 167 14.30 1.43 -2.01
C GLU J 167 14.14 2.78 -2.71
N PRO J 168 12.90 3.10 -3.12
CA PRO J 168 12.69 4.34 -3.88
C PRO J 168 13.16 5.55 -3.15
N GLY J 169 14.12 6.24 -3.73
CA GLY J 169 14.59 7.52 -3.23
C GLY J 169 15.69 7.51 -2.16
N LYS J 170 16.02 6.34 -1.63
CA LYS J 170 16.98 6.25 -0.52
C LYS J 170 18.38 6.39 -1.10
N TRP J 171 19.17 7.26 -0.50
CA TRP J 171 20.54 7.50 -0.93
C TRP J 171 21.42 7.48 0.32
N VAL J 172 22.67 7.05 0.13
CA VAL J 172 23.64 6.95 1.23
C VAL J 172 24.99 7.42 0.69
N LYS J 173 25.65 8.29 1.45
CA LYS J 173 27.05 8.65 1.16
C LYS J 173 27.93 8.28 2.37
N ILE J 174 28.99 7.52 2.13
CA ILE J 174 29.89 7.05 3.19
C ILE J 174 30.93 8.15 3.38
N GLY J 175 31.03 8.68 4.60
CA GLY J 175 31.99 9.71 4.95
C GLY J 175 33.26 9.10 5.54
N ASP J 176 34.08 9.94 6.16
CA ASP J 176 35.31 9.44 6.77
C ASP J 176 34.94 8.67 8.05
N TRP J 177 35.55 7.52 8.23
CA TRP J 177 35.40 6.72 9.45
C TRP J 177 35.85 7.45 10.70
N GLY J 178 35.09 7.33 11.75
CA GLY J 178 35.52 7.75 13.06
C GLY J 178 36.42 6.71 13.73
N ASP J 179 37.51 7.16 14.33
CA ASP J 179 38.41 6.25 15.03
C ASP J 179 37.91 5.85 16.38
N GLU J 180 38.71 5.06 17.12
CA GLU J 180 38.28 4.59 18.43
C GLU J 180 37.96 5.68 19.46
N ASP J 181 38.64 6.82 19.37
CA ASP J 181 38.32 7.96 20.26
C ASP J 181 37.01 8.61 19.91
N TYR J 182 36.77 8.74 18.61
CA TYR J 182 35.48 9.24 18.12
C TYR J 182 34.33 8.34 18.59
N ALA J 183 34.57 7.03 18.52
CA ALA J 183 33.57 6.05 18.92
C ALA J 183 33.25 6.22 20.37
N ARG J 184 34.27 6.41 21.21
CA ARG J 184 34.01 6.58 22.64
C ARG J 184 33.25 7.87 22.99
N LYS J 185 33.63 8.98 22.33
CA LYS J 185 32.95 10.26 22.49
C LYS J 185 31.46 10.14 22.09
N PHE J 186 31.23 9.53 20.92
CA PHE J 186 29.87 9.32 20.38
C PHE J 186 28.97 8.56 21.37
N ILE J 187 29.49 7.47 21.94
CA ILE J 187 28.78 6.68 22.95
C ILE J 187 28.52 7.47 24.26
N VAL J 188 29.54 8.13 24.77
CA VAL J 188 29.37 8.96 25.99
C VAL J 188 28.28 10.04 25.79
N GLU J 189 28.31 10.70 24.65
CA GLU J 189 27.27 11.66 24.33
C GLU J 189 25.87 11.05 24.26
N ALA J 190 25.77 9.83 23.73
CA ALA J 190 24.48 9.12 23.67
C ALA J 190 23.98 8.63 25.02
N ILE J 191 24.90 8.25 25.90
CA ILE J 191 24.54 7.89 27.26
C ILE J 191 23.97 9.09 28.02
N GLU J 192 24.66 10.22 27.90
CA GLU J 192 24.26 11.49 28.53
C GLU J 192 22.92 11.96 27.97
N ARG J 193 22.79 11.82 26.65
CA ARG J 193 21.56 12.20 25.98
C ARG J 193 20.35 11.45 26.55
N ALA J 194 20.54 10.17 26.89
CA ALA J 194 19.44 9.34 27.37
C ALA J 194 19.07 9.66 28.82
N LYS J 195 19.90 10.41 29.52
CA LYS J 195 19.63 10.74 30.93
C LYS J 195 18.57 11.82 31.11
N MET K 22 32.15 -35.36 -15.43
CA MET K 22 31.16 -35.10 -16.52
C MET K 22 31.86 -34.86 -17.87
N ASN K 23 31.29 -35.38 -18.97
CA ASN K 23 31.84 -35.14 -20.32
C ASN K 23 31.00 -34.17 -21.18
N ILE K 24 31.49 -32.94 -21.29
CA ILE K 24 30.78 -31.81 -21.92
C ILE K 24 30.40 -32.00 -23.41
N ASP K 25 31.17 -32.79 -24.14
CA ASP K 25 30.85 -33.08 -25.53
C ASP K 25 29.53 -33.80 -25.64
N ALA K 26 29.16 -34.58 -24.62
CA ALA K 26 27.89 -35.31 -24.59
C ALA K 26 26.66 -34.44 -24.28
N ILE K 27 26.87 -33.16 -23.94
CA ILE K 27 25.79 -32.26 -23.59
C ILE K 27 25.53 -31.36 -24.77
N SER K 28 24.31 -31.41 -25.30
CA SER K 28 23.99 -30.58 -26.42
C SER K 28 23.84 -29.12 -25.98
N ILE K 29 23.94 -28.21 -26.95
CA ILE K 29 23.67 -26.80 -26.76
C ILE K 29 22.20 -26.61 -26.38
N GLY K 30 21.35 -27.47 -26.94
CA GLY K 30 19.91 -27.41 -26.74
C GLY K 30 19.21 -28.41 -27.64
N SER K 31 17.91 -28.60 -27.41
CA SER K 31 17.05 -29.35 -28.33
C SER K 31 16.88 -28.57 -29.65
N ASN K 32 16.38 -27.35 -29.50
CA ASN K 32 16.18 -26.41 -30.60
C ASN K 32 16.85 -25.05 -30.34
N PRO K 33 18.18 -25.02 -30.19
CA PRO K 33 18.81 -23.73 -29.82
C PRO K 33 18.71 -22.72 -30.98
N PRO K 34 18.45 -21.43 -30.69
CA PRO K 34 18.61 -20.78 -29.37
C PRO K 34 17.31 -20.60 -28.62
N GLU K 35 16.23 -21.20 -29.09
CA GLU K 35 15.00 -21.07 -28.40
C GLU K 35 15.11 -21.68 -27.01
N ASP K 36 15.74 -22.84 -26.94
CA ASP K 36 16.11 -23.42 -25.66
C ASP K 36 17.60 -23.66 -25.65
N VAL K 37 18.23 -23.57 -24.48
CA VAL K 37 19.63 -23.92 -24.32
C VAL K 37 19.82 -24.64 -23.03
N ASN K 38 20.80 -25.52 -22.98
CA ASN K 38 21.20 -26.23 -21.75
C ASN K 38 22.26 -25.44 -21.01
N VAL K 39 22.05 -25.25 -19.71
CA VAL K 39 22.97 -24.53 -18.86
C VAL K 39 23.55 -25.49 -17.84
N ILE K 40 24.87 -25.53 -17.78
CA ILE K 40 25.61 -26.24 -16.75
C ILE K 40 25.79 -25.27 -15.56
N ILE K 41 25.21 -25.63 -14.43
CA ILE K 41 25.13 -24.80 -13.27
C ILE K 41 26.48 -24.76 -12.54
N GLU K 42 26.94 -23.54 -12.25
CA GLU K 42 28.17 -23.30 -11.44
C GLU K 42 27.87 -22.86 -9.99
N VAL K 43 26.96 -21.90 -9.80
CA VAL K 43 26.63 -21.43 -8.47
C VAL K 43 25.12 -21.31 -8.32
N PRO K 44 24.56 -21.88 -7.24
CA PRO K 44 23.14 -21.71 -7.01
C PRO K 44 22.73 -20.33 -6.59
N VAL K 45 21.43 -20.05 -6.76
CA VAL K 45 20.80 -18.91 -6.16
C VAL K 45 21.08 -18.88 -4.64
N GLY K 46 21.40 -17.70 -4.16
CA GLY K 46 21.81 -17.51 -2.75
C GLY K 46 23.26 -17.77 -2.45
N GLY K 47 24.01 -18.23 -3.44
CA GLY K 47 25.38 -18.70 -3.27
C GLY K 47 26.32 -17.51 -3.08
N GLN K 48 27.36 -17.73 -2.32
CA GLN K 48 28.36 -16.69 -2.11
C GLN K 48 29.12 -16.45 -3.40
N PRO K 49 29.58 -15.22 -3.65
CA PRO K 49 30.23 -15.05 -4.95
C PRO K 49 31.67 -15.63 -5.09
N ILE K 50 31.75 -16.74 -5.85
CA ILE K 50 32.98 -17.42 -6.31
C ILE K 50 32.86 -17.66 -7.82
N LYS K 51 33.90 -17.32 -8.56
CA LYS K 51 33.93 -17.54 -10.01
C LYS K 51 34.71 -18.81 -10.33
N TYR K 52 34.26 -19.52 -11.39
CA TYR K 52 34.91 -20.74 -11.94
C TYR K 52 35.19 -20.67 -13.44
N GLU K 53 36.15 -21.48 -13.89
CA GLU K 53 36.27 -21.84 -15.29
C GLU K 53 35.98 -23.37 -15.29
N MET K 54 35.31 -23.90 -16.33
CA MET K 54 35.15 -25.35 -16.47
C MET K 54 36.36 -25.82 -17.26
N ASP K 55 37.07 -26.79 -16.72
CA ASP K 55 38.13 -27.43 -17.48
C ASP K 55 37.44 -28.45 -18.40
N LYS K 56 37.48 -28.20 -19.72
CA LYS K 56 36.76 -29.02 -20.70
C LYS K 56 37.35 -30.43 -20.80
N LYS K 57 38.66 -30.55 -20.73
CA LYS K 57 39.30 -31.87 -20.67
C LYS K 57 38.96 -32.63 -19.37
N ALA K 58 38.93 -31.92 -18.24
CA ALA K 58 38.75 -32.57 -16.93
C ALA K 58 37.27 -32.78 -16.56
N GLY K 59 36.39 -32.01 -17.21
CA GLY K 59 34.99 -31.91 -16.80
C GLY K 59 34.87 -31.59 -15.31
N ALA K 60 35.69 -30.64 -14.84
CA ALA K 60 35.67 -30.22 -13.44
C ALA K 60 35.63 -28.68 -13.35
N LEU K 61 34.88 -28.20 -12.37
CA LEU K 61 34.82 -26.78 -12.05
C LEU K 61 36.11 -26.40 -11.34
N ILE K 62 36.75 -25.33 -11.82
CA ILE K 62 38.03 -24.87 -11.33
C ILE K 62 37.85 -23.50 -10.68
N VAL K 63 38.26 -23.36 -9.42
CA VAL K 63 38.12 -22.06 -8.76
C VAL K 63 38.92 -21.02 -9.48
N ASP K 64 38.25 -19.94 -9.87
CA ASP K 64 38.89 -18.82 -10.57
C ASP K 64 39.08 -17.57 -9.71
N ARG K 65 38.17 -17.29 -8.78
CA ARG K 65 38.28 -16.07 -8.00
C ARG K 65 37.31 -16.04 -6.88
N PHE K 66 37.80 -15.70 -5.69
CA PHE K 66 36.94 -15.45 -4.55
C PHE K 66 36.60 -13.96 -4.57
N LEU K 67 35.32 -13.61 -4.43
CA LEU K 67 34.94 -12.21 -4.33
C LEU K 67 34.47 -12.00 -2.92
N TYR K 68 34.62 -10.78 -2.41
CA TYR K 68 34.41 -10.43 -0.99
C TYR K 68 33.29 -9.45 -0.68
N THR K 69 32.51 -9.04 -1.69
CA THR K 69 31.30 -8.25 -1.37
C THR K 69 30.32 -9.09 -0.57
N PRO K 70 29.53 -8.45 0.30
CA PRO K 70 28.54 -9.20 1.11
C PRO K 70 27.26 -9.37 0.31
N MET K 71 27.35 -10.18 -0.73
CA MET K 71 26.32 -10.32 -1.73
C MET K 71 26.12 -11.81 -2.03
N THR K 72 24.99 -12.15 -2.68
CA THR K 72 24.68 -13.52 -3.01
C THR K 72 24.09 -13.54 -4.44
N TYR K 73 24.38 -14.59 -5.18
CA TYR K 73 23.76 -14.72 -6.50
C TYR K 73 22.25 -14.67 -6.48
N PRO K 74 21.66 -13.88 -7.39
CA PRO K 74 20.21 -13.61 -7.38
C PRO K 74 19.41 -14.64 -8.24
N GLY K 75 20.10 -15.56 -8.82
CA GLY K 75 19.51 -16.74 -9.45
C GLY K 75 20.57 -17.80 -9.65
N ASN K 76 20.24 -18.93 -10.24
CA ASN K 76 21.19 -20.00 -10.47
C ASN K 76 22.05 -19.65 -11.68
N TYR K 77 23.36 -19.80 -11.61
CA TYR K 77 24.23 -19.22 -12.60
C TYR K 77 25.12 -20.29 -13.20
N GLY K 78 25.25 -20.27 -14.51
CA GLY K 78 26.04 -21.23 -15.26
C GLY K 78 26.35 -20.81 -16.66
N PHE K 79 26.70 -21.77 -17.51
CA PHE K 79 27.13 -21.44 -18.85
C PHE K 79 26.60 -22.47 -19.84
N VAL K 80 26.61 -22.09 -21.12
CA VAL K 80 26.07 -22.93 -22.18
C VAL K 80 27.29 -23.50 -22.88
N PRO K 81 27.44 -24.81 -22.90
CA PRO K 81 28.59 -25.42 -23.56
C PRO K 81 28.52 -25.28 -25.08
N HIS K 82 29.68 -25.36 -25.72
CA HIS K 82 29.80 -25.28 -27.18
C HIS K 82 29.35 -23.93 -27.77
N THR K 83 29.63 -22.85 -27.02
CA THR K 83 29.37 -21.49 -27.43
C THR K 83 30.63 -20.72 -27.14
N LEU K 84 30.85 -19.62 -27.85
CA LEU K 84 32.05 -18.82 -27.63
C LEU K 84 31.72 -17.33 -27.76
N SER K 85 32.08 -16.57 -26.73
CA SER K 85 31.95 -15.13 -26.73
C SER K 85 33.12 -14.52 -27.50
N GLU K 86 33.09 -13.20 -27.68
CA GLU K 86 34.23 -12.52 -28.30
C GLU K 86 35.49 -12.64 -27.44
N ASP K 87 35.32 -12.69 -26.12
CA ASP K 87 36.45 -12.74 -25.21
C ASP K 87 36.96 -14.16 -24.96
N GLY K 88 36.50 -15.13 -25.74
CA GLY K 88 37.03 -16.49 -25.65
C GLY K 88 36.36 -17.44 -24.66
N ASP K 89 35.15 -17.11 -24.22
CA ASP K 89 34.49 -17.89 -23.12
C ASP K 89 33.12 -18.36 -23.55
N PRO K 90 32.63 -19.45 -22.93
CA PRO K 90 31.23 -19.83 -23.11
C PRO K 90 30.28 -18.72 -22.66
N ILE K 91 29.09 -18.67 -23.21
CA ILE K 91 28.18 -17.63 -22.80
C ILE K 91 27.62 -17.97 -21.40
N ASP K 92 27.41 -16.94 -20.58
CA ASP K 92 26.86 -17.10 -19.22
C ASP K 92 25.36 -16.85 -19.16
N VAL K 93 24.69 -17.65 -18.32
CA VAL K 93 23.26 -17.53 -18.13
C VAL K 93 22.90 -17.46 -16.67
N LEU K 94 22.06 -16.49 -16.31
CA LEU K 94 21.42 -16.42 -14.99
C LEU K 94 20.01 -16.98 -15.14
N VAL K 95 19.75 -18.06 -14.47
CA VAL K 95 18.43 -18.72 -14.54
C VAL K 95 17.61 -18.13 -13.38
N CYS K 96 16.55 -17.38 -13.68
CA CYS K 96 15.83 -16.65 -12.64
CA CYS K 96 15.77 -16.65 -12.69
C CYS K 96 14.65 -17.41 -12.03
N ASN K 97 14.93 -18.64 -11.63
CA ASN K 97 13.99 -19.39 -10.81
C ASN K 97 14.27 -19.10 -9.33
N THR K 98 13.63 -19.82 -8.40
CA THR K 98 13.79 -19.49 -6.97
C THR K 98 14.51 -20.59 -6.19
N ARG K 99 14.44 -21.87 -6.60
CA ARG K 99 15.08 -22.95 -5.83
CA ARG K 99 15.13 -22.88 -5.81
C ARG K 99 16.54 -23.14 -6.24
N PRO K 100 17.43 -23.43 -5.25
CA PRO K 100 18.80 -23.69 -5.60
C PRO K 100 18.97 -24.96 -6.37
N LEU K 101 19.83 -24.95 -7.37
CA LEU K 101 20.13 -26.14 -8.14
C LEU K 101 21.51 -26.64 -7.76
N ILE K 102 21.81 -27.90 -8.02
CA ILE K 102 23.16 -28.45 -7.70
C ILE K 102 24.21 -28.02 -8.69
N PRO K 103 25.37 -27.54 -8.21
CA PRO K 103 26.44 -27.22 -9.16
C PRO K 103 26.81 -28.44 -9.98
N GLY K 104 26.99 -28.25 -11.27
CA GLY K 104 27.36 -29.29 -12.20
C GLY K 104 26.17 -30.05 -12.81
N CYS K 105 24.93 -29.77 -12.38
CA CYS K 105 23.78 -30.31 -13.08
C CYS K 105 23.52 -29.50 -14.32
N VAL K 106 22.70 -30.05 -15.19
CA VAL K 106 22.30 -29.37 -16.40
C VAL K 106 20.81 -29.05 -16.36
N ILE K 107 20.45 -27.80 -16.68
CA ILE K 107 19.05 -27.42 -16.79
C ILE K 107 18.74 -26.75 -18.16
N ASN K 108 17.67 -27.24 -18.82
CA ASN K 108 17.22 -26.65 -20.05
C ASN K 108 16.34 -25.41 -19.79
N VAL K 109 16.70 -24.33 -20.46
CA VAL K 109 16.09 -23.05 -20.21
C VAL K 109 15.72 -22.36 -21.50
N ARG K 110 14.85 -21.39 -21.33
CA ARG K 110 14.38 -20.50 -22.38
CA ARG K 110 14.41 -20.50 -22.39
C ARG K 110 14.99 -19.11 -22.12
N PRO K 111 15.89 -18.66 -22.99
CA PRO K 111 16.39 -17.28 -22.91
C PRO K 111 15.28 -16.24 -23.07
N ILE K 112 15.29 -15.22 -22.24
CA ILE K 112 14.28 -14.18 -22.27
C ILE K 112 14.83 -12.73 -22.43
N GLY K 113 16.15 -12.60 -22.38
CA GLY K 113 16.76 -11.29 -22.43
C GLY K 113 18.25 -11.34 -22.14
N VAL K 114 18.87 -10.16 -22.16
CA VAL K 114 20.28 -10.02 -21.90
C VAL K 114 20.51 -8.78 -21.03
N LEU K 115 21.27 -8.99 -19.94
CA LEU K 115 21.83 -7.91 -19.15
C LEU K 115 23.10 -7.50 -19.84
N VAL K 116 23.09 -6.25 -20.30
CA VAL K 116 24.15 -5.68 -21.11
C VAL K 116 24.90 -4.65 -20.28
N MET K 117 26.20 -4.82 -20.15
CA MET K 117 27.03 -4.01 -19.26
C MET K 117 28.33 -3.64 -19.94
N GLU K 118 28.92 -2.53 -19.48
CA GLU K 118 30.27 -2.10 -19.85
C GLU K 118 31.08 -2.22 -18.58
N ASP K 119 32.28 -2.77 -18.69
CA ASP K 119 33.24 -2.77 -17.60
C ASP K 119 34.65 -2.45 -18.12
N ASN K 120 35.65 -2.77 -17.30
CA ASN K 120 37.06 -2.52 -17.60
C ASN K 120 37.50 -3.11 -18.92
N SER K 121 36.90 -4.21 -19.30
CA SER K 121 37.33 -4.94 -20.47
C SER K 121 36.36 -4.75 -21.60
N GLY K 122 35.55 -3.69 -21.49
CA GLY K 122 34.53 -3.39 -22.48
C GLY K 122 33.22 -4.11 -22.19
N LYS K 123 32.63 -4.66 -23.25
CA LYS K 123 31.30 -5.23 -23.17
C LYS K 123 31.25 -6.51 -22.31
N ASP K 124 30.20 -6.65 -21.51
CA ASP K 124 29.93 -7.91 -20.79
C ASP K 124 28.41 -8.11 -20.79
N GLU K 125 28.02 -9.31 -21.21
CA GLU K 125 26.63 -9.60 -21.46
C GLU K 125 26.29 -10.92 -20.76
N LYS K 126 25.17 -10.91 -20.05
CA LYS K 126 24.68 -12.10 -19.33
C LYS K 126 23.24 -12.39 -19.77
N ILE K 127 23.05 -13.58 -20.28
CA ILE K 127 21.69 -14.03 -20.68
C ILE K 127 20.87 -14.25 -19.43
N ILE K 128 19.64 -13.76 -19.43
CA ILE K 128 18.62 -14.14 -18.45
C ILE K 128 17.69 -15.18 -19.02
N ALA K 129 17.36 -16.22 -18.23
CA ALA K 129 16.54 -17.33 -18.71
C ALA K 129 15.66 -17.89 -17.57
N VAL K 130 14.54 -18.51 -17.98
CA VAL K 130 13.67 -19.25 -17.14
C VAL K 130 13.71 -20.76 -17.53
N PRO K 131 13.42 -21.63 -16.57
CA PRO K 131 13.33 -23.04 -16.86
C PRO K 131 12.33 -23.28 -17.98
N SER K 132 12.70 -24.16 -18.87
CA SER K 132 11.86 -24.48 -20.03
C SER K 132 10.54 -25.15 -19.57
N PRO K 133 9.50 -25.03 -20.41
CA PRO K 133 8.17 -25.36 -19.93
C PRO K 133 7.92 -26.86 -19.74
N HIS K 134 8.78 -27.73 -20.22
CA HIS K 134 8.61 -29.16 -19.96
C HIS K 134 9.16 -29.57 -18.59
N LEU K 135 9.72 -28.60 -17.85
CA LEU K 135 10.25 -28.84 -16.48
C LEU K 135 9.30 -28.41 -15.38
N THR K 136 8.41 -27.48 -15.72
CA THR K 136 7.52 -26.85 -14.79
C THR K 136 6.57 -25.98 -15.61
N ARG K 137 5.35 -25.78 -15.10
CA ARG K 137 4.39 -24.83 -15.65
C ARG K 137 4.56 -23.40 -15.14
N ARG K 138 5.43 -23.21 -14.14
CA ARG K 138 5.54 -21.93 -13.45
C ARG K 138 5.95 -20.73 -14.33
N TYR K 139 6.81 -20.93 -15.33
CA TYR K 139 7.35 -19.80 -16.08
C TYR K 139 6.82 -19.75 -17.54
N GLU K 140 5.72 -20.44 -17.79
CA GLU K 140 5.30 -20.66 -19.17
C GLU K 140 4.74 -19.35 -19.80
N LYS K 141 4.32 -18.37 -18.99
CA LYS K 141 3.93 -17.02 -19.47
C LYS K 141 5.09 -16.04 -19.67
N ILE K 142 6.29 -16.44 -19.28
CA ILE K 142 7.46 -15.58 -19.36
C ILE K 142 8.23 -15.82 -20.64
N HIS K 143 8.24 -14.83 -21.54
CA HIS K 143 9.01 -14.94 -22.79
C HIS K 143 10.03 -13.87 -23.00
N ASP K 144 9.85 -12.74 -22.34
CA ASP K 144 10.77 -11.62 -22.43
C ASP K 144 11.09 -11.12 -21.06
N TYR K 145 12.23 -10.43 -20.92
CA TYR K 145 12.66 -9.99 -19.61
C TYR K 145 11.60 -9.08 -19.00
N THR K 146 10.86 -8.36 -19.84
CA THR K 146 9.86 -7.45 -19.34
C THR K 146 8.66 -8.15 -18.70
N ASP K 147 8.47 -9.45 -18.92
CA ASP K 147 7.46 -10.24 -18.25
C ASP K 147 7.82 -10.56 -16.77
N MET K 148 9.10 -10.41 -16.41
CA MET K 148 9.52 -10.63 -15.01
C MET K 148 9.16 -9.46 -14.15
N PRO K 149 9.00 -9.68 -12.84
CA PRO K 149 8.75 -8.56 -11.96
C PRO K 149 9.91 -7.57 -12.00
N GLU K 150 9.61 -6.27 -12.03
CA GLU K 150 10.64 -5.26 -12.10
C GLU K 150 11.72 -5.43 -10.99
N ILE K 151 11.29 -5.75 -9.78
CA ILE K 151 12.25 -5.94 -8.69
C ILE K 151 13.26 -7.07 -8.95
N THR K 152 12.81 -8.14 -9.59
CA THR K 152 13.70 -9.25 -9.86
C THR K 152 14.76 -8.80 -10.84
N LEU K 153 14.36 -8.01 -11.84
CA LEU K 153 15.34 -7.48 -12.81
C LEU K 153 16.31 -6.51 -12.10
N LYS K 154 15.79 -5.73 -11.19
CA LYS K 154 16.64 -4.78 -10.47
C LYS K 154 17.65 -5.51 -9.56
N GLN K 155 17.22 -6.63 -9.00
CA GLN K 155 18.09 -7.46 -8.13
C GLN K 155 19.17 -8.04 -8.93
N ILE K 156 18.83 -8.56 -10.12
CA ILE K 156 19.84 -9.11 -11.02
C ILE K 156 20.91 -8.09 -11.44
N ALA K 157 20.44 -6.91 -11.90
CA ALA K 157 21.34 -5.83 -12.31
C ALA K 157 22.20 -5.37 -11.12
N HIS K 158 21.58 -5.28 -9.95
CA HIS K 158 22.29 -4.80 -8.75
C HIS K 158 23.46 -5.72 -8.35
N PHE K 159 23.24 -7.02 -8.41
CA PHE K 159 24.29 -7.96 -8.17
C PHE K 159 25.44 -7.79 -9.16
N PHE K 160 25.14 -7.82 -10.47
CA PHE K 160 26.20 -7.74 -11.45
C PHE K 160 26.90 -6.37 -11.51
N GLU K 161 26.19 -5.32 -11.13
CA GLU K 161 26.77 -3.97 -11.01
C GLU K 161 27.76 -3.82 -9.84
N HIS K 162 27.54 -4.54 -8.73
CA HIS K 162 28.24 -4.30 -7.49
C HIS K 162 29.09 -5.44 -6.96
N TYR K 163 28.94 -6.68 -7.46
CA TYR K 163 29.60 -7.80 -6.73
C TYR K 163 31.15 -7.75 -6.86
N LYS K 164 31.63 -7.04 -7.87
CA LYS K 164 33.06 -6.83 -8.02
C LYS K 164 33.56 -5.49 -7.48
N ASP K 165 32.75 -4.84 -6.66
CA ASP K 165 33.11 -3.50 -6.19
C ASP K 165 34.37 -3.47 -5.33
N LEU K 166 34.71 -4.59 -4.71
CA LEU K 166 35.88 -4.61 -3.83
C LEU K 166 37.13 -5.12 -4.56
N GLU K 167 37.01 -5.44 -5.84
CA GLU K 167 38.18 -5.73 -6.66
C GLU K 167 38.84 -4.42 -7.15
N PRO K 168 40.18 -4.29 -6.95
CA PRO K 168 40.88 -3.08 -7.43
C PRO K 168 40.67 -2.78 -8.90
N GLY K 169 40.12 -1.59 -9.17
CA GLY K 169 39.93 -1.09 -10.54
C GLY K 169 38.71 -1.56 -11.28
N LYS K 170 37.99 -2.53 -10.73
CA LYS K 170 36.85 -3.07 -11.42
C LYS K 170 35.72 -2.12 -11.28
N TRP K 171 35.14 -1.79 -12.41
CA TRP K 171 33.96 -0.98 -12.43
C TRP K 171 33.03 -1.61 -13.46
N VAL K 172 31.73 -1.47 -13.23
CA VAL K 172 30.70 -1.98 -14.06
C VAL K 172 29.66 -0.89 -14.20
N LYS K 173 29.21 -0.68 -15.42
CA LYS K 173 28.05 0.19 -15.72
C LYS K 173 27.00 -0.65 -16.41
N ILE K 174 25.78 -0.62 -15.91
CA ILE K 174 24.70 -1.40 -16.49
C ILE K 174 24.17 -0.61 -17.68
N GLY K 175 24.10 -1.25 -18.83
CA GLY K 175 23.47 -0.67 -20.02
C GLY K 175 22.00 -1.05 -20.19
N ASP K 176 21.45 -0.84 -21.39
CA ASP K 176 20.05 -1.15 -21.65
C ASP K 176 19.88 -2.65 -21.87
N TRP K 177 18.92 -3.26 -21.18
CA TRP K 177 18.60 -4.70 -21.37
C TRP K 177 18.32 -5.02 -22.85
N GLY K 178 18.75 -6.18 -23.31
CA GLY K 178 18.35 -6.74 -24.58
C GLY K 178 17.11 -7.62 -24.42
N ASP K 179 16.18 -7.53 -25.39
CA ASP K 179 14.98 -8.33 -25.30
C ASP K 179 15.21 -9.80 -25.74
N GLU K 180 14.15 -10.61 -25.72
CA GLU K 180 14.26 -12.03 -26.08
C GLU K 180 14.85 -12.26 -27.47
N ASP K 181 14.55 -11.36 -28.42
CA ASP K 181 15.12 -11.49 -29.79
C ASP K 181 16.61 -11.22 -29.84
N TYR K 182 17.02 -10.16 -29.15
CA TYR K 182 18.45 -9.88 -28.96
C TYR K 182 19.18 -11.05 -28.30
N ALA K 183 18.57 -11.65 -27.28
CA ALA K 183 19.17 -12.83 -26.62
C ALA K 183 19.39 -13.99 -27.58
N ARG K 184 18.36 -14.28 -28.39
CA ARG K 184 18.53 -15.37 -29.36
C ARG K 184 19.57 -15.06 -30.42
N LYS K 185 19.61 -13.82 -30.88
CA LYS K 185 20.63 -13.40 -31.86
C LYS K 185 22.03 -13.54 -31.25
N PHE K 186 22.19 -13.00 -30.03
CA PHE K 186 23.43 -13.15 -29.27
C PHE K 186 23.88 -14.62 -29.15
N ILE K 187 22.96 -15.52 -28.88
CA ILE K 187 23.28 -16.93 -28.68
C ILE K 187 23.72 -17.59 -30.02
N VAL K 188 22.97 -17.30 -31.06
CA VAL K 188 23.31 -17.78 -32.43
C VAL K 188 24.71 -17.31 -32.81
N GLU K 189 24.98 -16.03 -32.58
CA GLU K 189 26.32 -15.52 -32.83
C GLU K 189 27.41 -16.29 -32.10
N ALA K 190 27.13 -16.70 -30.84
CA ALA K 190 28.10 -17.44 -30.05
C ALA K 190 28.19 -18.91 -30.48
N ILE K 191 27.06 -19.47 -30.92
CA ILE K 191 27.08 -20.85 -31.43
C ILE K 191 27.96 -20.91 -32.73
N GLU K 192 27.81 -19.93 -33.59
CA GLU K 192 28.57 -19.89 -34.87
C GLU K 192 30.03 -19.58 -34.59
N ARG K 193 30.27 -18.64 -33.68
CA ARG K 193 31.63 -18.32 -33.28
C ARG K 193 32.38 -19.54 -32.80
N ALA K 194 31.71 -20.42 -32.05
CA ALA K 194 32.33 -21.66 -31.56
C ALA K 194 32.57 -22.67 -32.66
N LYS K 195 31.82 -22.59 -33.78
CA LYS K 195 31.90 -23.60 -34.85
C LYS K 195 33.07 -23.28 -35.79
N ASN L 23 9.80 -13.58 31.95
CA ASN L 23 9.33 -14.04 33.27
C ASN L 23 9.54 -15.56 33.45
N ILE L 24 10.82 -15.96 33.61
CA ILE L 24 11.24 -17.32 33.97
C ILE L 24 10.62 -17.86 35.29
N ASP L 25 10.26 -16.95 36.21
CA ASP L 25 9.54 -17.36 37.43
C ASP L 25 8.15 -17.98 37.11
N ALA L 26 7.59 -17.66 35.93
CA ALA L 26 6.33 -18.26 35.49
C ALA L 26 6.48 -19.70 34.94
N ILE L 27 7.69 -20.15 34.59
CA ILE L 27 7.89 -21.52 34.08
C ILE L 27 8.11 -22.46 35.23
N SER L 28 7.26 -23.46 35.37
CA SER L 28 7.44 -24.41 36.45
C SER L 28 8.61 -25.33 36.15
N ILE L 29 9.13 -25.93 37.22
CA ILE L 29 10.17 -26.94 37.16
C ILE L 29 9.71 -28.15 36.32
N GLY L 30 8.42 -28.45 36.38
CA GLY L 30 7.83 -29.64 35.74
C GLY L 30 6.40 -29.84 36.22
N SER L 31 5.73 -30.89 35.74
CA SER L 31 4.41 -31.33 36.27
C SER L 31 4.51 -32.20 37.51
N ASN L 32 5.28 -33.27 37.42
CA ASN L 32 5.64 -34.08 38.56
C ASN L 32 7.16 -34.22 38.68
N PRO L 33 7.88 -33.12 38.95
CA PRO L 33 9.34 -33.27 39.06
C PRO L 33 9.72 -34.23 40.20
N PRO L 34 10.77 -35.04 40.01
CA PRO L 34 11.77 -35.14 38.93
C PRO L 34 11.47 -36.08 37.78
N GLU L 35 10.27 -36.65 37.75
CA GLU L 35 9.94 -37.56 36.65
C GLU L 35 10.00 -36.84 35.31
N ASP L 36 9.44 -35.65 35.28
CA ASP L 36 9.63 -34.76 34.15
C ASP L 36 10.17 -33.45 34.67
N VAL L 37 10.95 -32.77 33.82
CA VAL L 37 11.31 -31.38 34.08
C VAL L 37 11.23 -30.58 32.77
N ASN L 38 11.00 -29.28 32.93
CA ASN L 38 11.03 -28.34 31.80
C ASN L 38 12.45 -27.78 31.58
N VAL L 39 12.89 -27.81 30.32
CA VAL L 39 14.19 -27.32 29.94
C VAL L 39 13.98 -26.09 29.05
N ILE L 40 14.60 -24.99 29.46
CA ILE L 40 14.70 -23.79 28.63
C ILE L 40 15.95 -23.92 27.75
N ILE L 41 15.77 -23.92 26.42
CA ILE L 41 16.78 -24.24 25.49
C ILE L 41 17.70 -23.03 25.28
N GLU L 42 19.02 -23.29 25.30
CA GLU L 42 20.05 -22.30 24.98
C GLU L 42 20.65 -22.55 23.61
N VAL L 43 21.10 -23.76 23.33
CA VAL L 43 21.73 -24.03 22.07
C VAL L 43 21.12 -25.27 21.45
N PRO L 44 20.86 -25.26 20.12
CA PRO L 44 20.33 -26.43 19.44
C PRO L 44 21.38 -27.47 19.14
N VAL L 45 20.89 -28.67 18.92
CA VAL L 45 21.70 -29.71 18.36
C VAL L 45 22.31 -29.22 17.05
N GLY L 46 23.59 -29.54 16.84
CA GLY L 46 24.37 -29.09 15.68
C GLY L 46 24.95 -27.67 15.82
N GLY L 47 24.67 -27.03 16.93
CA GLY L 47 25.08 -25.66 17.17
C GLY L 47 26.56 -25.57 17.44
N GLN L 48 27.17 -24.47 16.97
CA GLN L 48 28.55 -24.18 17.30
C GLN L 48 28.71 -23.88 18.79
N PRO L 49 29.87 -24.22 19.40
CA PRO L 49 29.85 -24.03 20.82
C PRO L 49 30.07 -22.54 21.25
N ILE L 50 29.00 -21.97 21.79
CA ILE L 50 28.98 -20.68 22.46
C ILE L 50 28.30 -20.92 23.81
N LYS L 51 28.90 -20.40 24.87
CA LYS L 51 28.33 -20.49 26.19
C LYS L 51 27.61 -19.21 26.60
N TYR L 52 26.55 -19.38 27.42
CA TYR L 52 25.70 -18.31 27.96
C TYR L 52 25.57 -18.33 29.52
N GLU L 53 25.17 -17.18 30.05
CA GLU L 53 24.53 -17.08 31.33
C GLU L 53 23.10 -16.58 30.97
N MET L 54 22.07 -17.09 31.65
CA MET L 54 20.73 -16.52 31.45
C MET L 54 20.62 -15.49 32.52
N ASP L 55 20.29 -14.27 32.14
CA ASP L 55 20.14 -13.22 33.10
C ASP L 55 18.66 -13.25 33.53
N LYS L 56 18.45 -13.65 34.79
CA LYS L 56 17.11 -13.90 35.32
C LYS L 56 16.28 -12.62 35.30
N LYS L 57 16.85 -11.53 35.80
CA LYS L 57 16.21 -10.23 35.79
C LYS L 57 15.87 -9.72 34.39
N ALA L 58 16.73 -10.00 33.39
CA ALA L 58 16.51 -9.52 32.03
C ALA L 58 15.75 -10.50 31.15
N GLY L 59 15.70 -11.77 31.56
CA GLY L 59 15.10 -12.78 30.72
C GLY L 59 15.80 -12.86 29.37
N ALA L 60 17.12 -12.64 29.37
CA ALA L 60 17.92 -12.64 28.14
C ALA L 60 19.14 -13.54 28.32
N LEU L 61 19.54 -14.21 27.24
CA LEU L 61 20.75 -15.00 27.21
C LEU L 61 21.92 -14.01 27.00
N ILE L 62 22.94 -14.11 27.84
CA ILE L 62 24.12 -13.25 27.77
C ILE L 62 25.28 -14.11 27.31
N VAL L 63 25.96 -13.70 26.25
CA VAL L 63 27.12 -14.40 25.76
C VAL L 63 28.18 -14.44 26.85
N ASP L 64 28.72 -15.65 27.09
CA ASP L 64 29.70 -15.84 28.17
C ASP L 64 31.09 -16.23 27.64
N ARG L 65 31.12 -17.05 26.59
CA ARG L 65 32.35 -17.44 25.92
C ARG L 65 32.09 -18.01 24.54
N PHE L 66 32.92 -17.59 23.58
CA PHE L 66 33.09 -18.26 22.27
C PHE L 66 34.13 -19.38 22.47
N LEU L 67 33.79 -20.61 22.11
CA LEU L 67 34.75 -21.68 22.05
C LEU L 67 35.10 -21.97 20.60
N TYR L 68 36.34 -22.37 20.37
CA TYR L 68 36.89 -22.46 19.02
C TYR L 68 37.19 -23.91 18.59
N THR L 69 36.87 -24.92 19.42
CA THR L 69 36.98 -26.29 18.95
C THR L 69 36.02 -26.51 17.77
N PRO L 70 36.44 -27.28 16.76
CA PRO L 70 35.57 -27.56 15.60
C PRO L 70 34.61 -28.68 15.93
N MET L 71 33.65 -28.34 16.77
CA MET L 71 32.70 -29.31 17.35
C MET L 71 31.31 -28.68 17.34
N THR L 72 30.28 -29.54 17.48
CA THR L 72 28.89 -29.13 17.48
C THR L 72 28.16 -29.82 18.60
N TYR L 73 27.20 -29.15 19.20
CA TYR L 73 26.42 -29.75 20.27
C TYR L 73 25.72 -31.01 19.80
N PRO L 74 25.82 -32.07 20.60
CA PRO L 74 25.34 -33.38 20.22
C PRO L 74 23.87 -33.65 20.58
N GLY L 75 23.21 -32.67 21.17
CA GLY L 75 21.76 -32.71 21.46
C GLY L 75 21.36 -31.28 21.71
N ASN L 76 20.10 -31.01 22.00
CA ASN L 76 19.63 -29.69 22.30
C ASN L 76 19.97 -29.37 23.75
N TYR L 77 20.51 -28.21 24.05
CA TYR L 77 21.10 -27.98 25.37
C TYR L 77 20.46 -26.82 26.05
N GLY L 78 20.12 -27.00 27.32
CA GLY L 78 19.59 -25.94 28.17
C GLY L 78 19.62 -26.24 29.66
N PHE L 79 18.74 -25.55 30.42
CA PHE L 79 18.67 -25.61 31.86
C PHE L 79 17.25 -25.68 32.39
N VAL L 80 17.13 -26.05 33.63
CA VAL L 80 15.85 -26.20 34.30
C VAL L 80 15.77 -25.07 35.32
N PRO L 81 14.72 -24.25 35.24
CA PRO L 81 14.56 -23.12 36.15
C PRO L 81 14.22 -23.57 37.56
N HIS L 82 14.53 -22.71 38.53
CA HIS L 82 14.21 -22.95 39.94
C HIS L 82 14.96 -24.17 40.50
N THR L 83 16.15 -24.39 39.97
CA THR L 83 17.06 -25.40 40.49
C THR L 83 18.43 -24.79 40.79
N LEU L 84 19.13 -25.35 41.77
CA LEU L 84 20.46 -24.82 42.08
C LEU L 84 21.43 -25.95 42.34
N SER L 85 22.57 -25.90 41.66
CA SER L 85 23.63 -26.84 41.87
C SER L 85 24.49 -26.31 43.00
N GLU L 86 25.36 -27.18 43.52
CA GLU L 86 26.36 -26.82 44.54
C GLU L 86 27.12 -25.57 44.11
N ASP L 87 27.45 -25.50 42.81
CA ASP L 87 28.17 -24.37 42.24
C ASP L 87 27.35 -23.09 42.08
N GLY L 88 26.06 -23.10 42.39
CA GLY L 88 25.22 -21.90 42.30
C GLY L 88 24.48 -21.62 40.97
N ASP L 89 24.51 -22.59 40.05
CA ASP L 89 23.85 -22.47 38.72
C ASP L 89 22.64 -23.40 38.62
N PRO L 90 21.67 -23.07 37.74
CA PRO L 90 20.62 -24.03 37.45
C PRO L 90 21.20 -25.26 36.85
N ILE L 91 20.53 -26.39 37.01
CA ILE L 91 21.08 -27.59 36.45
C ILE L 91 20.93 -27.58 34.93
N ASP L 92 21.92 -28.17 34.26
CA ASP L 92 21.99 -28.25 32.81
C ASP L 92 21.50 -29.62 32.31
N VAL L 93 20.82 -29.59 31.17
CA VAL L 93 20.25 -30.78 30.53
C VAL L 93 20.59 -30.88 29.05
N LEU L 94 21.10 -32.02 28.60
CA LEU L 94 21.24 -32.29 27.22
C LEU L 94 20.04 -33.17 26.81
N VAL L 95 19.24 -32.64 25.88
CA VAL L 95 18.02 -33.33 25.38
C VAL L 95 18.46 -34.09 24.14
N CYS L 96 18.44 -35.43 24.18
CA CYS L 96 19.05 -36.20 23.09
CA CYS L 96 19.03 -36.24 23.13
C CYS L 96 18.06 -36.63 22.00
N ASN L 97 17.38 -35.64 21.46
CA ASN L 97 16.53 -35.83 20.28
C ASN L 97 17.36 -35.44 19.07
N THR L 98 16.75 -35.39 17.87
CA THR L 98 17.52 -35.06 16.68
C THR L 98 17.19 -33.72 16.02
N ARG L 99 15.98 -33.21 16.17
CA ARG L 99 15.65 -31.93 15.52
C ARG L 99 16.10 -30.77 16.37
N PRO L 100 16.61 -29.70 15.74
CA PRO L 100 16.99 -28.51 16.46
C PRO L 100 15.79 -27.79 17.04
N LEU L 101 15.94 -27.30 18.26
CA LEU L 101 14.94 -26.51 18.91
C LEU L 101 15.39 -25.07 18.94
N ILE L 102 14.43 -24.19 19.14
CA ILE L 102 14.70 -22.76 19.14
C ILE L 102 15.19 -22.30 20.50
N PRO L 103 16.28 -21.51 20.52
CA PRO L 103 16.70 -20.92 21.81
C PRO L 103 15.61 -20.17 22.46
N GLY L 104 15.45 -20.37 23.76
CA GLY L 104 14.38 -19.77 24.52
C GLY L 104 13.05 -20.52 24.55
N CYS L 105 12.85 -21.57 23.74
CA CYS L 105 11.63 -22.37 23.95
C CYS L 105 11.78 -23.27 25.16
N VAL L 106 10.65 -23.77 25.62
CA VAL L 106 10.62 -24.67 26.77
C VAL L 106 10.17 -26.06 26.25
N ILE L 107 10.94 -27.09 26.61
CA ILE L 107 10.55 -28.47 26.29
C ILE L 107 10.50 -29.33 27.56
N ASN L 108 9.42 -30.07 27.72
CA ASN L 108 9.25 -30.99 28.83
C ASN L 108 9.90 -32.33 28.51
N VAL L 109 10.73 -32.83 29.44
CA VAL L 109 11.61 -33.96 29.19
C VAL L 109 11.59 -34.91 30.37
N ARG L 110 11.98 -36.13 30.05
CA ARG L 110 12.16 -37.22 31.01
CA ARG L 110 12.17 -37.21 31.03
C ARG L 110 13.66 -37.37 31.22
N PRO L 111 14.16 -37.05 32.42
CA PRO L 111 15.57 -37.40 32.67
C PRO L 111 15.82 -38.93 32.67
N ILE L 112 16.92 -39.36 32.07
CA ILE L 112 17.29 -40.74 31.94
C ILE L 112 18.67 -41.09 32.51
N GLY L 113 19.42 -40.07 32.91
CA GLY L 113 20.77 -40.37 33.35
C GLY L 113 21.57 -39.11 33.53
N VAL L 114 22.83 -39.28 33.95
CA VAL L 114 23.71 -38.16 34.25
C VAL L 114 25.09 -38.46 33.69
N LEU L 115 25.60 -37.50 32.91
CA LEU L 115 26.97 -37.52 32.44
C LEU L 115 27.76 -36.92 33.58
N VAL L 116 28.63 -37.72 34.20
CA VAL L 116 29.36 -37.30 35.41
C VAL L 116 30.82 -37.09 35.06
N MET L 117 31.34 -35.94 35.41
CA MET L 117 32.64 -35.54 34.93
C MET L 117 33.41 -34.92 36.08
N GLU L 118 34.72 -34.88 35.92
CA GLU L 118 35.52 -34.02 36.78
C GLU L 118 36.30 -33.02 35.92
N ASP L 119 36.35 -31.76 36.37
CA ASP L 119 37.12 -30.73 35.71
C ASP L 119 37.95 -29.91 36.71
N ASN L 120 38.56 -28.83 36.21
CA ASN L 120 39.38 -27.91 37.01
C ASN L 120 38.73 -27.50 38.30
N SER L 121 37.42 -27.25 38.25
CA SER L 121 36.71 -26.81 39.43
C SER L 121 35.93 -27.93 40.17
N GLY L 122 36.28 -29.19 39.93
CA GLY L 122 35.68 -30.32 40.69
C GLY L 122 34.62 -31.10 39.91
N LYS L 123 33.49 -31.41 40.56
CA LYS L 123 32.42 -32.20 39.94
C LYS L 123 31.66 -31.34 38.93
N ASP L 124 31.26 -31.95 37.81
CA ASP L 124 30.43 -31.27 36.81
C ASP L 124 29.55 -32.34 36.21
N GLU L 125 28.25 -32.11 36.35
CA GLU L 125 27.27 -33.13 36.00
C GLU L 125 26.23 -32.54 35.03
N LYS L 126 25.93 -33.27 33.98
CA LYS L 126 24.90 -32.86 33.05
C LYS L 126 23.85 -33.96 32.90
N ILE L 127 22.62 -33.56 33.10
CA ILE L 127 21.49 -34.47 32.96
C ILE L 127 21.29 -34.77 31.47
N ILE L 128 21.06 -36.05 31.16
CA ILE L 128 20.64 -36.46 29.82
C ILE L 128 19.16 -36.74 29.91
N ALA L 129 18.40 -36.30 28.89
CA ALA L 129 16.96 -36.52 28.89
C ALA L 129 16.44 -36.71 27.47
N VAL L 130 15.23 -37.24 27.39
CA VAL L 130 14.51 -37.37 26.13
C VAL L 130 13.18 -36.59 26.24
N PRO L 131 12.60 -36.17 25.11
CA PRO L 131 11.33 -35.50 25.15
C PRO L 131 10.28 -36.43 25.81
N SER L 132 9.45 -35.85 26.63
CA SER L 132 8.37 -36.54 27.37
C SER L 132 7.37 -37.15 26.41
N PRO L 133 6.70 -38.26 26.83
CA PRO L 133 5.96 -39.03 25.82
C PRO L 133 4.69 -38.37 25.34
N HIS L 134 4.22 -37.35 26.00
CA HIS L 134 3.10 -36.61 25.50
C HIS L 134 3.47 -35.68 24.31
N LEU L 135 4.77 -35.55 24.01
CA LEU L 135 5.23 -34.72 22.88
C LEU L 135 5.48 -35.53 21.63
N THR L 136 5.69 -36.84 21.78
CA THR L 136 6.10 -37.67 20.70
C THR L 136 6.12 -39.11 21.20
N ARG L 137 5.91 -40.07 20.31
CA ARG L 137 6.06 -41.51 20.66
C ARG L 137 7.48 -42.02 20.51
N ARG L 138 8.38 -41.24 19.87
CA ARG L 138 9.66 -41.77 19.45
C ARG L 138 10.56 -42.30 20.59
N TYR L 139 10.49 -41.68 21.76
CA TYR L 139 11.41 -42.01 22.88
C TYR L 139 10.72 -42.79 24.03
N GLU L 140 9.52 -43.29 23.76
CA GLU L 140 8.70 -43.97 24.78
C GLU L 140 9.35 -45.09 25.51
N LYS L 141 10.16 -45.83 24.78
CA LYS L 141 10.88 -46.96 25.34
C LYS L 141 12.16 -46.58 26.09
N ILE L 142 12.59 -45.32 25.99
CA ILE L 142 13.83 -44.88 26.64
C ILE L 142 13.60 -44.40 28.05
N HIS L 143 14.11 -45.12 29.05
CA HIS L 143 13.92 -44.75 30.47
C HIS L 143 15.24 -44.49 31.24
N ASP L 144 16.30 -45.08 30.75
CA ASP L 144 17.64 -45.01 31.33
C ASP L 144 18.62 -44.76 30.23
N TYR L 145 19.76 -44.18 30.58
CA TYR L 145 20.78 -43.87 29.57
C TYR L 145 21.26 -45.09 28.79
N THR L 146 21.30 -46.24 29.43
CA THR L 146 21.65 -47.45 28.75
C THR L 146 20.66 -47.89 27.68
N ASP L 147 19.45 -47.30 27.64
CA ASP L 147 18.47 -47.58 26.56
C ASP L 147 18.84 -46.85 25.24
N MET L 148 19.67 -45.81 25.34
CA MET L 148 20.18 -45.11 24.16
C MET L 148 21.22 -45.90 23.43
N PRO L 149 21.38 -45.64 22.13
CA PRO L 149 22.42 -46.33 21.41
C PRO L 149 23.81 -45.87 21.89
N GLU L 150 24.74 -46.80 21.80
CA GLU L 150 26.09 -46.58 22.28
C GLU L 150 26.75 -45.38 21.64
N ILE L 151 26.63 -45.25 20.31
CA ILE L 151 27.25 -44.15 19.53
C ILE L 151 26.77 -42.84 20.13
N THR L 152 25.47 -42.74 20.46
CA THR L 152 24.89 -41.50 20.94
C THR L 152 25.49 -41.10 22.29
N LEU L 153 25.58 -42.05 23.20
CA LEU L 153 26.21 -41.80 24.49
C LEU L 153 27.72 -41.40 24.31
N LYS L 154 28.45 -42.06 23.43
CA LYS L 154 29.86 -41.76 23.22
C LYS L 154 30.02 -40.36 22.60
N GLN L 155 29.11 -40.00 21.70
CA GLN L 155 29.08 -38.66 21.10
C GLN L 155 28.88 -37.59 22.18
N ILE L 156 27.92 -37.79 23.09
CA ILE L 156 27.64 -36.80 24.12
C ILE L 156 28.88 -36.63 25.04
N ALA L 157 29.42 -37.76 25.50
CA ALA L 157 30.65 -37.79 26.28
C ALA L 157 31.82 -37.07 25.58
N HIS L 158 32.07 -37.44 24.33
CA HIS L 158 33.14 -36.87 23.54
C HIS L 158 33.05 -35.33 23.46
N PHE L 159 31.86 -34.81 23.16
CA PHE L 159 31.67 -33.37 23.08
C PHE L 159 32.05 -32.68 24.38
N PHE L 160 31.54 -33.17 25.49
CA PHE L 160 31.76 -32.45 26.74
C PHE L 160 33.19 -32.68 27.25
N GLU L 161 33.81 -33.78 26.84
CA GLU L 161 35.21 -34.06 27.18
C GLU L 161 36.16 -33.14 26.44
N HIS L 162 35.84 -32.78 25.20
CA HIS L 162 36.80 -32.09 24.34
C HIS L 162 36.47 -30.64 23.90
N TYR L 163 35.23 -30.17 24.03
CA TYR L 163 34.90 -28.85 23.47
C TYR L 163 35.65 -27.70 24.09
N LYS L 164 36.14 -27.87 25.33
CA LYS L 164 36.95 -26.83 25.98
C LYS L 164 38.46 -27.06 25.82
N ASP L 165 38.87 -27.98 24.97
CA ASP L 165 40.28 -28.33 24.85
C ASP L 165 41.17 -27.17 24.41
N LEU L 166 40.63 -26.19 23.70
CA LEU L 166 41.49 -25.10 23.25
C LEU L 166 41.44 -23.92 24.24
N GLU L 167 40.73 -24.05 25.35
CA GLU L 167 40.86 -23.09 26.44
C GLU L 167 42.03 -23.46 27.33
N PRO L 168 42.87 -22.47 27.64
CA PRO L 168 44.08 -22.73 28.41
C PRO L 168 43.80 -23.32 29.77
N GLY L 169 44.45 -24.45 30.07
CA GLY L 169 44.36 -25.09 31.38
C GLY L 169 43.07 -25.83 31.71
N LYS L 170 42.13 -25.92 30.76
CA LYS L 170 40.83 -26.58 30.99
C LYS L 170 40.93 -28.07 30.67
N TRP L 171 40.62 -28.92 31.65
CA TRP L 171 40.64 -30.34 31.41
C TRP L 171 39.32 -30.89 31.90
N VAL L 172 38.93 -32.01 31.30
CA VAL L 172 37.74 -32.72 31.68
C VAL L 172 38.07 -34.18 31.72
N LYS L 173 37.66 -34.88 32.76
CA LYS L 173 37.73 -36.33 32.79
C LYS L 173 36.30 -36.82 32.90
N ILE L 174 35.91 -37.75 32.05
CA ILE L 174 34.57 -38.34 32.08
C ILE L 174 34.53 -39.50 33.07
N GLY L 175 33.63 -39.47 34.04
CA GLY L 175 33.50 -40.58 35.00
C GLY L 175 32.38 -41.56 34.64
N ASP L 176 31.87 -42.28 35.64
CA ASP L 176 30.83 -43.27 35.37
C ASP L 176 29.47 -42.57 35.31
N TRP L 177 28.73 -42.85 34.26
CA TRP L 177 27.39 -42.31 34.10
C TRP L 177 26.52 -42.67 35.27
N GLY L 178 25.64 -41.76 35.64
CA GLY L 178 24.62 -41.97 36.64
C GLY L 178 23.37 -42.44 35.94
N ASP L 179 22.65 -43.38 36.56
CA ASP L 179 21.42 -43.89 35.99
C ASP L 179 20.20 -43.05 36.24
N GLU L 180 19.04 -43.52 35.80
CA GLU L 180 17.84 -42.71 35.88
C GLU L 180 17.45 -42.38 37.29
N ASP L 181 17.72 -43.29 38.25
CA ASP L 181 17.38 -43.03 39.64
C ASP L 181 18.33 -41.97 40.21
N TYR L 182 19.61 -42.10 39.91
CA TYR L 182 20.62 -41.06 40.23
C TYR L 182 20.24 -39.68 39.69
N ALA L 183 19.86 -39.64 38.40
CA ALA L 183 19.29 -38.40 37.80
C ALA L 183 18.17 -37.78 38.57
N ARG L 184 17.16 -38.55 38.94
CA ARG L 184 16.05 -38.04 39.67
C ARG L 184 16.47 -37.53 41.08
N LYS L 185 17.32 -38.29 41.71
CA LYS L 185 17.84 -37.92 43.06
C LYS L 185 18.61 -36.58 42.98
N PHE L 186 19.53 -36.50 42.03
CA PHE L 186 20.28 -35.26 41.70
C PHE L 186 19.37 -34.06 41.43
N ILE L 187 18.25 -34.27 40.73
CA ILE L 187 17.31 -33.20 40.50
C ILE L 187 16.58 -32.81 41.75
N VAL L 188 16.09 -33.76 42.55
CA VAL L 188 15.42 -33.40 43.79
C VAL L 188 16.40 -32.62 44.69
N GLU L 189 17.66 -33.04 44.75
CA GLU L 189 18.68 -32.26 45.51
C GLU L 189 18.78 -30.79 45.06
N ALA L 190 18.72 -30.55 43.74
CA ALA L 190 18.85 -29.21 43.16
C ALA L 190 17.58 -28.42 43.34
N ILE L 191 16.46 -29.12 43.39
CA ILE L 191 15.19 -28.49 43.70
C ILE L 191 15.22 -28.02 45.16
N GLU L 192 15.67 -28.89 46.05
CA GLU L 192 15.62 -28.55 47.48
C GLU L 192 16.69 -27.49 47.75
N ARG L 193 17.85 -27.62 47.12
CA ARG L 193 18.90 -26.59 47.24
C ARG L 193 18.46 -25.17 46.82
N ALA L 194 17.56 -25.06 45.84
CA ALA L 194 17.07 -23.75 45.41
C ALA L 194 16.07 -23.19 46.42
N LYS L 195 15.45 -24.07 47.21
CA LYS L 195 14.40 -23.69 48.16
C LYS L 195 14.93 -23.40 49.56
#